data_1EQT
# 
_entry.id   1EQT 
# 
_audit_conform.dict_name       mmcif_pdbx.dic 
_audit_conform.dict_version    5.398 
_audit_conform.dict_location   http://mmcif.pdb.org/dictionaries/ascii/mmcif_pdbx.dic 
# 
loop_
_database_2.database_id 
_database_2.database_code 
_database_2.pdbx_database_accession 
_database_2.pdbx_DOI 
PDB   1EQT         pdb_00001eqt 10.2210/pdb1eqt/pdb 
RCSB  RCSB010830   ?            ?                   
WWPDB D_1000010830 ?            ?                   
# 
loop_
_pdbx_audit_revision_history.ordinal 
_pdbx_audit_revision_history.data_content_type 
_pdbx_audit_revision_history.major_revision 
_pdbx_audit_revision_history.minor_revision 
_pdbx_audit_revision_history.revision_date 
1 'Structure model' 1 0 2000-04-19 
2 'Structure model' 1 1 2007-10-21 
3 'Structure model' 1 2 2011-07-13 
4 'Structure model' 1 3 2023-08-09 
5 'Structure model' 1 4 2024-11-13 
# 
_pdbx_audit_revision_details.ordinal             1 
_pdbx_audit_revision_details.revision_ordinal    1 
_pdbx_audit_revision_details.data_content_type   'Structure model' 
_pdbx_audit_revision_details.provider            repository 
_pdbx_audit_revision_details.type                'Initial release' 
_pdbx_audit_revision_details.description         ? 
_pdbx_audit_revision_details.details             ? 
# 
loop_
_pdbx_audit_revision_group.ordinal 
_pdbx_audit_revision_group.revision_ordinal 
_pdbx_audit_revision_group.data_content_type 
_pdbx_audit_revision_group.group 
1 2 'Structure model' 'Version format compliance' 
2 3 'Structure model' 'Version format compliance' 
3 4 'Structure model' 'Data collection'           
4 4 'Structure model' 'Database references'       
5 4 'Structure model' 'Derived calculations'      
6 4 'Structure model' 'Refinement description'    
7 5 'Structure model' 'Structure summary'         
# 
loop_
_pdbx_audit_revision_category.ordinal 
_pdbx_audit_revision_category.revision_ordinal 
_pdbx_audit_revision_category.data_content_type 
_pdbx_audit_revision_category.category 
1 4 'Structure model' chem_comp_atom                
2 4 'Structure model' chem_comp_bond                
3 4 'Structure model' database_2                    
4 4 'Structure model' pdbx_initial_refinement_model 
5 4 'Structure model' struct_ref_seq_dif            
6 4 'Structure model' struct_site                   
7 5 'Structure model' pdbx_entry_details            
8 5 'Structure model' pdbx_modification_feature     
# 
loop_
_pdbx_audit_revision_item.ordinal 
_pdbx_audit_revision_item.revision_ordinal 
_pdbx_audit_revision_item.data_content_type 
_pdbx_audit_revision_item.item 
1 4 'Structure model' '_database_2.pdbx_DOI'                         
2 4 'Structure model' '_database_2.pdbx_database_accession'          
3 4 'Structure model' '_struct_ref_seq_dif.details'                  
4 4 'Structure model' '_struct_site.pdbx_auth_asym_id'               
5 4 'Structure model' '_struct_site.pdbx_auth_comp_id'               
6 4 'Structure model' '_struct_site.pdbx_auth_seq_id'                
7 5 'Structure model' '_pdbx_entry_details.has_protein_modification' 
# 
_pdbx_database_status.status_code                     REL 
_pdbx_database_status.entry_id                        1EQT 
_pdbx_database_status.recvd_initial_deposition_date   2000-04-06 
_pdbx_database_status.deposit_site                    RCSB 
_pdbx_database_status.process_site                    RCSB 
_pdbx_database_status.status_code_sf                  REL 
_pdbx_database_status.SG_entry                        . 
_pdbx_database_status.pdb_format_compatible           Y 
_pdbx_database_status.status_code_mr                  ? 
_pdbx_database_status.status_code_cs                  ? 
_pdbx_database_status.status_code_nmr_data            ? 
_pdbx_database_status.methods_development_category    ? 
# 
_pdbx_database_related.db_name        PDB 
_pdbx_database_related.db_id          1b3a 
_pdbx_database_related.details        AOP-RANTES 
_pdbx_database_related.content_type   unspecified 
# 
loop_
_audit_author.name 
_audit_author.pdbx_ordinal 
'Hoover, D.M.'      1 
'Shaw, J.'          2 
'Gryczynski, Z.'    3 
'Proudfoot, A.E.I.' 4 
'Wells, T.'         5 
# 
loop_
_citation.id 
_citation.title 
_citation.journal_abbrev 
_citation.journal_volume 
_citation.page_first 
_citation.page_last 
_citation.year 
_citation.journal_id_ASTM 
_citation.country 
_citation.journal_id_ISSN 
_citation.journal_id_CSD 
_citation.book_publisher 
_citation.pdbx_database_id_PubMed 
_citation.pdbx_database_id_DOI 
primary 'The Crystal Structure of MET-RANTES: Comparison with Native RANTES and AOP-RANTES'                                
'PROTEIN PEPT.LETT.' 7   73   82   2000 PPELEN NE 0929-8665 2077 ? -1 ?                               
1       'Total Chemical Synthesis and High-resolution Crystal Structure of the Potent anti-HIV Protein AOP-RANTES'         
Chem.Biol.           6   43   51   1999 CBOLE2 UK 1074-5521 2050 ? ?  '10.1016/S1074-5521(99)80019-2' 
2       'Extension of Recombinant Human RANTES by the Retention of the Initiating Methionine Produces a Potent Antagonist' 
J.Biol.Chem.         271 2599 2603 1996 JBCHA3 US 0021-9258 0071 ? ?  10.1074/jbc.271.5.2599          
# 
loop_
_citation_author.citation_id 
_citation_author.name 
_citation_author.ordinal 
_citation_author.identifier_ORCID 
primary 'Hoover, D.M.'      1  ? 
primary 'Shaw, J.'          2  ? 
primary 'Gryczynski, Z.'    3  ? 
primary 'Proudfoot, A.E.I.' 4  ? 
primary 'Wells, T.'         5  ? 
1       'Wilken, J.'        6  ? 
1       'Hoover, D.'        7  ? 
1       'Thompson, D.A.'    8  ? 
1       'Barlow, P.N.'      9  ? 
1       'McSparron, H.'     10 ? 
1       'Picard, L.'        11 ? 
1       'Wlodawer, A.'      12 ? 
1       'Lubkowski, J.'     13 ? 
1       'Kent, S.B.'        14 ? 
2       'Proudfoot, A.E.'   15 ? 
2       'Power, C.A.'       16 ? 
2       'Hoogewerf, A.J.'   17 ? 
2       'Montjovent, M.O.'  18 ? 
2       'Borlat, F.'        19 ? 
2       'Offord, R.E.'      20 ? 
2       'Wells, T.N.'       21 ? 
# 
loop_
_entity.id 
_entity.type 
_entity.src_method 
_entity.pdbx_description 
_entity.formula_weight 
_entity.pdbx_number_of_molecules 
_entity.pdbx_ec 
_entity.pdbx_mutation 
_entity.pdbx_fragment 
_entity.details 
1 polymer     man 'T-CELL SPECIFIC RANTES PROTEIN' 7884.104 2   ? ? ? ? 
2 non-polymer syn 'SULFATE ION'                    96.063   2   ? ? ? ? 
3 water       nat water                            18.015   187 ? ? ? ? 
# 
_entity_name_com.entity_id   1 
_entity_name_com.name        'SMALL INDUCIBLE CYTOKINE A5' 
# 
_entity_poly.entity_id                      1 
_entity_poly.type                           'polypeptide(L)' 
_entity_poly.nstd_linkage                   no 
_entity_poly.nstd_monomer                   no 
_entity_poly.pdbx_seq_one_letter_code       MGYSSDTTPCCFAYIARPMPRAHIKEYFYTSGKCSNPAVVFVTRKNRQVCANPEKKWVREYINSLEMS 
_entity_poly.pdbx_seq_one_letter_code_can   MGYSSDTTPCCFAYIARPMPRAHIKEYFYTSGKCSNPAVVFVTRKNRQVCANPEKKWVREYINSLEMS 
_entity_poly.pdbx_strand_id                 A,B 
_entity_poly.pdbx_target_identifier         ? 
# 
loop_
_pdbx_entity_nonpoly.entity_id 
_pdbx_entity_nonpoly.name 
_pdbx_entity_nonpoly.comp_id 
2 'SULFATE ION' SO4 
3 water         HOH 
# 
loop_
_entity_poly_seq.entity_id 
_entity_poly_seq.num 
_entity_poly_seq.mon_id 
_entity_poly_seq.hetero 
1 1  MET n 
1 2  GLY n 
1 3  TYR n 
1 4  SER n 
1 5  SER n 
1 6  ASP n 
1 7  THR n 
1 8  THR n 
1 9  PRO n 
1 10 CYS n 
1 11 CYS n 
1 12 PHE n 
1 13 ALA n 
1 14 TYR n 
1 15 ILE n 
1 16 ALA n 
1 17 ARG n 
1 18 PRO n 
1 19 MET n 
1 20 PRO n 
1 21 ARG n 
1 22 ALA n 
1 23 HIS n 
1 24 ILE n 
1 25 LYS n 
1 26 GLU n 
1 27 TYR n 
1 28 PHE n 
1 29 TYR n 
1 30 THR n 
1 31 SER n 
1 32 GLY n 
1 33 LYS n 
1 34 CYS n 
1 35 SER n 
1 36 ASN n 
1 37 PRO n 
1 38 ALA n 
1 39 VAL n 
1 40 VAL n 
1 41 PHE n 
1 42 VAL n 
1 43 THR n 
1 44 ARG n 
1 45 LYS n 
1 46 ASN n 
1 47 ARG n 
1 48 GLN n 
1 49 VAL n 
1 50 CYS n 
1 51 ALA n 
1 52 ASN n 
1 53 PRO n 
1 54 GLU n 
1 55 LYS n 
1 56 LYS n 
1 57 TRP n 
1 58 VAL n 
1 59 ARG n 
1 60 GLU n 
1 61 TYR n 
1 62 ILE n 
1 63 ASN n 
1 64 SER n 
1 65 LEU n 
1 66 GLU n 
1 67 MET n 
1 68 SER n 
# 
_entity_src_gen.entity_id                          1 
_entity_src_gen.pdbx_src_id                        1 
_entity_src_gen.pdbx_alt_source_flag               sample 
_entity_src_gen.pdbx_seq_type                      ? 
_entity_src_gen.pdbx_beg_seq_num                   ? 
_entity_src_gen.pdbx_end_seq_num                   ? 
_entity_src_gen.gene_src_common_name               human 
_entity_src_gen.gene_src_genus                     Homo 
_entity_src_gen.pdbx_gene_src_gene                 ? 
_entity_src_gen.gene_src_species                   ? 
_entity_src_gen.gene_src_strain                    ? 
_entity_src_gen.gene_src_tissue                    BLOOD 
_entity_src_gen.gene_src_tissue_fraction           ? 
_entity_src_gen.gene_src_details                   ? 
_entity_src_gen.pdbx_gene_src_fragment             ? 
_entity_src_gen.pdbx_gene_src_scientific_name      'Homo sapiens' 
_entity_src_gen.pdbx_gene_src_ncbi_taxonomy_id     9606 
_entity_src_gen.pdbx_gene_src_variant              ? 
_entity_src_gen.pdbx_gene_src_cell_line            ? 
_entity_src_gen.pdbx_gene_src_atcc                 ? 
_entity_src_gen.pdbx_gene_src_organ                ? 
_entity_src_gen.pdbx_gene_src_organelle            ? 
_entity_src_gen.pdbx_gene_src_cell                 ? 
_entity_src_gen.pdbx_gene_src_cellular_location    ? 
_entity_src_gen.host_org_common_name               ? 
_entity_src_gen.pdbx_host_org_scientific_name      'Escherichia coli' 
_entity_src_gen.pdbx_host_org_ncbi_taxonomy_id     562 
_entity_src_gen.host_org_genus                     Escherichia 
_entity_src_gen.pdbx_host_org_gene                 ? 
_entity_src_gen.pdbx_host_org_organ                ? 
_entity_src_gen.host_org_species                   ? 
_entity_src_gen.pdbx_host_org_tissue               ? 
_entity_src_gen.pdbx_host_org_tissue_fraction      ? 
_entity_src_gen.pdbx_host_org_strain               ? 
_entity_src_gen.pdbx_host_org_variant              ? 
_entity_src_gen.pdbx_host_org_cell_line            ? 
_entity_src_gen.pdbx_host_org_atcc                 ? 
_entity_src_gen.pdbx_host_org_culture_collection   ? 
_entity_src_gen.pdbx_host_org_cell                 ? 
_entity_src_gen.pdbx_host_org_organelle            ? 
_entity_src_gen.pdbx_host_org_cellular_location    ? 
_entity_src_gen.pdbx_host_org_vector_type          ? 
_entity_src_gen.pdbx_host_org_vector               ? 
_entity_src_gen.host_org_details                   ? 
_entity_src_gen.expression_system_id               ? 
_entity_src_gen.plasmid_name                       PT7-7 
_entity_src_gen.plasmid_details                    ? 
_entity_src_gen.pdbx_description                   ? 
# 
loop_
_chem_comp.id 
_chem_comp.type 
_chem_comp.mon_nstd_flag 
_chem_comp.name 
_chem_comp.pdbx_synonyms 
_chem_comp.formula 
_chem_comp.formula_weight 
ALA 'L-peptide linking' y ALANINE         ? 'C3 H7 N O2'     89.093  
ARG 'L-peptide linking' y ARGININE        ? 'C6 H15 N4 O2 1' 175.209 
ASN 'L-peptide linking' y ASPARAGINE      ? 'C4 H8 N2 O3'    132.118 
ASP 'L-peptide linking' y 'ASPARTIC ACID' ? 'C4 H7 N O4'     133.103 
CYS 'L-peptide linking' y CYSTEINE        ? 'C3 H7 N O2 S'   121.158 
GLN 'L-peptide linking' y GLUTAMINE       ? 'C5 H10 N2 O3'   146.144 
GLU 'L-peptide linking' y 'GLUTAMIC ACID' ? 'C5 H9 N O4'     147.129 
GLY 'peptide linking'   y GLYCINE         ? 'C2 H5 N O2'     75.067  
HIS 'L-peptide linking' y HISTIDINE       ? 'C6 H10 N3 O2 1' 156.162 
HOH non-polymer         . WATER           ? 'H2 O'           18.015  
ILE 'L-peptide linking' y ISOLEUCINE      ? 'C6 H13 N O2'    131.173 
LEU 'L-peptide linking' y LEUCINE         ? 'C6 H13 N O2'    131.173 
LYS 'L-peptide linking' y LYSINE          ? 'C6 H15 N2 O2 1' 147.195 
MET 'L-peptide linking' y METHIONINE      ? 'C5 H11 N O2 S'  149.211 
PHE 'L-peptide linking' y PHENYLALANINE   ? 'C9 H11 N O2'    165.189 
PRO 'L-peptide linking' y PROLINE         ? 'C5 H9 N O2'     115.130 
SER 'L-peptide linking' y SERINE          ? 'C3 H7 N O3'     105.093 
SO4 non-polymer         . 'SULFATE ION'   ? 'O4 S -2'        96.063  
THR 'L-peptide linking' y THREONINE       ? 'C4 H9 N O3'     119.119 
TRP 'L-peptide linking' y TRYPTOPHAN      ? 'C11 H12 N2 O2'  204.225 
TYR 'L-peptide linking' y TYROSINE        ? 'C9 H11 N O3'    181.189 
VAL 'L-peptide linking' y VALINE          ? 'C5 H11 N O2'    117.146 
# 
loop_
_pdbx_poly_seq_scheme.asym_id 
_pdbx_poly_seq_scheme.entity_id 
_pdbx_poly_seq_scheme.seq_id 
_pdbx_poly_seq_scheme.mon_id 
_pdbx_poly_seq_scheme.ndb_seq_num 
_pdbx_poly_seq_scheme.pdb_seq_num 
_pdbx_poly_seq_scheme.auth_seq_num 
_pdbx_poly_seq_scheme.pdb_mon_id 
_pdbx_poly_seq_scheme.auth_mon_id 
_pdbx_poly_seq_scheme.pdb_strand_id 
_pdbx_poly_seq_scheme.pdb_ins_code 
_pdbx_poly_seq_scheme.hetero 
A 1 1  MET 1  1  ?  ?   ?   A . n 
A 1 2  GLY 2  2  2  GLY GLY A . n 
A 1 3  TYR 3  3  3  TYR TYR A . n 
A 1 4  SER 4  4  4  SER SER A . n 
A 1 5  SER 5  5  5  SER SER A . n 
A 1 6  ASP 6  6  6  ASP ASP A . n 
A 1 7  THR 7  7  7  THR THR A . n 
A 1 8  THR 8  8  8  THR THR A . n 
A 1 9  PRO 9  9  9  PRO PRO A . n 
A 1 10 CYS 10 10 10 CYS CYS A . n 
A 1 11 CYS 11 11 11 CYS CYS A . n 
A 1 12 PHE 12 12 12 PHE PHE A . n 
A 1 13 ALA 13 13 13 ALA ALA A . n 
A 1 14 TYR 14 14 14 TYR TYR A . n 
A 1 15 ILE 15 15 15 ILE ILE A . n 
A 1 16 ALA 16 16 16 ALA ALA A . n 
A 1 17 ARG 17 17 17 ARG ARG A . n 
A 1 18 PRO 18 18 18 PRO PRO A . n 
A 1 19 MET 19 19 19 MET MET A . n 
A 1 20 PRO 20 20 20 PRO PRO A . n 
A 1 21 ARG 21 21 21 ARG ARG A . n 
A 1 22 ALA 22 22 22 ALA ALA A . n 
A 1 23 HIS 23 23 23 HIS HIS A . n 
A 1 24 ILE 24 24 24 ILE ILE A . n 
A 1 25 LYS 25 25 25 LYS LYS A . n 
A 1 26 GLU 26 26 26 GLU GLU A . n 
A 1 27 TYR 27 27 27 TYR TYR A . n 
A 1 28 PHE 28 28 28 PHE PHE A . n 
A 1 29 TYR 29 29 29 TYR TYR A . n 
A 1 30 THR 30 30 30 THR THR A . n 
A 1 31 SER 31 31 31 SER SER A . n 
A 1 32 GLY 32 32 32 GLY GLY A . n 
A 1 33 LYS 33 33 33 LYS LYS A . n 
A 1 34 CYS 34 34 34 CYS CYS A . n 
A 1 35 SER 35 35 35 SER SER A . n 
A 1 36 ASN 36 36 36 ASN ASN A . n 
A 1 37 PRO 37 37 37 PRO PRO A . n 
A 1 38 ALA 38 38 38 ALA ALA A . n 
A 1 39 VAL 39 39 39 VAL VAL A . n 
A 1 40 VAL 40 40 40 VAL VAL A . n 
A 1 41 PHE 41 41 41 PHE PHE A . n 
A 1 42 VAL 42 42 42 VAL VAL A . n 
A 1 43 THR 43 43 43 THR THR A . n 
A 1 44 ARG 44 44 44 ARG ARG A . n 
A 1 45 LYS 45 45 45 LYS LYS A . n 
A 1 46 ASN 46 46 46 ASN ASN A . n 
A 1 47 ARG 47 47 47 ARG ARG A . n 
A 1 48 GLN 48 48 48 GLN GLN A . n 
A 1 49 VAL 49 49 49 VAL VAL A . n 
A 1 50 CYS 50 50 50 CYS CYS A . n 
A 1 51 ALA 51 51 51 ALA ALA A . n 
A 1 52 ASN 52 52 52 ASN ASN A . n 
A 1 53 PRO 53 53 53 PRO PRO A . n 
A 1 54 GLU 54 54 54 GLU GLU A . n 
A 1 55 LYS 55 55 55 LYS LYS A . n 
A 1 56 LYS 56 56 56 LYS LYS A . n 
A 1 57 TRP 57 57 57 TRP TRP A . n 
A 1 58 VAL 58 58 58 VAL VAL A . n 
A 1 59 ARG 59 59 59 ARG ARG A . n 
A 1 60 GLU 60 60 60 GLU GLU A . n 
A 1 61 TYR 61 61 61 TYR TYR A . n 
A 1 62 ILE 62 62 62 ILE ILE A . n 
A 1 63 ASN 63 63 63 ASN ASN A . n 
A 1 64 SER 64 64 64 SER SER A . n 
A 1 65 LEU 65 65 65 LEU LEU A . n 
A 1 66 GLU 66 66 66 GLU GLU A . n 
A 1 67 MET 67 67 67 MET MET A . n 
A 1 68 SER 68 68 68 SER SER A . n 
B 1 1  MET 1  1  ?  ?   ?   B . n 
B 1 2  GLY 2  2  2  GLY GLY B . n 
B 1 3  TYR 3  3  3  TYR TYR B . n 
B 1 4  SER 4  4  4  SER SER B . n 
B 1 5  SER 5  5  5  SER SER B . n 
B 1 6  ASP 6  6  6  ASP ASP B . n 
B 1 7  THR 7  7  7  THR THR B . n 
B 1 8  THR 8  8  8  THR THR B . n 
B 1 9  PRO 9  9  9  PRO PRO B . n 
B 1 10 CYS 10 10 10 CYS CYS B . n 
B 1 11 CYS 11 11 11 CYS CYS B . n 
B 1 12 PHE 12 12 12 PHE PHE B . n 
B 1 13 ALA 13 13 13 ALA ALA B . n 
B 1 14 TYR 14 14 14 TYR TYR B . n 
B 1 15 ILE 15 15 15 ILE ILE B . n 
B 1 16 ALA 16 16 16 ALA ALA B . n 
B 1 17 ARG 17 17 17 ARG ARG B . n 
B 1 18 PRO 18 18 18 PRO PRO B . n 
B 1 19 MET 19 19 19 MET MET B . n 
B 1 20 PRO 20 20 20 PRO PRO B . n 
B 1 21 ARG 21 21 21 ARG ARG B . n 
B 1 22 ALA 22 22 22 ALA ALA B . n 
B 1 23 HIS 23 23 23 HIS HIS B . n 
B 1 24 ILE 24 24 24 ILE ILE B . n 
B 1 25 LYS 25 25 25 LYS LYS B . n 
B 1 26 GLU 26 26 26 GLU GLU B . n 
B 1 27 TYR 27 27 27 TYR TYR B . n 
B 1 28 PHE 28 28 28 PHE PHE B . n 
B 1 29 TYR 29 29 29 TYR TYR B . n 
B 1 30 THR 30 30 30 THR THR B . n 
B 1 31 SER 31 31 31 SER SER B . n 
B 1 32 GLY 32 32 32 GLY GLY B . n 
B 1 33 LYS 33 33 33 LYS LYS B . n 
B 1 34 CYS 34 34 34 CYS CYS B . n 
B 1 35 SER 35 35 35 SER SER B . n 
B 1 36 ASN 36 36 36 ASN ASN B . n 
B 1 37 PRO 37 37 37 PRO PRO B . n 
B 1 38 ALA 38 38 38 ALA ALA B . n 
B 1 39 VAL 39 39 39 VAL VAL B . n 
B 1 40 VAL 40 40 40 VAL VAL B . n 
B 1 41 PHE 41 41 41 PHE PHE B . n 
B 1 42 VAL 42 42 42 VAL VAL B . n 
B 1 43 THR 43 43 43 THR THR B . n 
B 1 44 ARG 44 44 44 ARG ARG B . n 
B 1 45 LYS 45 45 45 LYS LYS B . n 
B 1 46 ASN 46 46 46 ASN ASN B . n 
B 1 47 ARG 47 47 47 ARG ARG B . n 
B 1 48 GLN 48 48 48 GLN GLN B . n 
B 1 49 VAL 49 49 49 VAL VAL B . n 
B 1 50 CYS 50 50 50 CYS CYS B . n 
B 1 51 ALA 51 51 51 ALA ALA B . n 
B 1 52 ASN 52 52 52 ASN ASN B . n 
B 1 53 PRO 53 53 53 PRO PRO B . n 
B 1 54 GLU 54 54 54 GLU GLU B . n 
B 1 55 LYS 55 55 55 LYS LYS B . n 
B 1 56 LYS 56 56 56 LYS LYS B . n 
B 1 57 TRP 57 57 57 TRP TRP B . n 
B 1 58 VAL 58 58 58 VAL VAL B . n 
B 1 59 ARG 59 59 59 ARG ARG B . n 
B 1 60 GLU 60 60 60 GLU GLU B . n 
B 1 61 TYR 61 61 61 TYR TYR B . n 
B 1 62 ILE 62 62 62 ILE ILE B . n 
B 1 63 ASN 63 63 63 ASN ASN B . n 
B 1 64 SER 64 64 64 SER SER B . n 
B 1 65 LEU 65 65 65 LEU LEU B . n 
B 1 66 GLU 66 66 66 GLU GLU B . n 
B 1 67 MET 67 67 67 MET MET B . n 
B 1 68 SER 68 68 68 SER SER B . n 
# 
loop_
_pdbx_nonpoly_scheme.asym_id 
_pdbx_nonpoly_scheme.entity_id 
_pdbx_nonpoly_scheme.mon_id 
_pdbx_nonpoly_scheme.ndb_seq_num 
_pdbx_nonpoly_scheme.pdb_seq_num 
_pdbx_nonpoly_scheme.auth_seq_num 
_pdbx_nonpoly_scheme.pdb_mon_id 
_pdbx_nonpoly_scheme.auth_mon_id 
_pdbx_nonpoly_scheme.pdb_strand_id 
_pdbx_nonpoly_scheme.pdb_ins_code 
C 2 SO4 1   198  198  SO4 SO4 A . 
D 2 SO4 1   199  199  SO4 SO4 B . 
E 3 HOH 1   1001 1001 HOH HOH A . 
E 3 HOH 2   1002 1002 HOH HOH A . 
E 3 HOH 3   1004 1004 HOH HOH A . 
E 3 HOH 4   1007 1007 HOH HOH A . 
E 3 HOH 5   1009 1009 HOH HOH A . 
E 3 HOH 6   1010 1010 HOH HOH A . 
E 3 HOH 7   1013 1013 HOH HOH A . 
E 3 HOH 8   1015 1015 HOH HOH A . 
E 3 HOH 9   1016 1016 HOH HOH A . 
E 3 HOH 10  1017 1017 HOH HOH A . 
E 3 HOH 11  1018 1018 HOH HOH A . 
E 3 HOH 12  1019 1019 HOH HOH A . 
E 3 HOH 13  1020 1020 HOH HOH A . 
E 3 HOH 14  1022 1022 HOH HOH A . 
E 3 HOH 15  1023 1023 HOH HOH A . 
E 3 HOH 16  1024 1024 HOH HOH A . 
E 3 HOH 17  1025 1025 HOH HOH A . 
E 3 HOH 18  1026 1026 HOH HOH A . 
E 3 HOH 19  1027 1027 HOH HOH A . 
E 3 HOH 20  1029 1029 HOH HOH A . 
E 3 HOH 21  1030 1030 HOH HOH A . 
E 3 HOH 22  1031 1031 HOH HOH A . 
E 3 HOH 23  1032 1032 HOH HOH A . 
E 3 HOH 24  1033 1033 HOH HOH A . 
E 3 HOH 25  1034 1034 HOH HOH A . 
E 3 HOH 26  1035 1035 HOH HOH A . 
E 3 HOH 27  1036 1036 HOH HOH A . 
E 3 HOH 28  1039 1039 HOH HOH A . 
E 3 HOH 29  1043 1043 HOH HOH A . 
E 3 HOH 30  1045 1045 HOH HOH A . 
E 3 HOH 31  1050 1050 HOH HOH A . 
E 3 HOH 32  1051 1051 HOH HOH A . 
E 3 HOH 33  1052 1052 HOH HOH A . 
E 3 HOH 34  1053 1053 HOH HOH A . 
E 3 HOH 35  1054 1054 HOH HOH A . 
E 3 HOH 36  1055 1055 HOH HOH A . 
E 3 HOH 37  1056 1056 HOH HOH A . 
E 3 HOH 38  1058 1058 HOH HOH A . 
E 3 HOH 39  1059 1059 HOH HOH A . 
E 3 HOH 40  1060 1060 HOH HOH A . 
E 3 HOH 41  1065 1065 HOH HOH A . 
E 3 HOH 42  1067 1067 HOH HOH A . 
E 3 HOH 43  1068 1068 HOH HOH A . 
E 3 HOH 44  1072 1072 HOH HOH A . 
E 3 HOH 45  1073 1073 HOH HOH A . 
E 3 HOH 46  1074 1074 HOH HOH A . 
E 3 HOH 47  1076 1076 HOH HOH A . 
E 3 HOH 48  1077 1077 HOH HOH A . 
E 3 HOH 49  1078 1078 HOH HOH A . 
E 3 HOH 50  1079 1079 HOH HOH A . 
E 3 HOH 51  1080 1080 HOH HOH A . 
E 3 HOH 52  1082 1082 HOH HOH A . 
E 3 HOH 53  1084 1084 HOH HOH A . 
E 3 HOH 54  1086 1086 HOH HOH A . 
E 3 HOH 55  1087 1087 HOH HOH A . 
E 3 HOH 56  1088 1088 HOH HOH A . 
E 3 HOH 57  1089 1089 HOH HOH A . 
E 3 HOH 58  1090 1090 HOH HOH A . 
E 3 HOH 59  1092 1092 HOH HOH A . 
E 3 HOH 60  1093 1093 HOH HOH A . 
E 3 HOH 61  1100 1100 HOH HOH A . 
E 3 HOH 62  1102 1102 HOH HOH A . 
E 3 HOH 63  1103 1103 HOH HOH A . 
E 3 HOH 64  1105 1105 HOH HOH A . 
E 3 HOH 65  1106 1106 HOH HOH A . 
E 3 HOH 66  1108 1108 HOH HOH A . 
E 3 HOH 67  1112 1112 HOH HOH A . 
E 3 HOH 68  1113 1113 HOH HOH A . 
E 3 HOH 69  1114 1114 HOH HOH A . 
E 3 HOH 70  1115 1115 HOH HOH A . 
E 3 HOH 71  1116 1116 HOH HOH A . 
E 3 HOH 72  1119 1119 HOH HOH A . 
E 3 HOH 73  1120 1120 HOH HOH A . 
E 3 HOH 74  1121 1121 HOH HOH A . 
E 3 HOH 75  1123 1123 HOH HOH A . 
E 3 HOH 76  1125 1125 HOH HOH A . 
E 3 HOH 77  1127 1127 HOH HOH A . 
E 3 HOH 78  1129 1129 HOH HOH A . 
E 3 HOH 79  1130 1130 HOH HOH A . 
E 3 HOH 80  1131 1131 HOH HOH A . 
E 3 HOH 81  1132 1132 HOH HOH A . 
E 3 HOH 82  1134 1134 HOH HOH A . 
E 3 HOH 83  1136 1136 HOH HOH A . 
E 3 HOH 84  1137 1137 HOH HOH A . 
E 3 HOH 85  1138 1138 HOH HOH A . 
E 3 HOH 86  1139 1139 HOH HOH A . 
E 3 HOH 87  1144 1144 HOH HOH A . 
E 3 HOH 88  1147 1147 HOH HOH A . 
E 3 HOH 89  1149 1149 HOH HOH A . 
E 3 HOH 90  1151 1151 HOH HOH A . 
E 3 HOH 91  1152 1152 HOH HOH A . 
E 3 HOH 92  1153 1153 HOH HOH A . 
E 3 HOH 93  1159 1159 HOH HOH A . 
E 3 HOH 94  1163 1163 HOH HOH A . 
E 3 HOH 95  1165 1165 HOH HOH A . 
E 3 HOH 96  1166 1166 HOH HOH A . 
E 3 HOH 97  1167 1167 HOH HOH A . 
E 3 HOH 98  1169 1169 HOH HOH A . 
E 3 HOH 99  1171 1171 HOH HOH A . 
E 3 HOH 100 1175 1175 HOH HOH A . 
E 3 HOH 101 1176 1176 HOH HOH A . 
E 3 HOH 102 1177 1177 HOH HOH A . 
E 3 HOH 103 1178 1178 HOH HOH A . 
E 3 HOH 104 1179 1179 HOH HOH A . 
E 3 HOH 105 1182 1182 HOH HOH A . 
E 3 HOH 106 1183 1183 HOH HOH A . 
E 3 HOH 107 1184 1184 HOH HOH A . 
E 3 HOH 108 1187 1187 HOH HOH A . 
F 3 HOH 1   1003 1003 HOH HOH B . 
F 3 HOH 2   1005 1005 HOH HOH B . 
F 3 HOH 3   1006 1006 HOH HOH B . 
F 3 HOH 4   1008 1008 HOH HOH B . 
F 3 HOH 5   1011 1011 HOH HOH B . 
F 3 HOH 6   1012 1012 HOH HOH B . 
F 3 HOH 7   1014 1014 HOH HOH B . 
F 3 HOH 8   1021 1021 HOH HOH B . 
F 3 HOH 9   1028 1028 HOH HOH B . 
F 3 HOH 10  1037 1037 HOH HOH B . 
F 3 HOH 11  1038 1038 HOH HOH B . 
F 3 HOH 12  1040 1040 HOH HOH B . 
F 3 HOH 13  1041 1041 HOH HOH B . 
F 3 HOH 14  1042 1042 HOH HOH B . 
F 3 HOH 15  1044 1044 HOH HOH B . 
F 3 HOH 16  1046 1046 HOH HOH B . 
F 3 HOH 17  1047 1047 HOH HOH B . 
F 3 HOH 18  1048 1048 HOH HOH B . 
F 3 HOH 19  1049 1049 HOH HOH B . 
F 3 HOH 20  1057 1057 HOH HOH B . 
F 3 HOH 21  1061 1061 HOH HOH B . 
F 3 HOH 22  1062 1062 HOH HOH B . 
F 3 HOH 23  1063 1063 HOH HOH B . 
F 3 HOH 24  1064 1064 HOH HOH B . 
F 3 HOH 25  1066 1066 HOH HOH B . 
F 3 HOH 26  1069 1069 HOH HOH B . 
F 3 HOH 27  1070 1070 HOH HOH B . 
F 3 HOH 28  1071 1071 HOH HOH B . 
F 3 HOH 29  1075 1075 HOH HOH B . 
F 3 HOH 30  1081 1081 HOH HOH B . 
F 3 HOH 31  1083 1083 HOH HOH B . 
F 3 HOH 32  1085 1085 HOH HOH B . 
F 3 HOH 33  1091 1091 HOH HOH B . 
F 3 HOH 34  1094 1094 HOH HOH B . 
F 3 HOH 35  1095 1095 HOH HOH B . 
F 3 HOH 36  1096 1096 HOH HOH B . 
F 3 HOH 37  1097 1097 HOH HOH B . 
F 3 HOH 38  1098 1098 HOH HOH B . 
F 3 HOH 39  1099 1099 HOH HOH B . 
F 3 HOH 40  1101 1101 HOH HOH B . 
F 3 HOH 41  1104 1104 HOH HOH B . 
F 3 HOH 42  1107 1107 HOH HOH B . 
F 3 HOH 43  1109 1109 HOH HOH B . 
F 3 HOH 44  1110 1110 HOH HOH B . 
F 3 HOH 45  1111 1111 HOH HOH B . 
F 3 HOH 46  1117 1117 HOH HOH B . 
F 3 HOH 47  1118 1118 HOH HOH B . 
F 3 HOH 48  1122 1122 HOH HOH B . 
F 3 HOH 49  1124 1124 HOH HOH B . 
F 3 HOH 50  1126 1126 HOH HOH B . 
F 3 HOH 51  1128 1128 HOH HOH B . 
F 3 HOH 52  1133 1133 HOH HOH B . 
F 3 HOH 53  1135 1135 HOH HOH B . 
F 3 HOH 54  1140 1140 HOH HOH B . 
F 3 HOH 55  1141 1141 HOH HOH B . 
F 3 HOH 56  1142 1142 HOH HOH B . 
F 3 HOH 57  1143 1143 HOH HOH B . 
F 3 HOH 58  1145 1145 HOH HOH B . 
F 3 HOH 59  1146 1146 HOH HOH B . 
F 3 HOH 60  1148 1148 HOH HOH B . 
F 3 HOH 61  1150 1150 HOH HOH B . 
F 3 HOH 62  1154 1154 HOH HOH B . 
F 3 HOH 63  1155 1155 HOH HOH B . 
F 3 HOH 64  1156 1156 HOH HOH B . 
F 3 HOH 65  1157 1157 HOH HOH B . 
F 3 HOH 66  1158 1158 HOH HOH B . 
F 3 HOH 67  1160 1160 HOH HOH B . 
F 3 HOH 68  1161 1161 HOH HOH B . 
F 3 HOH 69  1162 1162 HOH HOH B . 
F 3 HOH 70  1164 1164 HOH HOH B . 
F 3 HOH 71  1168 1168 HOH HOH B . 
F 3 HOH 72  1170 1170 HOH HOH B . 
F 3 HOH 73  1172 1172 HOH HOH B . 
F 3 HOH 74  1173 1173 HOH HOH B . 
F 3 HOH 75  1174 1174 HOH HOH B . 
F 3 HOH 76  1180 1180 HOH HOH B . 
F 3 HOH 77  1181 1181 HOH HOH B . 
F 3 HOH 78  1185 1185 HOH HOH B . 
F 3 HOH 79  1186 1186 HOH HOH B . 
# 
loop_
_software.name 
_software.classification 
_software.version 
_software.citation_id 
_software.pdbx_ordinal 
DENZO     'data reduction' . ? 1 
SCALEPACK 'data scaling'   . ? 2 
AMoRE     phasing          . ? 3 
SHELXL-97 refinement       . ? 4 
# 
_cell.entry_id           1EQT 
_cell.length_a           24.019 
_cell.length_b           56.809 
_cell.length_c           93.863 
_cell.angle_alpha        90.00 
_cell.angle_beta         90.00 
_cell.angle_gamma        90.00 
_cell.Z_PDB              8 
_cell.pdbx_unique_axis   ? 
# 
_symmetry.entry_id                         1EQT 
_symmetry.space_group_name_H-M             'P 21 21 21' 
_symmetry.pdbx_full_space_group_name_H-M   ? 
_symmetry.cell_setting                     ? 
_symmetry.Int_Tables_number                19 
# 
_exptl.entry_id          1EQT 
_exptl.method            'X-RAY DIFFRACTION' 
_exptl.crystals_number   1 
# 
_exptl_crystal.id                    1 
_exptl_crystal.density_meas          ? 
_exptl_crystal.density_Matthews      2.03 
_exptl_crystal.density_percent_sol   39.39 
_exptl_crystal.description           ? 
# 
_exptl_crystal_grow.crystal_id      1 
_exptl_crystal_grow.method          'VAPOR DIFFUSION, HANGING DROP' 
_exptl_crystal_grow.temp            295.0 
_exptl_crystal_grow.temp_details    ? 
_exptl_crystal_grow.pH              4.6 
_exptl_crystal_grow.pdbx_details    
;PEG 35000, ammonium sulfate, sodium succinate, MES, sodium acetate, ethanol, pH 4.6, VAPOR DIFFUSION, HANGING DROP, temperature 295.0K
;
_exptl_crystal_grow.pdbx_pH_range   ? 
# 
_diffrn.id                     1 
_diffrn.ambient_temp           100 
_diffrn.ambient_temp_details   ? 
_diffrn.crystal_id             1 
# 
_diffrn_detector.diffrn_id              1 
_diffrn_detector.detector               'IMAGE PLATE' 
_diffrn_detector.type                   MARRESEARCH 
_diffrn_detector.pdbx_collection_date   1998-01-23 
_diffrn_detector.details                MIRRORS 
# 
_diffrn_radiation.diffrn_id                        1 
_diffrn_radiation.wavelength_id                    1 
_diffrn_radiation.pdbx_monochromatic_or_laue_m_l   M 
_diffrn_radiation.monochromator                    'SI CRYSTAL' 
_diffrn_radiation.pdbx_diffrn_protocol             'SINGLE WAVELENGTH' 
_diffrn_radiation.pdbx_scattering_type             x-ray 
# 
_diffrn_radiation_wavelength.id           1 
_diffrn_radiation_wavelength.wavelength   0.98 
_diffrn_radiation_wavelength.wt           1.0 
# 
_diffrn_source.diffrn_id                   1 
_diffrn_source.source                      SYNCHROTRON 
_diffrn_source.type                        'NSLS BEAMLINE X9B' 
_diffrn_source.pdbx_synchrotron_site       NSLS 
_diffrn_source.pdbx_synchrotron_beamline   X9B 
_diffrn_source.pdbx_wavelength             0.98 
_diffrn_source.pdbx_wavelength_list        ? 
# 
_reflns.entry_id                     1EQT 
_reflns.observed_criterion_sigma_I   1.0 
_reflns.observed_criterion_sigma_F   2.0 
_reflns.d_resolution_low             20.0 
_reflns.d_resolution_high            1.6 
_reflns.number_obs                   17136 
_reflns.number_all                   44155 
_reflns.percent_possible_obs         96.6 
_reflns.pdbx_Rmerge_I_obs            0.039 
_reflns.pdbx_Rsym_value              ? 
_reflns.pdbx_netI_over_sigmaI        21.3 
_reflns.B_iso_Wilson_estimate        20.0 
_reflns.pdbx_redundancy              2.6 
_reflns.R_free_details               ? 
_reflns.limit_h_max                  ? 
_reflns.limit_h_min                  ? 
_reflns.limit_k_max                  ? 
_reflns.limit_k_min                  ? 
_reflns.limit_l_max                  ? 
_reflns.limit_l_min                  ? 
_reflns.observed_criterion_F_max     ? 
_reflns.observed_criterion_F_min     ? 
_reflns.pdbx_diffrn_id               1 
_reflns.pdbx_ordinal                 1 
# 
_reflns_shell.d_res_high             1.6 
_reflns_shell.d_res_low              1.66 
_reflns_shell.percent_possible_all   96.0 
_reflns_shell.Rmerge_I_obs           0.42 
_reflns_shell.pdbx_Rsym_value        ? 
_reflns_shell.meanI_over_sigI_obs    2.3 
_reflns_shell.pdbx_redundancy        2.2 
_reflns_shell.percent_possible_obs   ? 
_reflns_shell.number_unique_all      1650 
_reflns_shell.pdbx_diffrn_id         ? 
_reflns_shell.pdbx_ordinal           1 
# 
_refine.entry_id                                 1EQT 
_refine.ls_number_reflns_obs                     16548 
_refine.ls_number_reflns_all                     17136 
_refine.pdbx_ls_sigma_I                          0.0 
_refine.pdbx_ls_sigma_F                          0.0 
_refine.pdbx_data_cutoff_high_absF               ? 
_refine.pdbx_data_cutoff_low_absF                ? 
_refine.ls_d_res_low                             20.0 
_refine.ls_d_res_high                            1.60 
_refine.ls_percent_reflns_obs                    84.2 
_refine.ls_R_factor_obs                          0.178 
_refine.ls_R_factor_all                          0.178 
_refine.ls_R_factor_R_work                       0.1868 
_refine.ls_R_factor_R_free                       0.2513 
_refine.ls_R_factor_R_free_error                 ? 
_refine.ls_R_factor_R_free_error_details         ? 
_refine.ls_percent_reflns_R_free                 10. 
_refine.ls_number_reflns_R_free                  1655 
_refine.ls_number_parameters                     513 
_refine.ls_number_restraints                     451 
_refine.occupancy_min                            ? 
_refine.occupancy_max                            ? 
_refine.B_iso_mean                               ? 
_refine.aniso_B[1][1]                            ? 
_refine.aniso_B[2][2]                            ? 
_refine.aniso_B[3][3]                            ? 
_refine.aniso_B[1][2]                            ? 
_refine.aniso_B[1][3]                            ? 
_refine.aniso_B[2][3]                            ? 
_refine.solvent_model_details                    ? 
_refine.solvent_model_param_ksol                 ? 
_refine.solvent_model_param_bsol                 ? 
_refine.pdbx_ls_cross_valid_method               'FREE R' 
_refine.details                                  ? 
_refine.pdbx_starting_model                      'RANTES (NMR MODEL 1RTN)' 
_refine.pdbx_method_to_determine_struct          'MOLECULAR REPLACEMENT' 
_refine.pdbx_isotropic_thermal_model             ? 
_refine.pdbx_stereochemistry_target_values       'ENGH AND HUBER' 
_refine.pdbx_stereochem_target_val_spec_case     ? 
_refine.pdbx_R_Free_selection_details            RANDOM 
_refine.pdbx_overall_ESU_R_Free                  ? 
_refine.overall_SU_B                             ? 
_refine.ls_redundancy_reflns_obs                 ? 
_refine.B_iso_min                                ? 
_refine.B_iso_max                                ? 
_refine.overall_SU_ML                            ? 
_refine.pdbx_overall_ESU_R                       ? 
_refine.pdbx_data_cutoff_high_rms_absF           ? 
_refine.pdbx_refine_id                           'X-RAY DIFFRACTION' 
_refine.pdbx_diffrn_id                           1 
_refine.pdbx_TLS_residual_ADP_flag               ? 
_refine.correlation_coeff_Fo_to_Fc               ? 
_refine.correlation_coeff_Fo_to_Fc_free          ? 
_refine.pdbx_solvent_vdw_probe_radii             ? 
_refine.pdbx_solvent_ion_probe_radii             ? 
_refine.pdbx_solvent_shrinkage_radii             ? 
_refine.pdbx_overall_phase_error                 ? 
_refine.overall_SU_R_Cruickshank_DPI             ? 
_refine.pdbx_overall_SU_R_free_Cruickshank_DPI   ? 
_refine.pdbx_overall_SU_R_Blow_DPI               ? 
_refine.pdbx_overall_SU_R_free_Blow_DPI          ? 
# 
_refine_analyze.entry_id                        1EQT 
_refine_analyze.Luzzati_coordinate_error_obs    ? 
_refine_analyze.Luzzati_sigma_a_obs             ? 
_refine_analyze.Luzzati_d_res_low_obs           ? 
_refine_analyze.Luzzati_coordinate_error_free   ? 
_refine_analyze.Luzzati_sigma_a_free            ? 
_refine_analyze.Luzzati_d_res_low_free          ? 
_refine_analyze.number_disordered_residues      ? 
_refine_analyze.occupancy_sum_hydrogen          0. 
_refine_analyze.occupancy_sum_non_hydrogen      1281. 
_refine_analyze.pdbx_Luzzati_d_res_high_obs     ? 
_refine_analyze.pdbx_refine_id                  'X-RAY DIFFRACTION' 
# 
_refine_hist.pdbx_refine_id                   'X-RAY DIFFRACTION' 
_refine_hist.cycle_id                         LAST 
_refine_hist.pdbx_number_atoms_protein        1084 
_refine_hist.pdbx_number_atoms_nucleic_acid   0 
_refine_hist.pdbx_number_atoms_ligand         10 
_refine_hist.number_atoms_solvent             187 
_refine_hist.number_atoms_total               1281 
_refine_hist.d_res_high                       1.60 
_refine_hist.d_res_low                        20.0 
# 
loop_
_refine_ls_restr.type 
_refine_ls_restr.dev_ideal 
_refine_ls_restr.dev_ideal_target 
_refine_ls_restr.weight 
_refine_ls_restr.number 
_refine_ls_restr.pdbx_refine_id 
_refine_ls_restr.pdbx_restraint_function 
s_bond_d  0.007 ? ? ? 'X-RAY DIFFRACTION' ? 
s_angle_d 0.024 ? ? ? 'X-RAY DIFFRACTION' ? 
# 
_pdbx_refine.entry_id                                    1EQT 
_pdbx_refine.R_factor_all_no_cutoff                      ? 
_pdbx_refine.R_factor_obs_no_cutoff                      0.186 
_pdbx_refine.free_R_factor_no_cutoff                     0.251 
_pdbx_refine.free_R_val_test_set_size_perc_no_cutoff     10. 
_pdbx_refine.free_R_val_test_set_ct_no_cutoff            165 
_pdbx_refine.R_factor_all_4sig_cutoff                    ? 
_pdbx_refine.R_factor_obs_4sig_cutoff                    0.177 
_pdbx_refine.free_R_factor_4sig_cutoff                   0.238 
_pdbx_refine.free_R_val_test_set_size_perc_4sig_cutoff   10. 
_pdbx_refine.free_R_val_test_set_ct_4sig_cutoff          142 
_pdbx_refine.number_reflns_obs_4sig_cutoff               1428 
_pdbx_refine.number_reflns_obs_no_cutoff                 ? 
_pdbx_refine.pdbx_refine_id                              'X-RAY DIFFRACTION' 
_pdbx_refine.free_R_error_no_cutoff                      ? 
# 
_struct.entry_id                  1EQT 
_struct.title                     MET-RANTES 
_struct.pdbx_model_details        ? 
_struct.pdbx_CASP_flag            ? 
_struct.pdbx_model_type_details   ? 
# 
_struct_keywords.entry_id        1EQT 
_struct_keywords.pdbx_keywords   CYTOKINE 
_struct_keywords.text            'CHEMOATTRACTANT, CYTOKINE, RANTES' 
# 
loop_
_struct_asym.id 
_struct_asym.pdbx_blank_PDB_chainid_flag 
_struct_asym.pdbx_modified 
_struct_asym.entity_id 
_struct_asym.details 
A N N 1 ? 
B N N 1 ? 
C N N 2 ? 
D N N 2 ? 
E N N 3 ? 
F N N 3 ? 
# 
_struct_ref.id                         1 
_struct_ref.db_code                    CCL5_HUMAN 
_struct_ref.db_name                    UNP 
_struct_ref.entity_id                  1 
_struct_ref.pdbx_db_accession          P13501 
_struct_ref.pdbx_align_begin           24 
_struct_ref.pdbx_seq_one_letter_code   SPYSSDTTPCCFAYIARPLPRAHIKEYFYTSGKCSNPAVVFVTRKNRQVCANPEKKWVREYINSLEMS 
_struct_ref.pdbx_db_isoform            ? 
# 
loop_
_struct_ref_seq.align_id 
_struct_ref_seq.ref_id 
_struct_ref_seq.pdbx_PDB_id_code 
_struct_ref_seq.pdbx_strand_id 
_struct_ref_seq.seq_align_beg 
_struct_ref_seq.pdbx_seq_align_beg_ins_code 
_struct_ref_seq.seq_align_end 
_struct_ref_seq.pdbx_seq_align_end_ins_code 
_struct_ref_seq.pdbx_db_accession 
_struct_ref_seq.db_align_beg 
_struct_ref_seq.pdbx_db_align_beg_ins_code 
_struct_ref_seq.db_align_end 
_struct_ref_seq.pdbx_db_align_end_ins_code 
_struct_ref_seq.pdbx_auth_seq_align_beg 
_struct_ref_seq.pdbx_auth_seq_align_end 
1 1 1EQT A 2 ? 68 ? P13501 25 ? 91 ? 2 68 
2 1 1EQT B 2 ? 68 ? P13501 25 ? 91 ? 2 68 
# 
loop_
_struct_ref_seq_dif.align_id 
_struct_ref_seq_dif.pdbx_pdb_id_code 
_struct_ref_seq_dif.mon_id 
_struct_ref_seq_dif.pdbx_pdb_strand_id 
_struct_ref_seq_dif.seq_num 
_struct_ref_seq_dif.pdbx_pdb_ins_code 
_struct_ref_seq_dif.pdbx_seq_db_name 
_struct_ref_seq_dif.pdbx_seq_db_accession_code 
_struct_ref_seq_dif.db_mon_id 
_struct_ref_seq_dif.pdbx_seq_db_seq_num 
_struct_ref_seq_dif.details 
_struct_ref_seq_dif.pdbx_auth_seq_num 
_struct_ref_seq_dif.pdbx_ordinal 
1 1EQT MET A 1  ? UNP P13501 ?   ?  'SEE REMARK 999' 1  1 
1 1EQT GLY A 2  ? UNP P13501 PRO 25 conflict         2  2 
1 1EQT MET A 19 ? UNP P13501 LEU 42 conflict         19 3 
2 1EQT MET B 1  ? UNP P13501 ?   ?  'SEE REMARK 999' 1  4 
2 1EQT GLY B 2  ? UNP P13501 PRO 25 conflict         2  5 
2 1EQT MET B 19 ? UNP P13501 LEU 42 conflict         19 6 
# 
_pdbx_struct_assembly.id                   1 
_pdbx_struct_assembly.details              author_defined_assembly 
_pdbx_struct_assembly.method_details       ? 
_pdbx_struct_assembly.oligomeric_details   dimeric 
_pdbx_struct_assembly.oligomeric_count     2 
# 
_pdbx_struct_assembly_gen.assembly_id       1 
_pdbx_struct_assembly_gen.oper_expression   1 
_pdbx_struct_assembly_gen.asym_id_list      A,B,C,D,E,F 
# 
_pdbx_struct_oper_list.id                   1 
_pdbx_struct_oper_list.type                 'identity operation' 
_pdbx_struct_oper_list.name                 1_555 
_pdbx_struct_oper_list.symmetry_operation   x,y,z 
_pdbx_struct_oper_list.matrix[1][1]         1.0000000000 
_pdbx_struct_oper_list.matrix[1][2]         0.0000000000 
_pdbx_struct_oper_list.matrix[1][3]         0.0000000000 
_pdbx_struct_oper_list.vector[1]            0.0000000000 
_pdbx_struct_oper_list.matrix[2][1]         0.0000000000 
_pdbx_struct_oper_list.matrix[2][2]         1.0000000000 
_pdbx_struct_oper_list.matrix[2][3]         0.0000000000 
_pdbx_struct_oper_list.vector[2]            0.0000000000 
_pdbx_struct_oper_list.matrix[3][1]         0.0000000000 
_pdbx_struct_oper_list.matrix[3][2]         0.0000000000 
_pdbx_struct_oper_list.matrix[3][3]         1.0000000000 
_pdbx_struct_oper_list.vector[3]            0.0000000000 
# 
_struct_biol.id                    1 
_struct_biol.details               'The biological assembly is likely a dimer constructed of both chain A and B.' 
_struct_biol.pdbx_parent_biol_id   ? 
# 
loop_
_struct_conf.conf_type_id 
_struct_conf.id 
_struct_conf.pdbx_PDB_helix_id 
_struct_conf.beg_label_comp_id 
_struct_conf.beg_label_asym_id 
_struct_conf.beg_label_seq_id 
_struct_conf.pdbx_beg_PDB_ins_code 
_struct_conf.end_label_comp_id 
_struct_conf.end_label_asym_id 
_struct_conf.end_label_seq_id 
_struct_conf.pdbx_end_PDB_ins_code 
_struct_conf.beg_auth_comp_id 
_struct_conf.beg_auth_asym_id 
_struct_conf.beg_auth_seq_id 
_struct_conf.end_auth_comp_id 
_struct_conf.end_auth_asym_id 
_struct_conf.end_auth_seq_id 
_struct_conf.pdbx_PDB_helix_class 
_struct_conf.details 
_struct_conf.pdbx_PDB_helix_length 
HELX_P HELX_P1 1 PRO A 20 ? ALA A 22 ? PRO A 20 ALA A 22 5 ? 3  
HELX_P HELX_P2 2 LYS A 55 ? MET A 67 ? LYS A 55 MET A 67 1 ? 13 
HELX_P HELX_P3 3 PRO B 20 ? ALA B 22 ? PRO B 20 ALA B 22 5 ? 3  
HELX_P HELX_P4 4 LYS B 55 ? SER B 68 ? LYS B 55 SER B 68 1 ? 14 
# 
_struct_conf_type.id          HELX_P 
_struct_conf_type.criteria    ? 
_struct_conf_type.reference   ? 
# 
loop_
_struct_conn.id 
_struct_conn.conn_type_id 
_struct_conn.pdbx_leaving_atom_flag 
_struct_conn.pdbx_PDB_id 
_struct_conn.ptnr1_label_asym_id 
_struct_conn.ptnr1_label_comp_id 
_struct_conn.ptnr1_label_seq_id 
_struct_conn.ptnr1_label_atom_id 
_struct_conn.pdbx_ptnr1_label_alt_id 
_struct_conn.pdbx_ptnr1_PDB_ins_code 
_struct_conn.pdbx_ptnr1_standard_comp_id 
_struct_conn.ptnr1_symmetry 
_struct_conn.ptnr2_label_asym_id 
_struct_conn.ptnr2_label_comp_id 
_struct_conn.ptnr2_label_seq_id 
_struct_conn.ptnr2_label_atom_id 
_struct_conn.pdbx_ptnr2_label_alt_id 
_struct_conn.pdbx_ptnr2_PDB_ins_code 
_struct_conn.ptnr1_auth_asym_id 
_struct_conn.ptnr1_auth_comp_id 
_struct_conn.ptnr1_auth_seq_id 
_struct_conn.ptnr2_auth_asym_id 
_struct_conn.ptnr2_auth_comp_id 
_struct_conn.ptnr2_auth_seq_id 
_struct_conn.ptnr2_symmetry 
_struct_conn.pdbx_ptnr3_label_atom_id 
_struct_conn.pdbx_ptnr3_label_seq_id 
_struct_conn.pdbx_ptnr3_label_comp_id 
_struct_conn.pdbx_ptnr3_label_asym_id 
_struct_conn.pdbx_ptnr3_label_alt_id 
_struct_conn.pdbx_ptnr3_PDB_ins_code 
_struct_conn.details 
_struct_conn.pdbx_dist_value 
_struct_conn.pdbx_value_order 
_struct_conn.pdbx_role 
disulf1 disulf ? ? A CYS 10 SG ? ? ? 1_555 A CYS 34 SG ? ? A CYS 10 A CYS 34 1_555 ? ? ? ? ? ? ? 2.030 ? ? 
disulf2 disulf ? ? A CYS 11 SG ? ? ? 1_555 A CYS 50 SG ? ? A CYS 11 A CYS 50 1_555 ? ? ? ? ? ? ? 2.062 ? ? 
disulf3 disulf ? ? B CYS 10 SG ? ? ? 1_555 B CYS 34 SG ? ? B CYS 10 B CYS 34 1_555 ? ? ? ? ? ? ? 2.040 ? ? 
disulf4 disulf ? ? B CYS 11 SG ? ? ? 1_555 B CYS 50 SG ? ? B CYS 11 B CYS 50 1_555 ? ? ? ? ? ? ? 2.043 ? ? 
# 
_struct_conn_type.id          disulf 
_struct_conn_type.criteria    ? 
_struct_conn_type.reference   ? 
# 
loop_
_pdbx_modification_feature.ordinal 
_pdbx_modification_feature.label_comp_id 
_pdbx_modification_feature.label_asym_id 
_pdbx_modification_feature.label_seq_id 
_pdbx_modification_feature.label_alt_id 
_pdbx_modification_feature.modified_residue_label_comp_id 
_pdbx_modification_feature.modified_residue_label_asym_id 
_pdbx_modification_feature.modified_residue_label_seq_id 
_pdbx_modification_feature.modified_residue_label_alt_id 
_pdbx_modification_feature.auth_comp_id 
_pdbx_modification_feature.auth_asym_id 
_pdbx_modification_feature.auth_seq_id 
_pdbx_modification_feature.PDB_ins_code 
_pdbx_modification_feature.symmetry 
_pdbx_modification_feature.modified_residue_auth_comp_id 
_pdbx_modification_feature.modified_residue_auth_asym_id 
_pdbx_modification_feature.modified_residue_auth_seq_id 
_pdbx_modification_feature.modified_residue_PDB_ins_code 
_pdbx_modification_feature.modified_residue_symmetry 
_pdbx_modification_feature.comp_id_linking_atom 
_pdbx_modification_feature.modified_residue_id_linking_atom 
_pdbx_modification_feature.modified_residue_id 
_pdbx_modification_feature.ref_pcm_id 
_pdbx_modification_feature.ref_comp_id 
_pdbx_modification_feature.type 
_pdbx_modification_feature.category 
1 CYS A 10 ? CYS A 34 ? CYS A 10 ? 1_555 CYS A 34 ? 1_555 SG SG . . . None 'Disulfide bridge' 
2 CYS A 11 ? CYS A 50 ? CYS A 11 ? 1_555 CYS A 50 ? 1_555 SG SG . . . None 'Disulfide bridge' 
3 CYS B 10 ? CYS B 34 ? CYS B 10 ? 1_555 CYS B 34 ? 1_555 SG SG . . . None 'Disulfide bridge' 
4 CYS B 11 ? CYS B 50 ? CYS B 11 ? 1_555 CYS B 50 ? 1_555 SG SG . . . None 'Disulfide bridge' 
# 
loop_
_struct_sheet.id 
_struct_sheet.type 
_struct_sheet.number_strands 
_struct_sheet.details 
A ? 2 ? 
B ? 3 ? 
C ? 3 ? 
# 
loop_
_struct_sheet_order.sheet_id 
_struct_sheet_order.range_id_1 
_struct_sheet_order.range_id_2 
_struct_sheet_order.offset 
_struct_sheet_order.sense 
A 1 2 ? anti-parallel 
B 1 2 ? anti-parallel 
B 2 3 ? anti-parallel 
C 1 2 ? anti-parallel 
C 2 3 ? anti-parallel 
# 
loop_
_struct_sheet_range.sheet_id 
_struct_sheet_range.id 
_struct_sheet_range.beg_label_comp_id 
_struct_sheet_range.beg_label_asym_id 
_struct_sheet_range.beg_label_seq_id 
_struct_sheet_range.pdbx_beg_PDB_ins_code 
_struct_sheet_range.end_label_comp_id 
_struct_sheet_range.end_label_asym_id 
_struct_sheet_range.end_label_seq_id 
_struct_sheet_range.pdbx_end_PDB_ins_code 
_struct_sheet_range.beg_auth_comp_id 
_struct_sheet_range.beg_auth_asym_id 
_struct_sheet_range.beg_auth_seq_id 
_struct_sheet_range.end_auth_comp_id 
_struct_sheet_range.end_auth_asym_id 
_struct_sheet_range.end_auth_seq_id 
A 1 THR A 8  ? CYS A 10 ? THR A 8  CYS A 10 
A 2 THR B 8  ? CYS B 10 ? THR B 8  CYS B 10 
B 1 ILE A 24 ? TYR A 29 ? ILE A 24 TYR A 29 
B 2 VAL A 39 ? THR A 43 ? VAL A 39 THR A 43 
B 3 GLN A 48 ? ALA A 51 ? GLN A 48 ALA A 51 
C 1 ILE B 24 ? TYR B 29 ? ILE B 24 TYR B 29 
C 2 VAL B 39 ? THR B 43 ? VAL B 39 THR B 43 
C 3 GLN B 48 ? ALA B 51 ? GLN B 48 ALA B 51 
# 
loop_
_pdbx_struct_sheet_hbond.sheet_id 
_pdbx_struct_sheet_hbond.range_id_1 
_pdbx_struct_sheet_hbond.range_id_2 
_pdbx_struct_sheet_hbond.range_1_label_atom_id 
_pdbx_struct_sheet_hbond.range_1_label_comp_id 
_pdbx_struct_sheet_hbond.range_1_label_asym_id 
_pdbx_struct_sheet_hbond.range_1_label_seq_id 
_pdbx_struct_sheet_hbond.range_1_PDB_ins_code 
_pdbx_struct_sheet_hbond.range_1_auth_atom_id 
_pdbx_struct_sheet_hbond.range_1_auth_comp_id 
_pdbx_struct_sheet_hbond.range_1_auth_asym_id 
_pdbx_struct_sheet_hbond.range_1_auth_seq_id 
_pdbx_struct_sheet_hbond.range_2_label_atom_id 
_pdbx_struct_sheet_hbond.range_2_label_comp_id 
_pdbx_struct_sheet_hbond.range_2_label_asym_id 
_pdbx_struct_sheet_hbond.range_2_label_seq_id 
_pdbx_struct_sheet_hbond.range_2_PDB_ins_code 
_pdbx_struct_sheet_hbond.range_2_auth_atom_id 
_pdbx_struct_sheet_hbond.range_2_auth_comp_id 
_pdbx_struct_sheet_hbond.range_2_auth_asym_id 
_pdbx_struct_sheet_hbond.range_2_auth_seq_id 
A 1 2 N CYS A 10 ? N CYS A 10 O THR B 8  ? O THR B 8  
B 1 2 O PHE A 28 ? O PHE A 28 N VAL A 40 ? N VAL A 40 
B 2 3 N PHE A 41 ? N PHE A 41 O VAL A 49 ? O VAL A 49 
C 1 2 O PHE B 28 ? O PHE B 28 N VAL B 40 ? N VAL B 40 
C 2 3 N PHE B 41 ? N PHE B 41 O VAL B 49 ? O VAL B 49 
# 
loop_
_struct_site.id 
_struct_site.pdbx_evidence_code 
_struct_site.pdbx_auth_asym_id 
_struct_site.pdbx_auth_comp_id 
_struct_site.pdbx_auth_seq_id 
_struct_site.pdbx_auth_ins_code 
_struct_site.pdbx_num_residues 
_struct_site.details 
AC1 Software A SO4 198 ? 10 'BINDING SITE FOR RESIDUE SO4 A 198' 
AC2 Software B SO4 199 ? 8  'BINDING SITE FOR RESIDUE SO4 B 199' 
# 
loop_
_struct_site_gen.id 
_struct_site_gen.site_id 
_struct_site_gen.pdbx_num_res 
_struct_site_gen.label_comp_id 
_struct_site_gen.label_asym_id 
_struct_site_gen.label_seq_id 
_struct_site_gen.pdbx_auth_ins_code 
_struct_site_gen.auth_comp_id 
_struct_site_gen.auth_asym_id 
_struct_site_gen.auth_seq_id 
_struct_site_gen.label_atom_id 
_struct_site_gen.label_alt_id 
_struct_site_gen.symmetry 
_struct_site_gen.details 
1  AC1 10 TYR A 3  ? TYR A 3    . ? 1_555 ? 
2  AC1 10 SER A 31 ? SER A 31   . ? 1_555 ? 
3  AC1 10 GLY A 32 ? GLY A 32   . ? 1_555 ? 
4  AC1 10 LYS A 33 ? LYS A 33   . ? 1_555 ? 
5  AC1 10 HOH E .  ? HOH A 1030 . ? 3_745 ? 
6  AC1 10 HOH E .  ? HOH A 1116 . ? 1_555 ? 
7  AC1 10 HOH E .  ? HOH A 1123 . ? 1_555 ? 
8  AC1 10 HOH E .  ? HOH A 1125 . ? 1_555 ? 
9  AC1 10 SER B 31 ? SER B 31   . ? 1_655 ? 
10 AC1 10 GLY B 32 ? GLY B 32   . ? 1_655 ? 
11 AC2 8  HIS B 23 ? HIS B 23   . ? 1_555 ? 
12 AC2 8  THR B 43 ? THR B 43   . ? 1_555 ? 
13 AC2 8  ARG B 44 ? ARG B 44   . ? 1_555 ? 
14 AC2 8  LYS B 45 ? LYS B 45   . ? 1_555 ? 
15 AC2 8  ARG B 47 ? ARG B 47   . ? 1_555 ? 
16 AC2 8  MET B 67 ? MET B 67   . ? 1_655 ? 
17 AC2 8  SER B 68 ? SER B 68   . ? 1_655 ? 
18 AC2 8  HOH F .  ? HOH B 1095 . ? 1_555 ? 
# 
_pdbx_entry_details.entry_id                   1EQT 
_pdbx_entry_details.compound_details           ? 
_pdbx_entry_details.source_details             ? 
_pdbx_entry_details.nonpolymer_details         ? 
_pdbx_entry_details.sequence_details           'INITIATING MET RETAINED.' 
_pdbx_entry_details.has_ligand_of_interest     ? 
_pdbx_entry_details.has_protein_modification   Y 
# 
loop_
_pdbx_validate_rmsd_angle.id 
_pdbx_validate_rmsd_angle.PDB_model_num 
_pdbx_validate_rmsd_angle.auth_atom_id_1 
_pdbx_validate_rmsd_angle.auth_asym_id_1 
_pdbx_validate_rmsd_angle.auth_comp_id_1 
_pdbx_validate_rmsd_angle.auth_seq_id_1 
_pdbx_validate_rmsd_angle.PDB_ins_code_1 
_pdbx_validate_rmsd_angle.label_alt_id_1 
_pdbx_validate_rmsd_angle.auth_atom_id_2 
_pdbx_validate_rmsd_angle.auth_asym_id_2 
_pdbx_validate_rmsd_angle.auth_comp_id_2 
_pdbx_validate_rmsd_angle.auth_seq_id_2 
_pdbx_validate_rmsd_angle.PDB_ins_code_2 
_pdbx_validate_rmsd_angle.label_alt_id_2 
_pdbx_validate_rmsd_angle.auth_atom_id_3 
_pdbx_validate_rmsd_angle.auth_asym_id_3 
_pdbx_validate_rmsd_angle.auth_comp_id_3 
_pdbx_validate_rmsd_angle.auth_seq_id_3 
_pdbx_validate_rmsd_angle.PDB_ins_code_3 
_pdbx_validate_rmsd_angle.label_alt_id_3 
_pdbx_validate_rmsd_angle.angle_value 
_pdbx_validate_rmsd_angle.angle_target_value 
_pdbx_validate_rmsd_angle.angle_deviation 
_pdbx_validate_rmsd_angle.angle_standard_deviation 
_pdbx_validate_rmsd_angle.linker_flag 
1 1 NE A ARG 21 ? ? CZ A ARG 21 ? ? NH1 A ARG 21 ? ? 117.12 120.30 -3.18 0.50 N 
2 1 NE B ARG 21 ? ? CZ B ARG 21 ? ? NH1 B ARG 21 ? ? 123.75 120.30 3.45  0.50 N 
# 
loop_
_pdbx_unobs_or_zero_occ_residues.id 
_pdbx_unobs_or_zero_occ_residues.PDB_model_num 
_pdbx_unobs_or_zero_occ_residues.polymer_flag 
_pdbx_unobs_or_zero_occ_residues.occupancy_flag 
_pdbx_unobs_or_zero_occ_residues.auth_asym_id 
_pdbx_unobs_or_zero_occ_residues.auth_comp_id 
_pdbx_unobs_or_zero_occ_residues.auth_seq_id 
_pdbx_unobs_or_zero_occ_residues.PDB_ins_code 
_pdbx_unobs_or_zero_occ_residues.label_asym_id 
_pdbx_unobs_or_zero_occ_residues.label_comp_id 
_pdbx_unobs_or_zero_occ_residues.label_seq_id 
1 1 Y 1 A MET 1 ? A MET 1 
2 1 Y 1 B MET 1 ? B MET 1 
# 
loop_
_chem_comp_atom.comp_id 
_chem_comp_atom.atom_id 
_chem_comp_atom.type_symbol 
_chem_comp_atom.pdbx_aromatic_flag 
_chem_comp_atom.pdbx_stereo_config 
_chem_comp_atom.pdbx_ordinal 
ALA N    N N N 1   
ALA CA   C N S 2   
ALA C    C N N 3   
ALA O    O N N 4   
ALA CB   C N N 5   
ALA OXT  O N N 6   
ALA H    H N N 7   
ALA H2   H N N 8   
ALA HA   H N N 9   
ALA HB1  H N N 10  
ALA HB2  H N N 11  
ALA HB3  H N N 12  
ALA HXT  H N N 13  
ARG N    N N N 14  
ARG CA   C N S 15  
ARG C    C N N 16  
ARG O    O N N 17  
ARG CB   C N N 18  
ARG CG   C N N 19  
ARG CD   C N N 20  
ARG NE   N N N 21  
ARG CZ   C N N 22  
ARG NH1  N N N 23  
ARG NH2  N N N 24  
ARG OXT  O N N 25  
ARG H    H N N 26  
ARG H2   H N N 27  
ARG HA   H N N 28  
ARG HB2  H N N 29  
ARG HB3  H N N 30  
ARG HG2  H N N 31  
ARG HG3  H N N 32  
ARG HD2  H N N 33  
ARG HD3  H N N 34  
ARG HE   H N N 35  
ARG HH11 H N N 36  
ARG HH12 H N N 37  
ARG HH21 H N N 38  
ARG HH22 H N N 39  
ARG HXT  H N N 40  
ASN N    N N N 41  
ASN CA   C N S 42  
ASN C    C N N 43  
ASN O    O N N 44  
ASN CB   C N N 45  
ASN CG   C N N 46  
ASN OD1  O N N 47  
ASN ND2  N N N 48  
ASN OXT  O N N 49  
ASN H    H N N 50  
ASN H2   H N N 51  
ASN HA   H N N 52  
ASN HB2  H N N 53  
ASN HB3  H N N 54  
ASN HD21 H N N 55  
ASN HD22 H N N 56  
ASN HXT  H N N 57  
ASP N    N N N 58  
ASP CA   C N S 59  
ASP C    C N N 60  
ASP O    O N N 61  
ASP CB   C N N 62  
ASP CG   C N N 63  
ASP OD1  O N N 64  
ASP OD2  O N N 65  
ASP OXT  O N N 66  
ASP H    H N N 67  
ASP H2   H N N 68  
ASP HA   H N N 69  
ASP HB2  H N N 70  
ASP HB3  H N N 71  
ASP HD2  H N N 72  
ASP HXT  H N N 73  
CYS N    N N N 74  
CYS CA   C N R 75  
CYS C    C N N 76  
CYS O    O N N 77  
CYS CB   C N N 78  
CYS SG   S N N 79  
CYS OXT  O N N 80  
CYS H    H N N 81  
CYS H2   H N N 82  
CYS HA   H N N 83  
CYS HB2  H N N 84  
CYS HB3  H N N 85  
CYS HG   H N N 86  
CYS HXT  H N N 87  
GLN N    N N N 88  
GLN CA   C N S 89  
GLN C    C N N 90  
GLN O    O N N 91  
GLN CB   C N N 92  
GLN CG   C N N 93  
GLN CD   C N N 94  
GLN OE1  O N N 95  
GLN NE2  N N N 96  
GLN OXT  O N N 97  
GLN H    H N N 98  
GLN H2   H N N 99  
GLN HA   H N N 100 
GLN HB2  H N N 101 
GLN HB3  H N N 102 
GLN HG2  H N N 103 
GLN HG3  H N N 104 
GLN HE21 H N N 105 
GLN HE22 H N N 106 
GLN HXT  H N N 107 
GLU N    N N N 108 
GLU CA   C N S 109 
GLU C    C N N 110 
GLU O    O N N 111 
GLU CB   C N N 112 
GLU CG   C N N 113 
GLU CD   C N N 114 
GLU OE1  O N N 115 
GLU OE2  O N N 116 
GLU OXT  O N N 117 
GLU H    H N N 118 
GLU H2   H N N 119 
GLU HA   H N N 120 
GLU HB2  H N N 121 
GLU HB3  H N N 122 
GLU HG2  H N N 123 
GLU HG3  H N N 124 
GLU HE2  H N N 125 
GLU HXT  H N N 126 
GLY N    N N N 127 
GLY CA   C N N 128 
GLY C    C N N 129 
GLY O    O N N 130 
GLY OXT  O N N 131 
GLY H    H N N 132 
GLY H2   H N N 133 
GLY HA2  H N N 134 
GLY HA3  H N N 135 
GLY HXT  H N N 136 
HIS N    N N N 137 
HIS CA   C N S 138 
HIS C    C N N 139 
HIS O    O N N 140 
HIS CB   C N N 141 
HIS CG   C Y N 142 
HIS ND1  N Y N 143 
HIS CD2  C Y N 144 
HIS CE1  C Y N 145 
HIS NE2  N Y N 146 
HIS OXT  O N N 147 
HIS H    H N N 148 
HIS H2   H N N 149 
HIS HA   H N N 150 
HIS HB2  H N N 151 
HIS HB3  H N N 152 
HIS HD1  H N N 153 
HIS HD2  H N N 154 
HIS HE1  H N N 155 
HIS HE2  H N N 156 
HIS HXT  H N N 157 
HOH O    O N N 158 
HOH H1   H N N 159 
HOH H2   H N N 160 
ILE N    N N N 161 
ILE CA   C N S 162 
ILE C    C N N 163 
ILE O    O N N 164 
ILE CB   C N S 165 
ILE CG1  C N N 166 
ILE CG2  C N N 167 
ILE CD1  C N N 168 
ILE OXT  O N N 169 
ILE H    H N N 170 
ILE H2   H N N 171 
ILE HA   H N N 172 
ILE HB   H N N 173 
ILE HG12 H N N 174 
ILE HG13 H N N 175 
ILE HG21 H N N 176 
ILE HG22 H N N 177 
ILE HG23 H N N 178 
ILE HD11 H N N 179 
ILE HD12 H N N 180 
ILE HD13 H N N 181 
ILE HXT  H N N 182 
LEU N    N N N 183 
LEU CA   C N S 184 
LEU C    C N N 185 
LEU O    O N N 186 
LEU CB   C N N 187 
LEU CG   C N N 188 
LEU CD1  C N N 189 
LEU CD2  C N N 190 
LEU OXT  O N N 191 
LEU H    H N N 192 
LEU H2   H N N 193 
LEU HA   H N N 194 
LEU HB2  H N N 195 
LEU HB3  H N N 196 
LEU HG   H N N 197 
LEU HD11 H N N 198 
LEU HD12 H N N 199 
LEU HD13 H N N 200 
LEU HD21 H N N 201 
LEU HD22 H N N 202 
LEU HD23 H N N 203 
LEU HXT  H N N 204 
LYS N    N N N 205 
LYS CA   C N S 206 
LYS C    C N N 207 
LYS O    O N N 208 
LYS CB   C N N 209 
LYS CG   C N N 210 
LYS CD   C N N 211 
LYS CE   C N N 212 
LYS NZ   N N N 213 
LYS OXT  O N N 214 
LYS H    H N N 215 
LYS H2   H N N 216 
LYS HA   H N N 217 
LYS HB2  H N N 218 
LYS HB3  H N N 219 
LYS HG2  H N N 220 
LYS HG3  H N N 221 
LYS HD2  H N N 222 
LYS HD3  H N N 223 
LYS HE2  H N N 224 
LYS HE3  H N N 225 
LYS HZ1  H N N 226 
LYS HZ2  H N N 227 
LYS HZ3  H N N 228 
LYS HXT  H N N 229 
MET N    N N N 230 
MET CA   C N S 231 
MET C    C N N 232 
MET O    O N N 233 
MET CB   C N N 234 
MET CG   C N N 235 
MET SD   S N N 236 
MET CE   C N N 237 
MET OXT  O N N 238 
MET H    H N N 239 
MET H2   H N N 240 
MET HA   H N N 241 
MET HB2  H N N 242 
MET HB3  H N N 243 
MET HG2  H N N 244 
MET HG3  H N N 245 
MET HE1  H N N 246 
MET HE2  H N N 247 
MET HE3  H N N 248 
MET HXT  H N N 249 
PHE N    N N N 250 
PHE CA   C N S 251 
PHE C    C N N 252 
PHE O    O N N 253 
PHE CB   C N N 254 
PHE CG   C Y N 255 
PHE CD1  C Y N 256 
PHE CD2  C Y N 257 
PHE CE1  C Y N 258 
PHE CE2  C Y N 259 
PHE CZ   C Y N 260 
PHE OXT  O N N 261 
PHE H    H N N 262 
PHE H2   H N N 263 
PHE HA   H N N 264 
PHE HB2  H N N 265 
PHE HB3  H N N 266 
PHE HD1  H N N 267 
PHE HD2  H N N 268 
PHE HE1  H N N 269 
PHE HE2  H N N 270 
PHE HZ   H N N 271 
PHE HXT  H N N 272 
PRO N    N N N 273 
PRO CA   C N S 274 
PRO C    C N N 275 
PRO O    O N N 276 
PRO CB   C N N 277 
PRO CG   C N N 278 
PRO CD   C N N 279 
PRO OXT  O N N 280 
PRO H    H N N 281 
PRO HA   H N N 282 
PRO HB2  H N N 283 
PRO HB3  H N N 284 
PRO HG2  H N N 285 
PRO HG3  H N N 286 
PRO HD2  H N N 287 
PRO HD3  H N N 288 
PRO HXT  H N N 289 
SER N    N N N 290 
SER CA   C N S 291 
SER C    C N N 292 
SER O    O N N 293 
SER CB   C N N 294 
SER OG   O N N 295 
SER OXT  O N N 296 
SER H    H N N 297 
SER H2   H N N 298 
SER HA   H N N 299 
SER HB2  H N N 300 
SER HB3  H N N 301 
SER HG   H N N 302 
SER HXT  H N N 303 
SO4 S    S N N 304 
SO4 O1   O N N 305 
SO4 O2   O N N 306 
SO4 O3   O N N 307 
SO4 O4   O N N 308 
THR N    N N N 309 
THR CA   C N S 310 
THR C    C N N 311 
THR O    O N N 312 
THR CB   C N R 313 
THR OG1  O N N 314 
THR CG2  C N N 315 
THR OXT  O N N 316 
THR H    H N N 317 
THR H2   H N N 318 
THR HA   H N N 319 
THR HB   H N N 320 
THR HG1  H N N 321 
THR HG21 H N N 322 
THR HG22 H N N 323 
THR HG23 H N N 324 
THR HXT  H N N 325 
TRP N    N N N 326 
TRP CA   C N S 327 
TRP C    C N N 328 
TRP O    O N N 329 
TRP CB   C N N 330 
TRP CG   C Y N 331 
TRP CD1  C Y N 332 
TRP CD2  C Y N 333 
TRP NE1  N Y N 334 
TRP CE2  C Y N 335 
TRP CE3  C Y N 336 
TRP CZ2  C Y N 337 
TRP CZ3  C Y N 338 
TRP CH2  C Y N 339 
TRP OXT  O N N 340 
TRP H    H N N 341 
TRP H2   H N N 342 
TRP HA   H N N 343 
TRP HB2  H N N 344 
TRP HB3  H N N 345 
TRP HD1  H N N 346 
TRP HE1  H N N 347 
TRP HE3  H N N 348 
TRP HZ2  H N N 349 
TRP HZ3  H N N 350 
TRP HH2  H N N 351 
TRP HXT  H N N 352 
TYR N    N N N 353 
TYR CA   C N S 354 
TYR C    C N N 355 
TYR O    O N N 356 
TYR CB   C N N 357 
TYR CG   C Y N 358 
TYR CD1  C Y N 359 
TYR CD2  C Y N 360 
TYR CE1  C Y N 361 
TYR CE2  C Y N 362 
TYR CZ   C Y N 363 
TYR OH   O N N 364 
TYR OXT  O N N 365 
TYR H    H N N 366 
TYR H2   H N N 367 
TYR HA   H N N 368 
TYR HB2  H N N 369 
TYR HB3  H N N 370 
TYR HD1  H N N 371 
TYR HD2  H N N 372 
TYR HE1  H N N 373 
TYR HE2  H N N 374 
TYR HH   H N N 375 
TYR HXT  H N N 376 
VAL N    N N N 377 
VAL CA   C N S 378 
VAL C    C N N 379 
VAL O    O N N 380 
VAL CB   C N N 381 
VAL CG1  C N N 382 
VAL CG2  C N N 383 
VAL OXT  O N N 384 
VAL H    H N N 385 
VAL H2   H N N 386 
VAL HA   H N N 387 
VAL HB   H N N 388 
VAL HG11 H N N 389 
VAL HG12 H N N 390 
VAL HG13 H N N 391 
VAL HG21 H N N 392 
VAL HG22 H N N 393 
VAL HG23 H N N 394 
VAL HXT  H N N 395 
# 
loop_
_chem_comp_bond.comp_id 
_chem_comp_bond.atom_id_1 
_chem_comp_bond.atom_id_2 
_chem_comp_bond.value_order 
_chem_comp_bond.pdbx_aromatic_flag 
_chem_comp_bond.pdbx_stereo_config 
_chem_comp_bond.pdbx_ordinal 
ALA N   CA   sing N N 1   
ALA N   H    sing N N 2   
ALA N   H2   sing N N 3   
ALA CA  C    sing N N 4   
ALA CA  CB   sing N N 5   
ALA CA  HA   sing N N 6   
ALA C   O    doub N N 7   
ALA C   OXT  sing N N 8   
ALA CB  HB1  sing N N 9   
ALA CB  HB2  sing N N 10  
ALA CB  HB3  sing N N 11  
ALA OXT HXT  sing N N 12  
ARG N   CA   sing N N 13  
ARG N   H    sing N N 14  
ARG N   H2   sing N N 15  
ARG CA  C    sing N N 16  
ARG CA  CB   sing N N 17  
ARG CA  HA   sing N N 18  
ARG C   O    doub N N 19  
ARG C   OXT  sing N N 20  
ARG CB  CG   sing N N 21  
ARG CB  HB2  sing N N 22  
ARG CB  HB3  sing N N 23  
ARG CG  CD   sing N N 24  
ARG CG  HG2  sing N N 25  
ARG CG  HG3  sing N N 26  
ARG CD  NE   sing N N 27  
ARG CD  HD2  sing N N 28  
ARG CD  HD3  sing N N 29  
ARG NE  CZ   sing N N 30  
ARG NE  HE   sing N N 31  
ARG CZ  NH1  sing N N 32  
ARG CZ  NH2  doub N N 33  
ARG NH1 HH11 sing N N 34  
ARG NH1 HH12 sing N N 35  
ARG NH2 HH21 sing N N 36  
ARG NH2 HH22 sing N N 37  
ARG OXT HXT  sing N N 38  
ASN N   CA   sing N N 39  
ASN N   H    sing N N 40  
ASN N   H2   sing N N 41  
ASN CA  C    sing N N 42  
ASN CA  CB   sing N N 43  
ASN CA  HA   sing N N 44  
ASN C   O    doub N N 45  
ASN C   OXT  sing N N 46  
ASN CB  CG   sing N N 47  
ASN CB  HB2  sing N N 48  
ASN CB  HB3  sing N N 49  
ASN CG  OD1  doub N N 50  
ASN CG  ND2  sing N N 51  
ASN ND2 HD21 sing N N 52  
ASN ND2 HD22 sing N N 53  
ASN OXT HXT  sing N N 54  
ASP N   CA   sing N N 55  
ASP N   H    sing N N 56  
ASP N   H2   sing N N 57  
ASP CA  C    sing N N 58  
ASP CA  CB   sing N N 59  
ASP CA  HA   sing N N 60  
ASP C   O    doub N N 61  
ASP C   OXT  sing N N 62  
ASP CB  CG   sing N N 63  
ASP CB  HB2  sing N N 64  
ASP CB  HB3  sing N N 65  
ASP CG  OD1  doub N N 66  
ASP CG  OD2  sing N N 67  
ASP OD2 HD2  sing N N 68  
ASP OXT HXT  sing N N 69  
CYS N   CA   sing N N 70  
CYS N   H    sing N N 71  
CYS N   H2   sing N N 72  
CYS CA  C    sing N N 73  
CYS CA  CB   sing N N 74  
CYS CA  HA   sing N N 75  
CYS C   O    doub N N 76  
CYS C   OXT  sing N N 77  
CYS CB  SG   sing N N 78  
CYS CB  HB2  sing N N 79  
CYS CB  HB3  sing N N 80  
CYS SG  HG   sing N N 81  
CYS OXT HXT  sing N N 82  
GLN N   CA   sing N N 83  
GLN N   H    sing N N 84  
GLN N   H2   sing N N 85  
GLN CA  C    sing N N 86  
GLN CA  CB   sing N N 87  
GLN CA  HA   sing N N 88  
GLN C   O    doub N N 89  
GLN C   OXT  sing N N 90  
GLN CB  CG   sing N N 91  
GLN CB  HB2  sing N N 92  
GLN CB  HB3  sing N N 93  
GLN CG  CD   sing N N 94  
GLN CG  HG2  sing N N 95  
GLN CG  HG3  sing N N 96  
GLN CD  OE1  doub N N 97  
GLN CD  NE2  sing N N 98  
GLN NE2 HE21 sing N N 99  
GLN NE2 HE22 sing N N 100 
GLN OXT HXT  sing N N 101 
GLU N   CA   sing N N 102 
GLU N   H    sing N N 103 
GLU N   H2   sing N N 104 
GLU CA  C    sing N N 105 
GLU CA  CB   sing N N 106 
GLU CA  HA   sing N N 107 
GLU C   O    doub N N 108 
GLU C   OXT  sing N N 109 
GLU CB  CG   sing N N 110 
GLU CB  HB2  sing N N 111 
GLU CB  HB3  sing N N 112 
GLU CG  CD   sing N N 113 
GLU CG  HG2  sing N N 114 
GLU CG  HG3  sing N N 115 
GLU CD  OE1  doub N N 116 
GLU CD  OE2  sing N N 117 
GLU OE2 HE2  sing N N 118 
GLU OXT HXT  sing N N 119 
GLY N   CA   sing N N 120 
GLY N   H    sing N N 121 
GLY N   H2   sing N N 122 
GLY CA  C    sing N N 123 
GLY CA  HA2  sing N N 124 
GLY CA  HA3  sing N N 125 
GLY C   O    doub N N 126 
GLY C   OXT  sing N N 127 
GLY OXT HXT  sing N N 128 
HIS N   CA   sing N N 129 
HIS N   H    sing N N 130 
HIS N   H2   sing N N 131 
HIS CA  C    sing N N 132 
HIS CA  CB   sing N N 133 
HIS CA  HA   sing N N 134 
HIS C   O    doub N N 135 
HIS C   OXT  sing N N 136 
HIS CB  CG   sing N N 137 
HIS CB  HB2  sing N N 138 
HIS CB  HB3  sing N N 139 
HIS CG  ND1  sing Y N 140 
HIS CG  CD2  doub Y N 141 
HIS ND1 CE1  doub Y N 142 
HIS ND1 HD1  sing N N 143 
HIS CD2 NE2  sing Y N 144 
HIS CD2 HD2  sing N N 145 
HIS CE1 NE2  sing Y N 146 
HIS CE1 HE1  sing N N 147 
HIS NE2 HE2  sing N N 148 
HIS OXT HXT  sing N N 149 
HOH O   H1   sing N N 150 
HOH O   H2   sing N N 151 
ILE N   CA   sing N N 152 
ILE N   H    sing N N 153 
ILE N   H2   sing N N 154 
ILE CA  C    sing N N 155 
ILE CA  CB   sing N N 156 
ILE CA  HA   sing N N 157 
ILE C   O    doub N N 158 
ILE C   OXT  sing N N 159 
ILE CB  CG1  sing N N 160 
ILE CB  CG2  sing N N 161 
ILE CB  HB   sing N N 162 
ILE CG1 CD1  sing N N 163 
ILE CG1 HG12 sing N N 164 
ILE CG1 HG13 sing N N 165 
ILE CG2 HG21 sing N N 166 
ILE CG2 HG22 sing N N 167 
ILE CG2 HG23 sing N N 168 
ILE CD1 HD11 sing N N 169 
ILE CD1 HD12 sing N N 170 
ILE CD1 HD13 sing N N 171 
ILE OXT HXT  sing N N 172 
LEU N   CA   sing N N 173 
LEU N   H    sing N N 174 
LEU N   H2   sing N N 175 
LEU CA  C    sing N N 176 
LEU CA  CB   sing N N 177 
LEU CA  HA   sing N N 178 
LEU C   O    doub N N 179 
LEU C   OXT  sing N N 180 
LEU CB  CG   sing N N 181 
LEU CB  HB2  sing N N 182 
LEU CB  HB3  sing N N 183 
LEU CG  CD1  sing N N 184 
LEU CG  CD2  sing N N 185 
LEU CG  HG   sing N N 186 
LEU CD1 HD11 sing N N 187 
LEU CD1 HD12 sing N N 188 
LEU CD1 HD13 sing N N 189 
LEU CD2 HD21 sing N N 190 
LEU CD2 HD22 sing N N 191 
LEU CD2 HD23 sing N N 192 
LEU OXT HXT  sing N N 193 
LYS N   CA   sing N N 194 
LYS N   H    sing N N 195 
LYS N   H2   sing N N 196 
LYS CA  C    sing N N 197 
LYS CA  CB   sing N N 198 
LYS CA  HA   sing N N 199 
LYS C   O    doub N N 200 
LYS C   OXT  sing N N 201 
LYS CB  CG   sing N N 202 
LYS CB  HB2  sing N N 203 
LYS CB  HB3  sing N N 204 
LYS CG  CD   sing N N 205 
LYS CG  HG2  sing N N 206 
LYS CG  HG3  sing N N 207 
LYS CD  CE   sing N N 208 
LYS CD  HD2  sing N N 209 
LYS CD  HD3  sing N N 210 
LYS CE  NZ   sing N N 211 
LYS CE  HE2  sing N N 212 
LYS CE  HE3  sing N N 213 
LYS NZ  HZ1  sing N N 214 
LYS NZ  HZ2  sing N N 215 
LYS NZ  HZ3  sing N N 216 
LYS OXT HXT  sing N N 217 
MET N   CA   sing N N 218 
MET N   H    sing N N 219 
MET N   H2   sing N N 220 
MET CA  C    sing N N 221 
MET CA  CB   sing N N 222 
MET CA  HA   sing N N 223 
MET C   O    doub N N 224 
MET C   OXT  sing N N 225 
MET CB  CG   sing N N 226 
MET CB  HB2  sing N N 227 
MET CB  HB3  sing N N 228 
MET CG  SD   sing N N 229 
MET CG  HG2  sing N N 230 
MET CG  HG3  sing N N 231 
MET SD  CE   sing N N 232 
MET CE  HE1  sing N N 233 
MET CE  HE2  sing N N 234 
MET CE  HE3  sing N N 235 
MET OXT HXT  sing N N 236 
PHE N   CA   sing N N 237 
PHE N   H    sing N N 238 
PHE N   H2   sing N N 239 
PHE CA  C    sing N N 240 
PHE CA  CB   sing N N 241 
PHE CA  HA   sing N N 242 
PHE C   O    doub N N 243 
PHE C   OXT  sing N N 244 
PHE CB  CG   sing N N 245 
PHE CB  HB2  sing N N 246 
PHE CB  HB3  sing N N 247 
PHE CG  CD1  doub Y N 248 
PHE CG  CD2  sing Y N 249 
PHE CD1 CE1  sing Y N 250 
PHE CD1 HD1  sing N N 251 
PHE CD2 CE2  doub Y N 252 
PHE CD2 HD2  sing N N 253 
PHE CE1 CZ   doub Y N 254 
PHE CE1 HE1  sing N N 255 
PHE CE2 CZ   sing Y N 256 
PHE CE2 HE2  sing N N 257 
PHE CZ  HZ   sing N N 258 
PHE OXT HXT  sing N N 259 
PRO N   CA   sing N N 260 
PRO N   CD   sing N N 261 
PRO N   H    sing N N 262 
PRO CA  C    sing N N 263 
PRO CA  CB   sing N N 264 
PRO CA  HA   sing N N 265 
PRO C   O    doub N N 266 
PRO C   OXT  sing N N 267 
PRO CB  CG   sing N N 268 
PRO CB  HB2  sing N N 269 
PRO CB  HB3  sing N N 270 
PRO CG  CD   sing N N 271 
PRO CG  HG2  sing N N 272 
PRO CG  HG3  sing N N 273 
PRO CD  HD2  sing N N 274 
PRO CD  HD3  sing N N 275 
PRO OXT HXT  sing N N 276 
SER N   CA   sing N N 277 
SER N   H    sing N N 278 
SER N   H2   sing N N 279 
SER CA  C    sing N N 280 
SER CA  CB   sing N N 281 
SER CA  HA   sing N N 282 
SER C   O    doub N N 283 
SER C   OXT  sing N N 284 
SER CB  OG   sing N N 285 
SER CB  HB2  sing N N 286 
SER CB  HB3  sing N N 287 
SER OG  HG   sing N N 288 
SER OXT HXT  sing N N 289 
SO4 S   O1   doub N N 290 
SO4 S   O2   doub N N 291 
SO4 S   O3   sing N N 292 
SO4 S   O4   sing N N 293 
THR N   CA   sing N N 294 
THR N   H    sing N N 295 
THR N   H2   sing N N 296 
THR CA  C    sing N N 297 
THR CA  CB   sing N N 298 
THR CA  HA   sing N N 299 
THR C   O    doub N N 300 
THR C   OXT  sing N N 301 
THR CB  OG1  sing N N 302 
THR CB  CG2  sing N N 303 
THR CB  HB   sing N N 304 
THR OG1 HG1  sing N N 305 
THR CG2 HG21 sing N N 306 
THR CG2 HG22 sing N N 307 
THR CG2 HG23 sing N N 308 
THR OXT HXT  sing N N 309 
TRP N   CA   sing N N 310 
TRP N   H    sing N N 311 
TRP N   H2   sing N N 312 
TRP CA  C    sing N N 313 
TRP CA  CB   sing N N 314 
TRP CA  HA   sing N N 315 
TRP C   O    doub N N 316 
TRP C   OXT  sing N N 317 
TRP CB  CG   sing N N 318 
TRP CB  HB2  sing N N 319 
TRP CB  HB3  sing N N 320 
TRP CG  CD1  doub Y N 321 
TRP CG  CD2  sing Y N 322 
TRP CD1 NE1  sing Y N 323 
TRP CD1 HD1  sing N N 324 
TRP CD2 CE2  doub Y N 325 
TRP CD2 CE3  sing Y N 326 
TRP NE1 CE2  sing Y N 327 
TRP NE1 HE1  sing N N 328 
TRP CE2 CZ2  sing Y N 329 
TRP CE3 CZ3  doub Y N 330 
TRP CE3 HE3  sing N N 331 
TRP CZ2 CH2  doub Y N 332 
TRP CZ2 HZ2  sing N N 333 
TRP CZ3 CH2  sing Y N 334 
TRP CZ3 HZ3  sing N N 335 
TRP CH2 HH2  sing N N 336 
TRP OXT HXT  sing N N 337 
TYR N   CA   sing N N 338 
TYR N   H    sing N N 339 
TYR N   H2   sing N N 340 
TYR CA  C    sing N N 341 
TYR CA  CB   sing N N 342 
TYR CA  HA   sing N N 343 
TYR C   O    doub N N 344 
TYR C   OXT  sing N N 345 
TYR CB  CG   sing N N 346 
TYR CB  HB2  sing N N 347 
TYR CB  HB3  sing N N 348 
TYR CG  CD1  doub Y N 349 
TYR CG  CD2  sing Y N 350 
TYR CD1 CE1  sing Y N 351 
TYR CD1 HD1  sing N N 352 
TYR CD2 CE2  doub Y N 353 
TYR CD2 HD2  sing N N 354 
TYR CE1 CZ   doub Y N 355 
TYR CE1 HE1  sing N N 356 
TYR CE2 CZ   sing Y N 357 
TYR CE2 HE2  sing N N 358 
TYR CZ  OH   sing N N 359 
TYR OH  HH   sing N N 360 
TYR OXT HXT  sing N N 361 
VAL N   CA   sing N N 362 
VAL N   H    sing N N 363 
VAL N   H2   sing N N 364 
VAL CA  C    sing N N 365 
VAL CA  CB   sing N N 366 
VAL CA  HA   sing N N 367 
VAL C   O    doub N N 368 
VAL C   OXT  sing N N 369 
VAL CB  CG1  sing N N 370 
VAL CB  CG2  sing N N 371 
VAL CB  HB   sing N N 372 
VAL CG1 HG11 sing N N 373 
VAL CG1 HG12 sing N N 374 
VAL CG1 HG13 sing N N 375 
VAL CG2 HG21 sing N N 376 
VAL CG2 HG22 sing N N 377 
VAL CG2 HG23 sing N N 378 
VAL OXT HXT  sing N N 379 
# 
_pdbx_initial_refinement_model.id               1 
_pdbx_initial_refinement_model.entity_id_list   ? 
_pdbx_initial_refinement_model.type             'experimental model' 
_pdbx_initial_refinement_model.source_name      PDB 
_pdbx_initial_refinement_model.accession_code   1RTN 
_pdbx_initial_refinement_model.details          'RANTES (NMR MODEL 1RTN)' 
# 
_atom_sites.entry_id                    1EQT 
_atom_sites.fract_transf_matrix[1][1]   -0.00091250 
_atom_sites.fract_transf_matrix[1][2]   0.03849544 
_atom_sites.fract_transf_matrix[1][3]   0.01583219 
_atom_sites.fract_transf_matrix[2][1]   0.00381964 
_atom_sites.fract_transf_matrix[2][2]   -0.00645847 
_atom_sites.fract_transf_matrix[2][3]   0.01592370 
_atom_sites.fract_transf_matrix[3][1]   0.01039754 
_atom_sites.fract_transf_matrix[3][2]   0.00109034 
_atom_sites.fract_transf_matrix[3][3]   -0.00205185 
_atom_sites.fract_transf_vector[1]      0.755757 
_atom_sites.fract_transf_vector[2]      0.674001 
_atom_sites.fract_transf_vector[3]      0.377675 
# 
loop_
_atom_type.symbol 
C 
N 
O 
S 
# 
loop_
_atom_site.group_PDB 
_atom_site.id 
_atom_site.type_symbol 
_atom_site.label_atom_id 
_atom_site.label_alt_id 
_atom_site.label_comp_id 
_atom_site.label_asym_id 
_atom_site.label_entity_id 
_atom_site.label_seq_id 
_atom_site.pdbx_PDB_ins_code 
_atom_site.Cartn_x 
_atom_site.Cartn_y 
_atom_site.Cartn_z 
_atom_site.occupancy 
_atom_site.B_iso_or_equiv 
_atom_site.pdbx_formal_charge 
_atom_site.auth_seq_id 
_atom_site.auth_comp_id 
_atom_site.auth_asym_id 
_atom_site.auth_atom_id 
_atom_site.pdbx_PDB_model_num 
ATOM   1    N N   . GLY A 1 2  ? 2.637   15.795  -10.521 1.00 86.80  ? 2    GLY A N   1 
ATOM   2    C CA  . GLY A 1 2  ? 3.857   15.234  -9.981  1.00 68.82  ? 2    GLY A CA  1 
ATOM   3    C C   . GLY A 1 2  ? 3.766   14.881  -8.512  1.00 59.82  ? 2    GLY A C   1 
ATOM   4    O O   . GLY A 1 2  ? 3.841   15.730  -7.619  1.00 69.99  ? 2    GLY A O   1 
ATOM   5    N N   . TYR A 1 3  ? 3.593   13.597  -8.199  1.00 41.11  ? 3    TYR A N   1 
ATOM   6    C CA  . TYR A 1 3  ? 3.483   13.263  -6.775  1.00 51.28  ? 3    TYR A CA  1 
ATOM   7    C C   . TYR A 1 3  ? 4.547   12.258  -6.355  1.00 37.11  ? 3    TYR A C   1 
ATOM   8    O O   . TYR A 1 3  ? 5.462   11.959  -7.130  1.00 32.43  ? 3    TYR A O   1 
ATOM   9    C CB  . TYR A 1 3  ? 2.092   12.710  -6.483  1.00 65.66  ? 3    TYR A CB  1 
ATOM   10   C CG  . TYR A 1 3  ? 1.484   13.186  -5.188  1.00 71.93  ? 3    TYR A CG  1 
ATOM   11   C CD1 . TYR A 1 3  ? 0.603   14.259  -5.179  1.00 85.89  ? 3    TYR A CD1 1 
ATOM   12   C CD2 . TYR A 1 3  ? 1.784   12.568  -3.983  1.00 73.07  ? 3    TYR A CD2 1 
ATOM   13   C CE1 . TYR A 1 3  ? 0.034   14.711  -4.003  1.00 91.41  ? 3    TYR A CE1 1 
ATOM   14   C CE2 . TYR A 1 3  ? 1.220   13.011  -2.801  1.00 84.82  ? 3    TYR A CE2 1 
ATOM   15   C CZ  . TYR A 1 3  ? 0.347   14.081  -2.815  1.00 91.52  ? 3    TYR A CZ  1 
ATOM   16   O OH  . TYR A 1 3  ? -0.219  14.529  -1.641  1.00 90.14  ? 3    TYR A OH  1 
ATOM   17   N N   . SER A 1 4  ? 4.424   11.741  -5.134  1.00 28.35  ? 4    SER A N   1 
ATOM   18   C CA  . SER A 1 4  ? 5.385   10.747  -4.687  1.00 29.33  ? 4    SER A CA  1 
ATOM   19   C C   . SER A 1 4  ? 5.379   9.534   -5.633  1.00 26.86  ? 4    SER A C   1 
ATOM   20   O O   . SER A 1 4  ? 4.320   9.173   -6.173  1.00 23.08  ? 4    SER A O   1 
ATOM   21   C CB  . SER A 1 4  ? 5.127   10.217  -3.278  1.00 22.67  ? 4    SER A CB  1 
ATOM   22   O OG  . SER A 1 4  ? 5.387   11.225  -2.314  1.00 59.44  ? 4    SER A OG  1 
ATOM   23   N N   . SER A 1 5  ? 6.593   9.004   -5.738  1.00 21.71  ? 5    SER A N   1 
ATOM   24   C CA  . SER A 1 5  ? 6.780   7.760   -6.489  1.00 23.50  ? 5    SER A CA  1 
ATOM   25   C C   . SER A 1 5  ? 6.871   6.621   -5.486  1.00 19.11  ? 5    SER A C   1 
ATOM   26   O O   . SER A 1 5  ? 7.191   5.483   -5.833  1.00 19.02  ? 5    SER A O   1 
ATOM   27   C CB  . SER A 1 5  ? 7.990   7.753   -7.415  1.00 24.57  ? 5    SER A CB  1 
ATOM   28   O OG  . SER A 1 5  ? 9.159   8.147   -6.741  1.00 32.04  ? 5    SER A OG  1 
ATOM   29   N N   . ASP A 1 6  ? 6.538   6.963   -4.233  1.00 20.75  ? 6    ASP A N   1 
ATOM   30   C CA  . ASP A 1 6  ? 6.562   5.871   -3.240  1.00 21.54  ? 6    ASP A CA  1 
ATOM   31   C C   . ASP A 1 6  ? 5.252   5.097   -3.297  1.00 20.41  ? 6    ASP A C   1 
ATOM   32   O O   . ASP A 1 6  ? 4.225   5.656   -3.728  1.00 17.80  ? 6    ASP A O   1 
ATOM   33   C CB  . ASP A 1 6  ? 6.800   6.451   -1.848  1.00 24.17  ? 6    ASP A CB  1 
ATOM   34   C CG  . ASP A 1 6  ? 8.204   7.077   -1.815  1.00 34.16  ? 6    ASP A CG  1 
ATOM   35   O OD1 . ASP A 1 6  ? 8.313   8.235   -1.383  1.00 69.51  ? 6    ASP A OD1 1 
ATOM   36   O OD2 . ASP A 1 6  ? 9.171   6.398   -2.231  1.00 40.43  ? 6    ASP A OD2 1 
ATOM   37   N N   . THR A 1 7  ? 5.276   3.838   -2.865  1.00 17.12  ? 7    THR A N   1 
ATOM   38   C CA  . THR A 1 7  ? 3.984   3.136   -2.843  1.00 13.21  ? 7    THR A CA  1 
ATOM   39   C C   . THR A 1 7  ? 3.111   3.743   -1.749  1.00 16.96  ? 7    THR A C   1 
ATOM   40   O O   . THR A 1 7  ? 3.610   4.379   -0.808  1.00 20.70  ? 7    THR A O   1 
ATOM   41   C CB  . THR A 1 7  ? 4.109   1.628   -2.575  1.00 15.23  ? 7    THR A CB  1 
ATOM   42   O OG1 . THR A 1 7  ? 4.816   1.479   -1.335  1.00 20.19  ? 7    THR A OG1 1 
ATOM   43   C CG2 . THR A 1 7  ? 4.901   0.934   -3.667  1.00 17.33  ? 7    THR A CG2 1 
ATOM   44   N N   . THR A 1 8  ? 1.803   3.500   -1.838  1.00 15.16  ? 8    THR A N   1 
ATOM   45   C CA  . THR A 1 8  ? 0.920   3.894   -0.717  1.00 15.90  ? 8    THR A CA  1 
ATOM   46   C C   . THR A 1 8  ? -0.130  2.797   -0.533  1.00 12.81  ? 8    THR A C   1 
ATOM   47   O O   . THR A 1 8  ? -0.571  2.212   -1.542  1.00 13.37  ? 8    THR A O   1 
ATOM   48   C CB  . THR A 1 8  ? 0.337   5.292   -0.967  1.00 21.81  ? 8    THR A CB  1 
ATOM   49   O OG1 . THR A 1 8  ? -0.350  5.749   0.215   1.00 19.03  ? 8    THR A OG1 1 
ATOM   50   C CG2 . THR A 1 8  ? -0.663  5.270   -2.112  1.00 20.13  ? 8    THR A CG2 1 
ATOM   51   N N   . PRO A 1 9  ? -0.542  2.440   0.673   1.00 12.18  ? 9    PRO A N   1 
ATOM   52   C CA  . PRO A 1 9  ? -1.464  1.323   0.836   1.00 12.98  ? 9    PRO A CA  1 
ATOM   53   C C   . PRO A 1 9  ? -2.891  1.674   0.433   1.00 14.67  ? 9    PRO A C   1 
ATOM   54   O O   . PRO A 1 9  ? -3.425  2.730   0.812   1.00 16.75  ? 9    PRO A O   1 
ATOM   55   C CB  . PRO A 1 9  ? -1.384  1.029   2.343   1.00 16.57  ? 9    PRO A CB  1 
ATOM   56   C CG  . PRO A 1 9  ? -1.063  2.358   2.949   1.00 17.29  ? 9    PRO A CG  1 
ATOM   57   C CD  . PRO A 1 9  ? -0.148  3.039   1.966   1.00 14.97  ? 9    PRO A CD  1 
ATOM   58   N N   . CYS A 1 10 ? -3.485  0.755   -0.315  1.00 12.39  ? 10   CYS A N   1 
ATOM   59   C CA  . CYS A 1 10 ? -4.900  0.850   -0.645  1.00 11.91  ? 10   CYS A CA  1 
ATOM   60   C C   . CYS A 1 10 ? -5.665  -0.389  -0.171  1.00 17.32  ? 10   CYS A C   1 
ATOM   61   O O   . CYS A 1 10 ? -5.054  -1.445  0.050   1.00 15.17  ? 10   CYS A O   1 
ATOM   62   C CB  . CYS A 1 10 ? -5.061  1.025   -2.163  1.00 13.09  ? 10   CYS A CB  1 
ATOM   63   S SG  . CYS A 1 10 ? -4.371  2.559   -2.843  1.00 14.91  ? 10   CYS A SG  1 
ATOM   64   N N   . CYS A 1 11 ? -6.989  -0.261  -0.057  1.00 13.86  ? 11   CYS A N   1 
ATOM   65   C CA  . CYS A 1 11 ? -7.889  -1.330  0.337   1.00 11.95  ? 11   CYS A CA  1 
ATOM   66   C C   . CYS A 1 11 ? -8.799  -1.794  -0.799  1.00 18.08  ? 11   CYS A C   1 
ATOM   67   O O   . CYS A 1 11 ? -9.278  -0.977  -1.591  1.00 15.52  ? 11   CYS A O   1 
ATOM   68   C CB  . CYS A 1 11 ? -8.779  -0.832  1.484   1.00 15.18  ? 11   CYS A CB  1 
ATOM   69   S SG  . CYS A 1 11 ? -7.799  -0.594  3.018   1.00 14.72  ? 11   CYS A SG  1 
ATOM   70   N N   . PHE A 1 12 ? -9.049  -3.102  -0.875  1.00 16.82  ? 12   PHE A N   1 
ATOM   71   C CA  . PHE A 1 12 ? -9.920  -3.629  -1.939  1.00 18.65  ? 12   PHE A CA  1 
ATOM   72   C C   . PHE A 1 12 ? -11.058 -4.465  -1.378  1.00 22.39  ? 12   PHE A C   1 
ATOM   73   O O   . PHE A 1 12 ? -11.921 -4.917  -2.131  1.00 20.64  ? 12   PHE A O   1 
ATOM   74   C CB  . PHE A 1 12 ? -9.079  -4.427  -2.967  1.00 16.29  ? 12   PHE A CB  1 
ATOM   75   C CG  . PHE A 1 12 ? -8.132  -3.475  -3.689  1.00 14.39  ? 12   PHE A CG  1 
ATOM   76   C CD1 . PHE A 1 12 ? -6.801  -3.392  -3.290  1.00 21.28  ? 12   PHE A CD1 1 
ATOM   77   C CD2 . PHE A 1 12 ? -8.600  -2.683  -4.718  1.00 19.32  ? 12   PHE A CD2 1 
ATOM   78   C CE1 . PHE A 1 12 ? -5.965  -2.486  -3.926  1.00 20.15  ? 12   PHE A CE1 1 
ATOM   79   C CE2 . PHE A 1 12 ? -7.771  -1.776  -5.358  1.00 14.47  ? 12   PHE A CE2 1 
ATOM   80   C CZ  . PHE A 1 12 ? -6.457  -1.683  -4.953  1.00 21.51  ? 12   PHE A CZ  1 
ATOM   81   N N   . ALA A 1 13 ? -11.084 -4.626  -0.060  1.00 16.71  ? 13   ALA A N   1 
ATOM   82   C CA  . ALA A 1 13 ? -12.178 -5.313  0.626   1.00 16.79  ? 13   ALA A CA  1 
ATOM   83   C C   . ALA A 1 13 ? -12.212 -4.824  2.072   1.00 17.86  ? 13   ALA A C   1 
ATOM   84   O O   . ALA A 1 13 ? -11.189 -4.366  2.583   1.00 20.71  ? 13   ALA A O   1 
ATOM   85   C CB  . ALA A 1 13 ? -11.974 -6.812  0.543   1.00 21.86  ? 13   ALA A CB  1 
ATOM   86   N N   . TYR A 1 14 ? -13.376 -4.867  2.700   1.00 20.02  ? 14   TYR A N   1 
ATOM   87   C CA  . TYR A 1 14 ? -13.562 -4.400  4.056   1.00 17.54  ? 14   TYR A CA  1 
ATOM   88   C C   . TYR A 1 14 ? -13.804 -5.590  4.993   1.00 22.74  ? 14   TYR A C   1 
ATOM   89   O O   . TYR A 1 14 ? -14.509 -6.534  4.630   1.00 20.14  ? 14   TYR A O   1 
ATOM   90   C CB  . TYR A 1 14 ? -14.758 -3.464  4.125   1.00 16.94  ? 14   TYR A CB  1 
ATOM   91   C CG  . TYR A 1 14 ? -14.666 -2.241  3.255   1.00 20.08  ? 14   TYR A CG  1 
ATOM   92   C CD1 . TYR A 1 14 ? -13.530 -1.441  3.267   1.00 20.28  ? 14   TYR A CD1 1 
ATOM   93   C CD2 . TYR A 1 14 ? -15.711 -1.870  2.423   1.00 23.67  ? 14   TYR A CD2 1 
ATOM   94   C CE1 . TYR A 1 14 ? -13.443 -0.317  2.483   1.00 21.15  ? 14   TYR A CE1 1 
ATOM   95   C CE2 . TYR A 1 14 ? -15.636 -0.740  1.624   1.00 23.07  ? 14   TYR A CE2 1 
ATOM   96   C CZ  . TYR A 1 14 ? -14.495 0.027   1.654   1.00 21.16  ? 14   TYR A CZ  1 
ATOM   97   O OH  . TYR A 1 14 ? -14.398 1.147   0.874   1.00 19.94  ? 14   TYR A OH  1 
ATOM   98   N N   . ILE A 1 15 ? -13.238 -5.546  6.189   1.00 16.87  ? 15   ILE A N   1 
ATOM   99   C CA  . ILE A 1 15 ? -13.458 -6.637  7.139   1.00 17.64  ? 15   ILE A CA  1 
ATOM   100  C C   . ILE A 1 15 ? -14.952 -6.716  7.460   1.00 22.87  ? 15   ILE A C   1 
ATOM   101  O O   . ILE A 1 15 ? -15.588 -5.673  7.650   1.00 22.25  ? 15   ILE A O   1 
ATOM   102  C CB  . ILE A 1 15 ? -12.643 -6.416  8.403   1.00 18.92  ? 15   ILE A CB  1 
ATOM   103  C CG1 . ILE A 1 15 ? -12.770 -7.579  9.412   1.00 23.78  ? 15   ILE A CG1 1 
ATOM   104  C CG2 . ILE A 1 15 ? -13.003 -5.113  9.083   1.00 23.89  ? 15   ILE A CG2 1 
ATOM   105  C CD1 . ILE A 1 15 ? -11.555 -8.484  9.331   1.00 39.65  ? 15   ILE A CD1 1 
ATOM   106  N N   . ALA A 1 16 ? -15.518 -7.908  7.498   1.00 18.07  ? 16   ALA A N   1 
ATOM   107  C CA  . ALA A 1 16 ? -16.963 -8.098  7.499   1.00 24.92  ? 16   ALA A CA  1 
ATOM   108  C C   . ALA A 1 16 ? -17.631 -7.812  8.836   1.00 29.30  ? 16   ALA A C   1 
ATOM   109  O O   . ALA A 1 16 ? -18.698 -7.211  8.887   1.00 29.12  ? 16   ALA A O   1 
ATOM   110  C CB  . ALA A 1 16 ? -17.326 -9.532  7.114   1.00 25.28  ? 16   ALA A CB  1 
ATOM   111  N N   . ARG A 1 17 ? -16.994 -8.258  9.908   1.00 27.92  ? 17   ARG A N   1 
ATOM   112  C CA  . ARG A 1 17 ? -17.478 -8.073  11.268  1.00 35.46  ? 17   ARG A CA  1 
ATOM   113  C C   . ARG A 1 17 ? -16.502 -7.244  12.100  1.00 27.55  ? 17   ARG A C   1 
ATOM   114  O O   . ARG A 1 17 ? -15.285 -7.268  11.946  1.00 37.70  ? 17   ARG A O   1 
ATOM   115  C CB  . ARG A 1 17 ? -17.719 -9.435  11.921  1.00 38.97  ? 17   ARG A CB  1 
ATOM   116  C CG  . ARG A 1 17 ? -18.142 -10.516 10.943  1.00 50.84  ? 17   ARG A CG  1 
ATOM   117  C CD  . ARG A 1 17 ? -19.633 -10.524 10.677  1.00 62.59  ? 17   ARG A CD  1 
ATOM   118  N NE  . ARG A 1 17 ? -20.125 -9.331  9.997   1.00 75.85  ? 17   ARG A NE  1 
ATOM   119  C CZ  . ARG A 1 17 ? -20.629 -9.308  8.767   1.00 78.03  ? 17   ARG A CZ  1 
ATOM   120  N NH1 . ARG A 1 17 ? -21.056 -8.178  8.222   1.00 70.04  ? 17   ARG A NH1 1 
ATOM   121  N NH2 . ARG A 1 17 ? -20.709 -10.426 8.057   1.00 63.29  ? 17   ARG A NH2 1 
ATOM   122  N N   . PRO A 1 18 ? -17.053 -6.490  13.027  1.00 25.45  ? 18   PRO A N   1 
ATOM   123  C CA  . PRO A 1 18 ? -16.229 -5.622  13.875  1.00 30.26  ? 18   PRO A CA  1 
ATOM   124  C C   . PRO A 1 18 ? -15.163 -6.427  14.612  1.00 29.82  ? 18   PRO A C   1 
ATOM   125  O O   . PRO A 1 18 ? -15.537 -7.472  15.152  1.00 28.73  ? 18   PRO A O   1 
ATOM   126  C CB  . PRO A 1 18 ? -17.236 -5.077  14.888  1.00 33.49  ? 18   PRO A CB  1 
ATOM   127  C CG  . PRO A 1 18 ? -18.560 -5.176  14.208  1.00 27.90  ? 18   PRO A CG  1 
ATOM   128  C CD  . PRO A 1 18 ? -18.488 -6.407  13.352  1.00 30.35  ? 18   PRO A CD  1 
ATOM   129  N N   . MET A 1 19 ? -13.944 -5.923  14.617  1.00 31.53  ? 19   MET A N   1 
ATOM   130  C CA  . MET A 1 19 ? -12.796 -6.388  15.372  1.00 33.90  ? 19   MET A CA  1 
ATOM   131  C C   . MET A 1 19 ? -13.039 -6.060  16.847  1.00 22.20  ? 19   MET A C   1 
ATOM   132  O O   . MET A 1 19 ? -13.812 -5.121  17.085  1.00 27.72  ? 19   MET A O   1 
ATOM   133  C CB  . MET A 1 19 ? -11.481 -5.735  14.930  1.00 29.52  ? 19   MET A CB  1 
ATOM   134  C CG  . MET A 1 19 ? -11.617 -4.422  14.170  1.00 16.88  ? 19   MET A CG  1 
ATOM   135  S SD  . MET A 1 19 ? -10.622 -4.423  12.653  1.00 40.59  ? 19   MET A SD  1 
ATOM   136  C CE  . MET A 1 19 ? -9.252  -5.456  13.181  1.00 56.88  ? 19   MET A CE  1 
ATOM   137  N N   . PRO A 1 20 ? -12.461 -6.771  17.792  1.00 28.26  ? 20   PRO A N   1 
ATOM   138  C CA  . PRO A 1 20 ? -12.694 -6.374  19.203  1.00 22.89  ? 20   PRO A CA  1 
ATOM   139  C C   . PRO A 1 20 ? -12.078 -5.004  19.401  1.00 24.01  ? 20   PRO A C   1 
ATOM   140  O O   . PRO A 1 20 ? -10.927 -4.807  18.997  1.00 21.79  ? 20   PRO A O   1 
ATOM   141  C CB  . PRO A 1 20 ? -11.967 -7.443  20.008  1.00 27.30  ? 20   PRO A CB  1 
ATOM   142  C CG  . PRO A 1 20 ? -11.853 -8.606  19.059  1.00 34.54  ? 20   PRO A CG  1 
ATOM   143  C CD  . PRO A 1 20 ? -11.578 -7.947  17.720  1.00 30.93  ? 20   PRO A CD  1 
ATOM   144  N N   . ARG A 1 21 ? -12.855 -4.094  20.004  1.00 16.19  ? 21   ARG A N   1 
ATOM   145  C CA  . ARG A 1 21 ? -12.369 -2.736  20.163  1.00 15.69  ? 21   ARG A CA  1 
ATOM   146  C C   . ARG A 1 21 ? -11.049 -2.648  20.914  1.00 18.51  ? 21   ARG A C   1 
ATOM   147  O O   . ARG A 1 21 ? -10.176 -1.847  20.570  1.00 19.12  ? 21   ARG A O   1 
ATOM   148  C CB  . ARG A 1 21 ? -13.461 -1.910  20.868  1.00 17.83  ? 21   ARG A CB  1 
ATOM   149  C CG  . ARG A 1 21 ? -12.949 -0.564  21.363  1.00 17.88  ? 21   ARG A CG  1 
ATOM   150  C CD  . ARG A 1 21 ? -12.587 0.387   20.214  1.00 15.93  ? 21   ARG A CD  1 
ATOM   151  N NE  . ARG A 1 21 ? -12.201 1.699   20.755  1.00 14.32  ? 21   ARG A NE  1 
ATOM   152  C CZ  . ARG A 1 21 ? -10.939 2.008   20.984  1.00 17.96  ? 21   ARG A CZ  1 
ATOM   153  N NH1 . ARG A 1 21 ? -10.017 1.073   20.696  1.00 18.39  ? 21   ARG A NH1 1 
ATOM   154  N NH2 . ARG A 1 21 ? -10.583 3.173   21.483  1.00 18.04  ? 21   ARG A NH2 1 
ATOM   155  N N   . ALA A 1 22 ? -10.830 -3.477  21.928  1.00 18.01  ? 22   ALA A N   1 
ATOM   156  C CA  . ALA A 1 22 ? -9.636  -3.470  22.758  1.00 13.57  ? 22   ALA A CA  1 
ATOM   157  C C   . ALA A 1 22 ? -8.376  -3.885  22.011  1.00 18.08  ? 22   ALA A C   1 
ATOM   158  O O   . ALA A 1 22 ? -7.256  -3.698  22.481  1.00 23.98  ? 22   ALA A O   1 
ATOM   159  C CB  . ALA A 1 22 ? -9.827  -4.433  23.936  1.00 12.59  ? 22   ALA A CB  1 
ATOM   160  N N   . HIS A 1 23 ? -8.530  -4.456  20.821  1.00 19.71  ? 23   HIS A N   1 
ATOM   161  C CA  . HIS A 1 23 ? -7.358  -4.884  20.080  1.00 24.93  ? 23   HIS A CA  1 
ATOM   162  C C   . HIS A 1 23 ? -6.918  -3.850  19.038  1.00 23.13  ? 23   HIS A C   1 
ATOM   163  O O   . HIS A 1 23 ? -5.987  -4.148  18.283  1.00 20.60  ? 23   HIS A O   1 
ATOM   164  C CB  . HIS A 1 23 ? -7.635  -6.193  19.330  1.00 29.82  ? 23   HIS A CB  1 
ATOM   165  C CG  . HIS A 1 23 ? -7.905  -7.347  20.241  1.00 49.65  ? 23   HIS A CG  1 
ATOM   166  N ND1 . HIS A 1 23 ? -7.596  -7.316  21.583  1.00 64.94  ? 23   HIS A ND1 1 
ATOM   167  C CD2 . HIS A 1 23 ? -8.461  -8.558  20.010  1.00 59.36  ? 23   HIS A CD2 1 
ATOM   168  C CE1 . HIS A 1 23 ? -7.944  -8.460  22.142  1.00 65.73  ? 23   HIS A CE1 1 
ATOM   169  N NE2 . HIS A 1 23 ? -8.472  -9.233  21.208  1.00 62.18  ? 23   HIS A NE2 1 
ATOM   170  N N   . ILE A 1 24 ? -7.632  -2.736  19.021  1.00 20.95  ? 24   ILE A N   1 
ATOM   171  C CA  . ILE A 1 24 ? -7.268  -1.681  18.071  1.00 16.98  ? 24   ILE A CA  1 
ATOM   172  C C   . ILE A 1 24 ? -6.634  -0.506  18.782  1.00 17.08  ? 24   ILE A C   1 
ATOM   173  O O   . ILE A 1 24 ? -7.148  0.050   19.768  1.00 18.43  ? 24   ILE A O   1 
ATOM   174  C CB  . ILE A 1 24 ? -8.495  -1.210  17.277  1.00 18.30  ? 24   ILE A CB  1 
ATOM   175  C CG1 . ILE A 1 24 ? -9.117  -2.334  16.441  1.00 21.34  ? 24   ILE A CG1 1 
ATOM   176  C CG2 . ILE A 1 24 ? -8.144  0.009   16.423  1.00 16.25  ? 24   ILE A CG2 1 
ATOM   177  C CD1 . ILE A 1 24 ? -10.601 -2.080  16.239  1.00 29.43  ? 24   ILE A CD1 1 
ATOM   178  N N   . LYS A 1 25 ? -5.490  -0.043  18.254  1.00 15.15  ? 25   LYS A N   1 
ATOM   179  C CA  . LYS A 1 25 ? -4.857  1.069   18.954  1.00 19.43  ? 25   LYS A CA  1 
ATOM   180  C C   . LYS A 1 25 ? -4.726  2.349   18.149  1.00 15.58  ? 25   LYS A C   1 
ATOM   181  O O   . LYS A 1 25 ? -4.499  3.427   18.700  1.00 16.73  ? 25   LYS A O   1 
ATOM   182  C CB  . LYS A 1 25 ? -3.469  0.630   19.411  1.00 17.80  ? 25   LYS A CB  1 
ATOM   183  C CG  . LYS A 1 25 ? -2.556  0.122   18.323  1.00 21.08  ? 25   LYS A CG  1 
ATOM   184  C CD  . LYS A 1 25 ? -1.130  0.022   18.868  1.00 22.48  ? 25   LYS A CD  1 
ATOM   185  C CE  . LYS A 1 25 ? -0.214  -0.525  17.776  1.00 21.93  ? 25   LYS A CE  1 
ATOM   186  N NZ  . LYS A 1 25 ? 1.132   -0.831  18.397  1.00 23.76  ? 25   LYS A NZ  1 
ATOM   187  N N   . GLU A 1 26 ? -4.829  2.254   16.833  1.00 17.26  ? 26   GLU A N   1 
ATOM   188  C CA  . GLU A 1 26 ? -4.703  3.399   15.928  1.00 16.45  ? 26   GLU A CA  1 
ATOM   189  C C   . GLU A 1 26 ? -5.535  3.164   14.677  1.00 13.90  ? 26   GLU A C   1 
ATOM   190  O O   . GLU A 1 26 ? -6.009  2.064   14.338  1.00 14.32  ? 26   GLU A O   1 
ATOM   191  C CB  . GLU A 1 26 ? -3.261  3.600   15.433  1.00 15.15  ? 26   GLU A CB  1 
ATOM   192  C CG  . GLU A 1 26 ? -2.271  3.848   16.567  1.00 22.86  ? 26   GLU A CG  1 
ATOM   193  C CD  . GLU A 1 26 ? -0.857  3.704   16.033  1.00 31.67  ? 26   GLU A CD  1 
ATOM   194  O OE1 . GLU A 1 26 ? -0.019  3.078   16.701  1.00 27.23  ? 26   GLU A OE1 1 
ATOM   195  O OE2 . GLU A 1 26 ? -0.657  4.231   14.918  1.00 30.97  ? 26   GLU A OE2 1 
ATOM   196  N N   . TYR A 1 27 ? -5.725  4.255   13.940  1.00 16.50  ? 27   TYR A N   1 
ATOM   197  C CA  . TYR A 1 27 ? -6.370  4.127   12.634  1.00 17.68  ? 27   TYR A CA  1 
ATOM   198  C C   . TYR A 1 27 ? -5.799  5.179   11.694  1.00 16.43  ? 27   TYR A C   1 
ATOM   199  O O   . TYR A 1 27 ? -5.300  6.199   12.159  1.00 19.75  ? 27   TYR A O   1 
ATOM   200  C CB  . TYR A 1 27 ? -7.896  4.263   12.730  1.00 14.83  ? 27   TYR A CB  1 
ATOM   201  C CG  . TYR A 1 27 ? -8.424  5.673   12.685  1.00 14.48  ? 27   TYR A CG  1 
ATOM   202  C CD1 . TYR A 1 27 ? -8.902  6.177   11.464  1.00 22.17  ? 27   TYR A CD1 1 
ATOM   203  C CD2 . TYR A 1 27 ? -8.480  6.483   13.798  1.00 17.57  ? 27   TYR A CD2 1 
ATOM   204  C CE1 . TYR A 1 27 ? -9.392  7.447   11.373  1.00 21.22  ? 27   TYR A CE1 1 
ATOM   205  C CE2 . TYR A 1 27 ? -8.978  7.780   13.720  1.00 21.56  ? 27   TYR A CE2 1 
ATOM   206  C CZ  . TYR A 1 27 ? -9.427  8.239   12.508  1.00 20.07  ? 27   TYR A CZ  1 
ATOM   207  O OH  . TYR A 1 27 ? -9.940  9.501   12.328  1.00 30.94  ? 27   TYR A OH  1 
ATOM   208  N N   . PHE A 1 28 ? -5.994  4.948   10.387  1.00 15.23  ? 28   PHE A N   1 
ATOM   209  C CA  . PHE A 1 28 ? -5.727  6.052   9.466   1.00 18.23  ? 28   PHE A CA  1 
ATOM   210  C C   . PHE A 1 28 ? -6.660  5.857   8.272   1.00 22.97  ? 28   PHE A C   1 
ATOM   211  O O   . PHE A 1 28 ? -7.274  4.798   8.100   1.00 19.88  ? 28   PHE A O   1 
ATOM   212  C CB  . PHE A 1 28 ? -4.262  6.115   9.091   1.00 17.07  ? 28   PHE A CB  1 
ATOM   213  C CG  . PHE A 1 28 ? -3.717  4.899   8.369   1.00 23.11  ? 28   PHE A CG  1 
ATOM   214  C CD1 . PHE A 1 28 ? -3.768  4.773   6.997   1.00 25.88  ? 28   PHE A CD1 1 
ATOM   215  C CD2 . PHE A 1 28 ? -3.137  3.853   9.073   1.00 18.44  ? 28   PHE A CD2 1 
ATOM   216  C CE1 . PHE A 1 28 ? -3.249  3.659   6.367   1.00 18.30  ? 28   PHE A CE1 1 
ATOM   217  C CE2 . PHE A 1 28 ? -2.625  2.735   8.461   1.00 17.15  ? 28   PHE A CE2 1 
ATOM   218  C CZ  . PHE A 1 28 ? -2.695  2.624   7.085   1.00 17.86  ? 28   PHE A CZ  1 
ATOM   219  N N   . TYR A 1 29 ? -6.768  6.884   7.447   1.00 21.97  ? 29   TYR A N   1 
ATOM   220  C CA  . TYR A 1 29 ? -7.540  6.770   6.211   1.00 19.26  ? 29   TYR A CA  1 
ATOM   221  C C   . TYR A 1 29 ? -6.539  6.555   5.079   1.00 17.08  ? 29   TYR A C   1 
ATOM   222  O O   . TYR A 1 29 ? -5.431  7.100   5.115   1.00 17.24  ? 29   TYR A O   1 
ATOM   223  C CB  . TYR A 1 29 ? -8.389  7.992   5.931   1.00 16.58  ? 29   TYR A CB  1 
ATOM   224  C CG  . TYR A 1 29 ? -9.700  8.103   6.640   1.00 20.53  ? 29   TYR A CG  1 
ATOM   225  C CD1 . TYR A 1 29 ? -9.838  8.796   7.833   1.00 26.37  ? 29   TYR A CD1 1 
ATOM   226  C CD2 . TYR A 1 29 ? -10.842 7.505   6.098   1.00 22.66  ? 29   TYR A CD2 1 
ATOM   227  C CE1 . TYR A 1 29 ? -11.067 8.886   8.464   1.00 29.36  ? 29   TYR A CE1 1 
ATOM   228  C CE2 . TYR A 1 29 ? -12.072 7.593   6.724   1.00 22.78  ? 29   TYR A CE2 1 
ATOM   229  C CZ  . TYR A 1 29 ? -12.179 8.286   7.909   1.00 25.84  ? 29   TYR A CZ  1 
ATOM   230  O OH  . TYR A 1 29 ? -13.399 8.382   8.546   1.00 24.60  ? 29   TYR A OH  1 
ATOM   231  N N   . THR A 1 30 ? -6.928  5.746   4.096   1.00 11.39  ? 30   THR A N   1 
ATOM   232  C CA  . THR A 1 30 ? -6.021  5.522   2.984   1.00 15.27  ? 30   THR A CA  1 
ATOM   233  C C   . THR A 1 30 ? -6.031  6.757   2.075   1.00 12.75  ? 30   THR A C   1 
ATOM   234  O O   . THR A 1 30 ? -6.978  7.552   2.107   1.00 14.25  ? 30   THR A O   1 
ATOM   235  C CB  . THR A 1 30 ? -6.406  4.262   2.175   1.00 15.79  ? 30   THR A CB  1 
ATOM   236  O OG1 . THR A 1 30 ? -7.810  4.245   1.868   1.00 13.57  ? 30   THR A OG1 1 
ATOM   237  C CG2 . THR A 1 30 ? -6.077  3.010   2.975   1.00 12.54  ? 30   THR A CG2 1 
ATOM   238  N N   . SER A 1 31 ? -5.000  6.919   1.273   1.00 11.41  ? 31   SER A N   1 
ATOM   239  C CA  . SER A 1 31 ? -4.836  8.001   0.329   1.00 12.53  ? 31   SER A CA  1 
ATOM   240  C C   . SER A 1 31 ? -6.065  8.215   -0.563  1.00 14.73  ? 31   SER A C   1 
ATOM   241  O O   . SER A 1 31 ? -6.702  7.269   -1.054  1.00 14.52  ? 31   SER A O   1 
ATOM   242  C CB  . SER A 1 31 ? -3.628  7.721   -0.585  1.00 11.65  ? 31   SER A CB  1 
ATOM   243  O OG  . SER A 1 31 ? -3.678  8.761   -1.578  1.00 13.95  ? 31   SER A OG  1 
ATOM   244  N N   . GLY A 1 32 ? -6.422  9.452   -0.848  1.00 12.09  ? 32   GLY A N   1 
ATOM   245  C CA  . GLY A 1 32 ? -7.493  9.755   -1.773  1.00 9.80   ? 32   GLY A CA  1 
ATOM   246  C C   . GLY A 1 32 ? -7.238  9.375   -3.202  1.00 10.85  ? 32   GLY A C   1 
ATOM   247  O O   . GLY A 1 32 ? -8.163  9.400   -4.025  1.00 14.14  ? 32   GLY A O   1 
ATOM   248  N N   . LYS A 1 33 ? -5.983  9.002   -3.495  1.00 12.95  ? 33   LYS A N   1 
ATOM   249  C CA  . LYS A 1 33 ? -5.631  8.424   -4.779  1.00 12.82  ? 33   LYS A CA  1 
ATOM   250  C C   . LYS A 1 33 ? -6.155  7.007   -4.963  1.00 11.17  ? 33   LYS A C   1 
ATOM   251  O O   . LYS A 1 33 ? -6.278  6.614   -6.132  1.00 13.77  ? 33   LYS A O   1 
ATOM   252  C CB  . LYS A 1 33 ? -4.096  8.429   -4.939  1.00 14.76  ? 33   LYS A CB  1 
ATOM   253  C CG  . LYS A 1 33 ? -3.578  9.855   -4.975  1.00 16.13  ? 33   LYS A CG  1 
ATOM   254  C CD  . LYS A 1 33 ? -2.053  9.826   -5.088  1.00 24.43  ? 33   LYS A CD  1 
ATOM   255  C CE  . LYS A 1 33 ? -1.519  11.062  -4.354  1.00 42.78  ? 33   LYS A CE  1 
ATOM   256  N NZ  . LYS A 1 33 ? -2.548  12.148  -4.340  1.00 62.63  ? 33   LYS A NZ  1 
ATOM   257  N N   . CYS A 1 34 ? -6.466  6.290   -3.908  1.00 14.51  ? 34   CYS A N   1 
ATOM   258  C CA  . CYS A 1 34 ? -6.918  4.905   -4.019  1.00 16.07  ? 34   CYS A CA  1 
ATOM   259  C C   . CYS A 1 34 ? -8.326  4.856   -4.597  1.00 14.56  ? 34   CYS A C   1 
ATOM   260  O O   . CYS A 1 34 ? -9.045  5.841   -4.445  1.00 14.48  ? 34   CYS A O   1 
ATOM   261  C CB  . CYS A 1 34 ? -6.931  4.237   -2.642  1.00 13.40  ? 34   CYS A CB  1 
ATOM   262  S SG  . CYS A 1 34 ? -5.308  4.071   -1.864  1.00 14.65  ? 34   CYS A SG  1 
ATOM   263  N N   . SER A 1 35 ? -8.694  3.739   -5.233  1.00 12.62  ? 35   SER A N   1 
ATOM   264  C CA  . SER A 1 35 ? -10.017 3.655   -5.860  1.00 14.25  ? 35   SER A CA  1 
ATOM   265  C C   . SER A 1 35 ? -11.144 3.649   -4.842  1.00 17.94  ? 35   SER A C   1 
ATOM   266  O O   . SER A 1 35 ? -12.231 4.160   -5.108  1.00 20.29  ? 35   SER A O   1 
ATOM   267  C CB  . SER A 1 35 ? -10.111 2.423   -6.775  1.00 17.74  ? 35   SER A CB  1 
ATOM   268  O OG  . SER A 1 35 ? -9.918  1.263   -5.973  1.00 20.47  ? 35   SER A OG  1 
ATOM   269  N N   . ASN A 1 36 ? -10.862 3.071   -3.685  1.00 15.33  ? 36   ASN A N   1 
ATOM   270  C CA  . ASN A 1 36 ? -11.834 3.009   -2.611  1.00 16.31  ? 36   ASN A CA  1 
ATOM   271  C C   . ASN A 1 36 ? -11.438 3.884   -1.417  1.00 17.26  ? 36   ASN A C   1 
ATOM   272  O O   . ASN A 1 36 ? -10.259 3.888   -1.042  1.00 20.10  ? 36   ASN A O   1 
ATOM   273  C CB  . ASN A 1 36 ? -11.913 1.562   -2.084  1.00 23.00  ? 36   ASN A CB  1 
ATOM   274  C CG  . ASN A 1 36 ? -12.459 0.623   -3.136  1.00 26.87  ? 36   ASN A CG  1 
ATOM   275  O OD1 . ASN A 1 36 ? -13.408 1.023   -3.833  1.00 25.87  ? 36   ASN A OD1 1 
ATOM   276  N ND2 . ASN A 1 36 ? -11.874 -0.559  -3.221  1.00 21.77  ? 36   ASN A ND2 1 
ATOM   277  N N   . PRO A 1 37 ? -12.405 4.549   -0.805  1.00 16.93  ? 37   PRO A N   1 
ATOM   278  C CA  . PRO A 1 37 ? -12.172 5.185   0.490   1.00 16.94  ? 37   PRO A CA  1 
ATOM   279  C C   . PRO A 1 37 ? -12.011 4.077   1.528   1.00 18.57  ? 37   PRO A C   1 
ATOM   280  O O   . PRO A 1 37 ? -12.697 3.056   1.402   1.00 20.67  ? 37   PRO A O   1 
ATOM   281  C CB  . PRO A 1 37 ? -13.458 5.974   0.712   1.00 25.72  ? 37   PRO A CB  1 
ATOM   282  C CG  . PRO A 1 37 ? -14.496 5.165   -0.015  1.00 20.51  ? 37   PRO A CG  1 
ATOM   283  C CD  . PRO A 1 37 ? -13.803 4.688   -1.262  1.00 19.93  ? 37   PRO A CD  1 
ATOM   284  N N   . ALA A 1 38 ? -11.117 4.222   2.505   1.00 15.10  ? 38   ALA A N   1 
ATOM   285  C CA  . ALA A 1 38 ? -11.014 3.154   3.497   1.00 13.52  ? 38   ALA A CA  1 
ATOM   286  C C   . ALA A 1 38 ? -10.442 3.678   4.805   1.00 15.67  ? 38   ALA A C   1 
ATOM   287  O O   . ALA A 1 38 ? -9.601  4.581   4.888   1.00 14.23  ? 38   ALA A O   1 
ATOM   288  C CB  . ALA A 1 38 ? -10.138 2.010   2.975   1.00 13.22  ? 38   ALA A CB  1 
ATOM   289  N N   . VAL A 1 39 ? -10.911 3.042   5.869   1.00 14.87  ? 39   VAL A N   1 
ATOM   290  C CA  . VAL A 1 39 ? -10.268 3.210   7.155   1.00 17.12  ? 39   VAL A CA  1 
ATOM   291  C C   . VAL A 1 39 ? -9.341  2.020   7.368   1.00 17.24  ? 39   VAL A C   1 
ATOM   292  O O   . VAL A 1 39 ? -9.779  0.927   7.012   1.00 18.92  ? 39   VAL A O   1 
ATOM   293  C CB  . VAL A 1 39 ? -11.299 3.220   8.300   1.00 16.84  ? 39   VAL A CB  1 
ATOM   294  C CG1 . VAL A 1 39 ? -10.615 3.049   9.635   1.00 19.59  ? 39   VAL A CG1 1 
ATOM   295  C CG2 . VAL A 1 39 ? -12.086 4.521   8.213   1.00 19.08  ? 39   VAL A CG2 1 
ATOM   296  N N   . VAL A 1 40 ? -8.172  2.247   7.950   1.00 14.48  ? 40   VAL A N   1 
ATOM   297  C CA  . VAL A 1 40 ? -7.272  1.135   8.255   1.00 17.02  ? 40   VAL A CA  1 
ATOM   298  C C   . VAL A 1 40 ? -7.082  1.136   9.767   1.00 18.55  ? 40   VAL A C   1 
ATOM   299  O O   . VAL A 1 40 ? -6.611  2.108   10.331  1.00 15.72  ? 40   VAL A O   1 
ATOM   300  C CB  . VAL A 1 40 ? -5.916  1.254   7.564   1.00 11.28  ? 40   VAL A CB  1 
ATOM   301  C CG1 . VAL A 1 40 ? -4.974  0.156   7.997   1.00 14.56  ? 40   VAL A CG1 1 
ATOM   302  C CG2 . VAL A 1 40 ? -6.170  1.270   6.062   1.00 15.98  ? 40   VAL A CG2 1 
ATOM   303  N N   . PHE A 1 41 ? -7.499  0.026   10.375  1.00 15.11  ? 41   PHE A N   1 
ATOM   304  C CA  . PHE A 1 41 ? -7.342  -0.090  11.822  1.00 15.10  ? 41   PHE A CA  1 
ATOM   305  C C   . PHE A 1 41 ? -6.020  -0.799  12.088  1.00 14.73  ? 41   PHE A C   1 
ATOM   306  O O   . PHE A 1 41 ? -5.741  -1.834  11.479  1.00 19.48  ? 41   PHE A O   1 
ATOM   307  C CB  . PHE A 1 41 ? -8.527  -0.845  12.428  1.00 13.83  ? 41   PHE A CB  1 
ATOM   308  C CG  . PHE A 1 41 ? -9.777  0.007   12.582  1.00 16.85  ? 41   PHE A CG  1 
ATOM   309  C CD1 . PHE A 1 41 ? -10.971 -0.426  12.007  1.00 15.97  ? 41   PHE A CD1 1 
ATOM   310  C CD2 . PHE A 1 41 ? -9.745  1.196   13.262  1.00 13.82  ? 41   PHE A CD2 1 
ATOM   311  C CE1 . PHE A 1 41 ? -12.085 0.364   12.132  1.00 14.64  ? 41   PHE A CE1 1 
ATOM   312  C CE2 . PHE A 1 41 ? -10.847 1.999   13.398  1.00 14.22  ? 41   PHE A CE2 1 
ATOM   313  C CZ  . PHE A 1 41 ? -12.035 1.563   12.823  1.00 17.75  ? 41   PHE A CZ  1 
ATOM   314  N N   . VAL A 1 42 ? -5.222  -0.258  12.979  1.00 11.90  ? 42   VAL A N   1 
ATOM   315  C CA  . VAL A 1 42 ? -3.971  -0.914  13.382  1.00 16.06  ? 42   VAL A CA  1 
ATOM   316  C C   . VAL A 1 42 ? -4.172  -1.682  14.677  1.00 15.05  ? 42   VAL A C   1 
ATOM   317  O O   . VAL A 1 42 ? -4.587  -1.073  15.665  1.00 17.53  ? 42   VAL A O   1 
ATOM   318  C CB  . VAL A 1 42 ? -2.852  0.134   13.536  1.00 17.42  ? 42   VAL A CB  1 
ATOM   319  C CG1 . VAL A 1 42 ? -1.511  -0.495  13.863  1.00 16.33  ? 42   VAL A CG1 1 
ATOM   320  C CG2 . VAL A 1 42 ? -2.792  0.955   12.243  1.00 19.72  ? 42   VAL A CG2 1 
ATOM   321  N N   . THR A 1 43 ? -3.894  -2.992  14.650  1.00 18.04  ? 43   THR A N   1 
ATOM   322  C CA  . THR A 1 43 ? -4.152  -3.741  15.886  1.00 14.70  ? 43   THR A CA  1 
ATOM   323  C C   . THR A 1 43 ? -2.960  -3.691  16.828  1.00 25.33  ? 43   THR A C   1 
ATOM   324  O O   . THR A 1 43 ? -1.899  -3.125  16.577  1.00 20.28  ? 43   THR A O   1 
ATOM   325  C CB  . THR A 1 43 ? -4.509  -5.208  15.610  1.00 15.27  ? 43   THR A CB  1 
ATOM   326  O OG1 . THR A 1 43 ? -3.301  -5.912  15.277  1.00 22.69  ? 43   THR A OG1 1 
ATOM   327  C CG2 . THR A 1 43 ? -5.478  -5.380  14.439  1.00 21.48  ? 43   THR A CG2 1 
ATOM   328  N N   . ARG A 1 44 ? -3.155  -4.315  17.995  1.00 21.33  ? 44   ARG A N   1 
ATOM   329  C CA  . ARG A 1 44 ? -2.086  -4.207  18.996  1.00 24.71  ? 44   ARG A CA  1 
ATOM   330  C C   . ARG A 1 44 ? -0.985  -5.206  18.688  1.00 23.05  ? 44   ARG A C   1 
ATOM   331  O O   . ARG A 1 44 ? 0.083   -5.165  19.311  1.00 28.09  ? 44   ARG A O   1 
ATOM   332  C CB  . ARG A 1 44 ? -2.667  -4.379  20.406  1.00 20.62  ? 44   ARG A CB  1 
ATOM   333  C CG  . ARG A 1 44 ? -3.216  -3.035  20.864  1.00 26.52  ? 44   ARG A CG  1 
ATOM   334  C CD  . ARG A 1 44 ? -3.782  -3.092  22.274  1.00 28.76  ? 44   ARG A CD  1 
ATOM   335  N NE  . ARG A 1 44 ? -4.637  -1.894  22.446  1.00 31.82  ? 44   ARG A NE  1 
ATOM   336  C CZ  . ARG A 1 44 ? -4.102  -0.746  22.865  1.00 33.42  ? 44   ARG A CZ  1 
ATOM   337  N NH1 . ARG A 1 44 ? -2.793  -0.703  23.125  1.00 32.72  ? 44   ARG A NH1 1 
ATOM   338  N NH2 . ARG A 1 44 ? -4.877  0.315   23.013  1.00 33.55  ? 44   ARG A NH2 1 
ATOM   339  N N   . LYS A 1 45 ? -1.266  -6.068  17.718  1.00 20.88  ? 45   LYS A N   1 
ATOM   340  C CA  . LYS A 1 45 ? -0.209  -6.939  17.189  1.00 22.02  ? 45   LYS A CA  1 
ATOM   341  C C   . LYS A 1 45 ? 0.371   -6.324  15.912  1.00 21.60  ? 45   LYS A C   1 
ATOM   342  O O   . LYS A 1 45 ? 1.172   -6.917  15.193  1.00 23.36  ? 45   LYS A O   1 
ATOM   343  C CB  . LYS A 1 45 ? -0.723  -8.340  16.909  1.00 34.65  ? 45   LYS A CB  1 
ATOM   344  C CG  . LYS A 1 45 ? -1.291  -9.115  18.084  1.00 38.78  ? 45   LYS A CG  1 
ATOM   345  C CD  . LYS A 1 45 ? -1.760  -10.486 17.611  1.00 46.56  ? 45   LYS A CD  1 
ATOM   346  C CE  . LYS A 1 45 ? -1.398  -11.581 18.598  1.00 64.84  ? 45   LYS A CE  1 
ATOM   347  N NZ  . LYS A 1 45 ? -2.406  -11.721 19.681  1.00 56.23  ? 45   LYS A NZ  1 
ATOM   348  N N   . ASN A 1 46 ? -0.031  -5.083  15.657  1.00 20.60  ? 46   ASN A N   1 
ATOM   349  C CA  . ASN A 1 46 ? 0.459   -4.194  14.618  1.00 27.92  ? 46   ASN A CA  1 
ATOM   350  C C   . ASN A 1 46 ? 0.059   -4.623  13.216  1.00 28.48  ? 46   ASN A C   1 
ATOM   351  O O   . ASN A 1 46 ? 0.701   -4.269  12.231  1.00 33.05  ? 46   ASN A O   1 
ATOM   352  C CB  . ASN A 1 46 ? 1.985   -4.007  14.663  1.00 20.27  ? 46   ASN A CB  1 
ATOM   353  C CG  . ASN A 1 46 ? 2.375   -3.246  15.911  1.00 20.11  ? 46   ASN A CG  1 
ATOM   354  O OD1 . ASN A 1 46 ? 2.013   -2.079  16.092  1.00 20.83  ? 46   ASN A OD1 1 
ATOM   355  N ND2 . ASN A 1 46 ? 3.132   -3.898  16.792  1.00 21.96  ? 46   ASN A ND2 1 
ATOM   356  N N   . ARG A 1 47 ? -1.031  -5.363  13.117  1.00 20.52  ? 47   ARG A N   1 
ATOM   357  C CA  . ARG A 1 47 ? -1.565  -5.647  11.805  1.00 25.61  ? 47   ARG A CA  1 
ATOM   358  C C   . ARG A 1 47 ? -2.490  -4.530  11.336  1.00 19.17  ? 47   ARG A C   1 
ATOM   359  O O   . ARG A 1 47 ? -3.048  -3.767  12.115  1.00 20.28  ? 47   ARG A O   1 
ATOM   360  C CB  . ARG A 1 47 ? -2.338  -6.966  11.775  1.00 37.73  ? 47   ARG A CB  1 
ATOM   361  C CG  . ARG A 1 47 ? -1.858  -7.883  10.655  1.00 53.45  ? 47   ARG A CG  1 
ATOM   362  C CD  . ARG A 1 47 ? -0.413  -8.299  10.862  1.00 63.24  ? 47   ARG A CD  1 
ATOM   363  N NE  . ARG A 1 47 ? 0.523   -7.535  10.042  1.00 67.84  ? 47   ARG A NE  1 
ATOM   364  C CZ  . ARG A 1 47 ? 1.823   -7.392  10.277  1.00 66.40  ? 47   ARG A CZ  1 
ATOM   365  N NH1 . ARG A 1 47 ? 2.537   -6.662  9.431   1.00 43.03  ? 47   ARG A NH1 1 
ATOM   366  N NH2 . ARG A 1 47 ? 2.438   -7.946  11.314  1.00 52.77  ? 47   ARG A NH2 1 
ATOM   367  N N   . GLN A 1 48 ? -2.622  -4.450  10.021  1.00 20.02  ? 48   GLN A N   1 
ATOM   368  C CA  . GLN A 1 48 ? -3.446  -3.399  9.430   1.00 21.96  ? 48   GLN A CA  1 
ATOM   369  C C   . GLN A 1 48 ? -4.683  -3.994  8.780   1.00 20.16  ? 48   GLN A C   1 
ATOM   370  O O   . GLN A 1 48 ? -4.566  -4.904  7.965   1.00 19.82  ? 48   GLN A O   1 
ATOM   371  C CB  . GLN A 1 48 ? -2.560  -2.641  8.420   1.00 18.56  ? 48   GLN A CB  1 
ATOM   372  C CG  . GLN A 1 48 ? -1.370  -1.991  9.115   1.00 30.86  ? 48   GLN A CG  1 
ATOM   373  C CD  . GLN A 1 48 ? -0.528  -1.117  8.217   1.00 31.06  ? 48   GLN A CD  1 
ATOM   374  O OE1 . GLN A 1 48 ? -0.847  0.016   7.861   1.00 27.63  ? 48   GLN A OE1 1 
ATOM   375  N NE2 . GLN A 1 48 ? 0.620   -1.669  7.822   1.00 49.76  ? 48   GLN A NE2 1 
ATOM   376  N N   . VAL A 1 49 ? -5.872  -3.502  9.094   1.00 19.07  ? 49   VAL A N   1 
ATOM   377  C CA  . VAL A 1 49 ? -7.115  -4.084  8.596   1.00 18.32  ? 49   VAL A CA  1 
ATOM   378  C C   . VAL A 1 49 ? -8.003  -3.040  7.930   1.00 11.81  ? 49   VAL A C   1 
ATOM   379  O O   . VAL A 1 49 ? -8.253  -2.013  8.553   1.00 15.46  ? 49   VAL A O   1 
ATOM   380  C CB  . VAL A 1 49 ? -7.906  -4.704  9.774   1.00 17.73  ? 49   VAL A CB  1 
ATOM   381  C CG1 . VAL A 1 49 ? -9.138  -5.433  9.260   1.00 15.41  ? 49   VAL A CG1 1 
ATOM   382  C CG2 . VAL A 1 49 ? -6.983  -5.628  10.541  1.00 16.92  ? 49   VAL A CG2 1 
ATOM   383  N N   . CYS A 1 50 ? -8.414  -3.315  6.701   1.00 13.14  ? 50   CYS A N   1 
ATOM   384  C CA  . CYS A 1 50 ? -9.261  -2.385  5.959   1.00 14.62  ? 50   CYS A CA  1 
ATOM   385  C C   . CYS A 1 50 ? -10.709 -2.492  6.433   1.00 18.25  ? 50   CYS A C   1 
ATOM   386  O O   . CYS A 1 50 ? -11.215 -3.611  6.637   1.00 15.77  ? 50   CYS A O   1 
ATOM   387  C CB  . CYS A 1 50 ? -9.258  -2.728  4.477   1.00 15.21  ? 50   CYS A CB  1 
ATOM   388  S SG  . CYS A 1 50 ? -7.636  -2.540  3.681   1.00 17.14  ? 50   CYS A SG  1 
ATOM   389  N N   . ALA A 1 51 ? -11.321 -1.334  6.588   1.00 16.01  ? 51   ALA A N   1 
ATOM   390  C CA  . ALA A 1 51 ? -12.713 -1.256  7.056   1.00 20.07  ? 51   ALA A CA  1 
ATOM   391  C C   . ALA A 1 51 ? -13.498 -0.198  6.306   1.00 20.98  ? 51   ALA A C   1 
ATOM   392  O O   . ALA A 1 51 ? -12.937 0.787   5.827   1.00 17.81  ? 51   ALA A O   1 
ATOM   393  C CB  . ALA A 1 51 ? -12.745 -0.977  8.564   1.00 16.06  ? 51   ALA A CB  1 
ATOM   394  N N   . ASN A 1 52 ? -14.814 -0.416  6.192   1.00 16.44  ? 52   ASN A N   1 
ATOM   395  C CA  . ASN A 1 52 ? -15.710 0.502   5.486   1.00 17.40  ? 52   ASN A CA  1 
ATOM   396  C C   . ASN A 1 52 ? -16.007 1.753   6.279   1.00 14.27  ? 52   ASN A C   1 
ATOM   397  O O   . ASN A 1 52 ? -16.659 1.769   7.331   1.00 22.85  ? 52   ASN A O   1 
ATOM   398  C CB  . ASN A 1 52 ? -17.001 -0.265  5.169   1.00 22.74  ? 52   ASN A CB  1 
ATOM   399  C CG  . ASN A 1 52 ? -17.914 0.506   4.217   1.00 29.05  ? 52   ASN A CG  1 
ATOM   400  O OD1 . ASN A 1 52 ? -17.844 1.731   4.127   1.00 22.38  ? 52   ASN A OD1 1 
ATOM   401  N ND2 . ASN A 1 52 ? -18.758 -0.258  3.523   1.00 27.58  ? 52   ASN A ND2 1 
ATOM   402  N N   . PRO A 1 53 ? -15.543 2.930   5.840   1.00 15.98  ? 53   PRO A N   1 
ATOM   403  C CA  . PRO A 1 53 ? -15.773 4.141   6.607   1.00 18.12  ? 53   PRO A CA  1 
ATOM   404  C C   . PRO A 1 53 ? -17.236 4.507   6.795   1.00 19.55  ? 53   PRO A C   1 
ATOM   405  O O   . PRO A 1 53 ? -17.591 5.403   7.579   1.00 29.08  ? 53   PRO A O   1 
ATOM   406  C CB  . PRO A 1 53 ? -15.141 5.249   5.730   1.00 25.64  ? 53   PRO A CB  1 
ATOM   407  C CG  . PRO A 1 53 ? -14.529 4.609   4.553   1.00 21.55  ? 53   PRO A CG  1 
ATOM   408  C CD  . PRO A 1 53 ? -14.781 3.139   4.615   1.00 20.75  ? 53   PRO A CD  1 
ATOM   409  N N   . GLU A 1 54 ? -18.142 3.850   6.089   1.00 25.66  ? 54   GLU A N   1 
ATOM   410  C CA  . GLU A 1 54 ? -19.546 4.245   6.202   1.00 33.19  ? 54   GLU A CA  1 
ATOM   411  C C   . GLU A 1 54 ? -20.252 3.399   7.240   1.00 31.56  ? 54   GLU A C   1 
ATOM   412  O O   . GLU A 1 54 ? -21.363 3.710   7.676   1.00 33.75  ? 54   GLU A O   1 
ATOM   413  C CB  . GLU A 1 54 ? -20.194 4.134   4.815   1.00 37.51  ? 54   GLU A CB  1 
ATOM   414  C CG  . GLU A 1 54 ? -19.754 5.274   3.898   1.00 41.54  ? 54   GLU A CG  1 
ATOM   415  C CD  . GLU A 1 54 ? -20.401 5.193   2.530   1.00 57.35  ? 54   GLU A CD  1 
ATOM   416  O OE1 . GLU A 1 54 ? -21.349 4.383   2.403   1.00 63.79  ? 54   GLU A OE1 1 
ATOM   417  O OE2 . GLU A 1 54 ? -19.966 5.929   1.616   1.00 61.54  ? 54   GLU A OE2 1 
ATOM   418  N N   . LYS A 1 55 ? -19.609 2.301   7.629   1.00 24.79  ? 55   LYS A N   1 
ATOM   419  C CA  . LYS A 1 55 ? -20.216 1.436   8.635   1.00 21.97  ? 55   LYS A CA  1 
ATOM   420  C C   . LYS A 1 55 ? -20.235 2.092   10.007  1.00 19.94  ? 55   LYS A C   1 
ATOM   421  O O   . LYS A 1 55 ? -19.345 2.798   10.441  1.00 20.97  ? 55   LYS A O   1 
ATOM   422  C CB  . LYS A 1 55 ? -19.502 0.087   8.758   1.00 26.23  ? 55   LYS A CB  1 
ATOM   423  C CG  . LYS A 1 55 ? -19.893 -0.905  7.675   1.00 34.61  ? 55   LYS A CG  1 
ATOM   424  C CD  . LYS A 1 55 ? -21.240 -1.551  7.987   1.00 42.45  ? 55   LYS A CD  1 
ATOM   425  C CE  . LYS A 1 55 ? -21.580 -2.650  6.998   1.00 47.96  ? 55   LYS A CE  1 
ATOM   426  N NZ  . LYS A 1 55 ? -20.974 -3.966  7.346   1.00 59.46  ? 55   LYS A NZ  1 
ATOM   427  N N   . LYS A 1 56 ? -21.346 1.851   10.705  1.00 28.00  ? 56   LYS A N   1 
ATOM   428  C CA  . LYS A 1 56 ? -21.638 2.422   12.010  1.00 26.34  ? 56   LYS A CA  1 
ATOM   429  C C   . LYS A 1 56 ? -20.560 2.095   13.021  1.00 24.05  ? 56   LYS A C   1 
ATOM   430  O O   . LYS A 1 56 ? -20.084 2.972   13.730  1.00 20.29  ? 56   LYS A O   1 
ATOM   431  C CB  . LYS A 1 56 ? -23.018 1.897   12.433  1.00 26.24  ? 56   LYS A CB  1 
ATOM   432  C CG  . LYS A 1 56 ? -23.098 0.419   12.722  1.00 43.23  ? 56   LYS A CG  1 
ATOM   433  C CD  . LYS A 1 56 ? -22.972 -0.520  11.541  1.00 45.11  ? 56   LYS A CD  1 
ATOM   434  C CE  . LYS A 1 56 ? -22.522 -1.897  11.996  1.00 49.50  ? 56   LYS A CE  1 
ATOM   435  N NZ  . LYS A 1 56 ? -22.309 -2.855  10.875  1.00 59.11  ? 56   LYS A NZ  1 
ATOM   436  N N   . TRP A 1 57 ? -20.159 0.825   13.107  1.00 25.02  ? 57   TRP A N   1 
ATOM   437  C CA  . TRP A 1 57 ? -19.202 0.391   14.115  1.00 24.61  ? 57   TRP A CA  1 
ATOM   438  C C   . TRP A 1 57 ? -17.847 1.038   13.809  1.00 18.03  ? 57   TRP A C   1 
ATOM   439  O O   . TRP A 1 57 ? -17.083 1.344   14.730  1.00 20.63  ? 57   TRP A O   1 
ATOM   440  C CB  . TRP A 1 57 ? -19.098 -1.127  14.188  1.00 18.73  ? 57   TRP A CB  1 
ATOM   441  C CG  . TRP A 1 57 ? -18.496 -1.844  13.019  1.00 24.23  ? 57   TRP A CG  1 
ATOM   442  C CD1 . TRP A 1 57 ? -19.134 -2.390  11.944  1.00 26.96  ? 57   TRP A CD1 1 
ATOM   443  C CD2 . TRP A 1 57 ? -17.092 -2.104  12.797  1.00 23.43  ? 57   TRP A CD2 1 
ATOM   444  N NE1 . TRP A 1 57 ? -18.244 -2.966  11.064  1.00 20.80  ? 57   TRP A NE1 1 
ATOM   445  C CE2 . TRP A 1 57 ? -16.982 -2.800  11.579  1.00 21.92  ? 57   TRP A CE2 1 
ATOM   446  C CE3 . TRP A 1 57 ? -15.927 -1.808  13.520  1.00 19.08  ? 57   TRP A CE3 1 
ATOM   447  C CZ2 . TRP A 1 57 ? -15.746 -3.212  11.068  1.00 16.64  ? 57   TRP A CZ2 1 
ATOM   448  C CZ3 . TRP A 1 57 ? -14.709 -2.212  13.015  1.00 22.48  ? 57   TRP A CZ3 1 
ATOM   449  C CH2 . TRP A 1 57 ? -14.627 -2.904  11.802  1.00 20.31  ? 57   TRP A CH2 1 
ATOM   450  N N   . VAL A 1 58 ? -17.586 1.234   12.519  1.00 20.01  ? 58   VAL A N   1 
ATOM   451  C CA  . VAL A 1 58 ? -16.316 1.847   12.106  1.00 16.42  ? 58   VAL A CA  1 
ATOM   452  C C   . VAL A 1 58 ? -16.253 3.288   12.552  1.00 19.58  ? 58   VAL A C   1 
ATOM   453  O O   . VAL A 1 58 ? -15.260 3.782   13.099  1.00 19.35  ? 58   VAL A O   1 
ATOM   454  C CB  . VAL A 1 58 ? -16.124 1.715   10.581  1.00 22.19  ? 58   VAL A CB  1 
ATOM   455  C CG1 . VAL A 1 58 ? -14.867 2.429   10.094  1.00 23.56  ? 58   VAL A CG1 1 
ATOM   456  C CG2 . VAL A 1 58 ? -16.050 0.239   10.197  1.00 18.15  ? 58   VAL A CG2 1 
ATOM   457  N N   . ARG A 1 59 ? -17.364 4.011   12.356  1.00 17.78  ? 59   ARG A N   1 
ATOM   458  C CA  . ARG A 1 59 ? -17.431 5.403   12.770  1.00 22.73  ? 59   ARG A CA  1 
ATOM   459  C C   . ARG A 1 59 ? -17.347 5.514   14.279  1.00 23.69  ? 59   ARG A C   1 
ATOM   460  O O   . ARG A 1 59 ? -16.739 6.455   14.806  1.00 23.74  ? 59   ARG A O   1 
ATOM   461  C CB  . ARG A 1 59 ? -18.722 6.045   12.215  1.00 26.63  ? 59   ARG A CB  1 
ATOM   462  C CG  . ARG A 1 59 ? -18.605 6.304   10.719  1.00 31.22  ? 59   ARG A CG  1 
ATOM   463  C CD  . ARG A 1 59 ? -19.916 6.669   10.063  1.00 34.72  ? 59   ARG A CD  1 
ATOM   464  N NE  . ARG A 1 59 ? -21.039 5.894   10.574  1.00 47.11  ? 59   ARG A NE  1 
ATOM   465  C CZ  . ARG A 1 59 ? -22.087 5.551   9.835   1.00 50.99  ? 59   ARG A CZ  1 
ATOM   466  N NH1 . ARG A 1 59 ? -23.069 4.845   10.374  1.00 58.86  ? 59   ARG A NH1 1 
ATOM   467  N NH2 . ARG A 1 59 ? -22.149 5.911   8.561   1.00 63.15  ? 59   ARG A NH2 1 
ATOM   468  N N   . GLU A 1 60 ? -17.928 4.535   14.986  1.00 27.55  ? 60   GLU A N   1 
ATOM   469  C CA  . GLU A 1 60 ? -17.851 4.555   16.460  1.00 20.58  ? 60   GLU A CA  1 
ATOM   470  C C   . GLU A 1 60 ? -16.462 4.282   17.006  1.00 17.57  ? 60   GLU A C   1 
ATOM   471  O O   . GLU A 1 60 ? -15.996 4.884   17.981  1.00 20.19  ? 60   GLU A O   1 
ATOM   472  C CB  . GLU A 1 60 ? -18.863 3.521   16.992  1.00 21.42  ? 60   GLU A CB  1 
ATOM   473  C CG  . GLU A 1 60 ? -20.297 3.925   16.660  1.00 34.66  ? 60   GLU A CG  1 
ATOM   474  C CD  . GLU A 1 60 ? -21.321 3.190   17.503  1.00 53.50  ? 60   GLU A CD  1 
ATOM   475  O OE1 . GLU A 1 60 ? -21.943 3.858   18.358  1.00 62.81  ? 60   GLU A OE1 1 
ATOM   476  O OE2 . GLU A 1 60 ? -21.491 1.963   17.310  1.00 56.11  ? 60   GLU A OE2 1 
ATOM   477  N N   . TYR A 1 61 ? -15.768 3.344   16.359  1.00 18.55  ? 61   TYR A N   1 
ATOM   478  C CA  . TYR A 1 61 ? -14.396 3.025   16.747  1.00 18.40  ? 61   TYR A CA  1 
ATOM   479  C C   . TYR A 1 61 ? -13.488 4.236   16.532  1.00 18.06  ? 61   TYR A C   1 
ATOM   480  O O   . TYR A 1 61 ? -12.598 4.561   17.313  1.00 16.74  ? 61   TYR A O   1 
ATOM   481  C CB  . TYR A 1 61 ? -13.869 1.835   15.950  1.00 17.91  ? 61   TYR A CB  1 
ATOM   482  C CG  . TYR A 1 61 ? -14.316 0.467   16.418  1.00 23.12  ? 61   TYR A CG  1 
ATOM   483  C CD1 . TYR A 1 61 ? -15.492 0.314   17.139  1.00 21.14  ? 61   TYR A CD1 1 
ATOM   484  C CD2 . TYR A 1 61 ? -13.572 -0.665  16.143  1.00 17.22  ? 61   TYR A CD2 1 
ATOM   485  C CE1 . TYR A 1 61 ? -15.872 -0.959  17.550  1.00 19.97  ? 61   TYR A CE1 1 
ATOM   486  C CE2 . TYR A 1 61 ? -13.937 -1.942  16.546  1.00 17.95  ? 61   TYR A CE2 1 
ATOM   487  C CZ  . TYR A 1 61 ? -15.120 -2.061  17.268  1.00 19.17  ? 61   TYR A CZ  1 
ATOM   488  O OH  . TYR A 1 61 ? -15.530 -3.309  17.693  1.00 27.88  ? 61   TYR A OH  1 
ATOM   489  N N   . ILE A 1 62 ? -13.707 4.932   15.404  1.00 20.18  ? 62   ILE A N   1 
ATOM   490  C CA  . ILE A 1 62 ? -12.867 6.119   15.139  1.00 13.90  ? 62   ILE A CA  1 
ATOM   491  C C   . ILE A 1 62 ? -13.115 7.172   16.192  1.00 14.80  ? 62   ILE A C   1 
ATOM   492  O O   . ILE A 1 62 ? -12.220 7.802   16.754  1.00 18.18  ? 62   ILE A O   1 
ATOM   493  C CB  . ILE A 1 62 ? -13.181 6.689   13.741  1.00 15.83  ? 62   ILE A CB  1 
ATOM   494  C CG1 . ILE A 1 62 ? -12.650 5.764   12.633  1.00 14.06  ? 62   ILE A CG1 1 
ATOM   495  C CG2 . ILE A 1 62 ? -12.672 8.108   13.580  1.00 18.92  ? 62   ILE A CG2 1 
ATOM   496  C CD1 . ILE A 1 62 ? -13.160 6.179   11.268  1.00 30.75  ? 62   ILE A CD1 1 
ATOM   497  N N   . ASN A 1 63 ? -14.406 7.355   16.515  1.00 18.55  ? 63   ASN A N   1 
ATOM   498  C CA  . ASN A 1 63 ? -14.703 8.375   17.519  1.00 20.49  ? 63   ASN A CA  1 
ATOM   499  C C   . ASN A 1 63 ? -14.065 7.982   18.852  1.00 18.05  ? 63   ASN A C   1 
ATOM   500  O O   . ASN A 1 63 ? -13.548 8.821   19.579  1.00 21.21  ? 63   ASN A O   1 
ATOM   501  C CB  . ASN A 1 63 ? -16.208 8.588   17.669  1.00 26.99  ? 63   ASN A CB  1 
ATOM   502  C CG  . ASN A 1 63 ? -16.883 9.126   16.420  1.00 23.04  ? 63   ASN A CG  1 
ATOM   503  O OD1 . ASN A 1 63 ? -18.099 8.989   16.235  1.00 25.24  ? 63   ASN A OD1 1 
ATOM   504  N ND2 . ASN A 1 63 ? -16.068 9.736   15.557  1.00 18.97  ? 63   ASN A ND2 1 
ATOM   505  N N   . SER A 1 64 ? -14.105 6.692   19.171  1.00 16.32  ? 64   SER A N   1 
ATOM   506  C CA  . SER A 1 64 ? -13.560 6.203   20.430  1.00 20.67  ? 64   SER A CA  1 
ATOM   507  C C   . SER A 1 64 ? -12.045 6.342   20.416  1.00 28.16  ? 64   SER A C   1 
ATOM   508  O O   . SER A 1 64 ? -11.435 6.787   21.381  1.00 27.61  ? 64   SER A O   1 
ATOM   509  C CB  . SER A 1 64 ? -13.972 4.748   20.675  1.00 20.19  ? 64   SER A CB  1 
ATOM   510  O OG  . SER A 1 64 ? -13.221 4.189   21.751  1.00 21.61  ? 64   SER A OG  1 
ATOM   511  N N   . LEU A 1 65 ? -11.417 5.993   19.295  1.00 23.48  ? 65   LEU A N   1 
ATOM   512  C CA  . LEU A 1 65 ? -9.964  6.188   19.235  1.00 24.25  ? 65   LEU A CA  1 
ATOM   513  C C   . LEU A 1 65 ? -9.588  7.656   19.300  1.00 25.10  ? 65   LEU A C   1 
ATOM   514  O O   . LEU A 1 65 ? -8.488  8.007   19.724  1.00 27.91  ? 65   LEU A O   1 
ATOM   515  C CB  . LEU A 1 65 ? -9.372  5.599   17.946  1.00 25.68  ? 65   LEU A CB  1 
ATOM   516  C CG  . LEU A 1 65 ? -9.359  4.068   17.846  1.00 19.34  ? 65   LEU A CG  1 
ATOM   517  C CD1 . LEU A 1 65 ? -9.385  3.640   16.391  1.00 22.23  ? 65   LEU A CD1 1 
ATOM   518  C CD2 . LEU A 1 65 ? -8.131  3.514   18.560  1.00 20.09  ? 65   LEU A CD2 1 
ATOM   519  N N   . GLU A 1 66 ? -10.480 8.545   18.858  1.00 27.80  ? 66   GLU A N   1 
ATOM   520  C CA  . GLU A 1 66 ? -10.121 9.963   18.883  1.00 28.23  ? 66   GLU A CA  1 
ATOM   521  C C   . GLU A 1 66 ? -10.322 10.567  20.275  1.00 36.71  ? 66   GLU A C   1 
ATOM   522  O O   . GLU A 1 66 ? -9.670  11.571  20.573  1.00 30.73  ? 66   GLU A O   1 
ATOM   523  C CB  . GLU A 1 66 ? -10.900 10.727  17.799  1.00 26.95  ? 66   GLU A CB  1 
ATOM   524  C CG  . GLU A 1 66 ? -10.320 10.406  16.434  1.00 27.35  ? 66   GLU A CG  1 
ATOM   525  C CD  . GLU A 1 66 ? -10.753 11.289  15.301  1.00 33.44  ? 66   GLU A CD  1 
ATOM   526  O OE1 . GLU A 1 66 ? -10.018 11.289  14.284  1.00 32.15  ? 66   GLU A OE1 1 
ATOM   527  O OE2 . GLU A 1 66 ? -11.803 11.963  15.382  1.00 29.65  ? 66   GLU A OE2 1 
ATOM   528  N N   . MET A 1 67 ? -11.155 9.972   21.117  1.00 40.26  ? 67   MET A N   1 
ATOM   529  C CA  . MET A 1 67 ? -11.395 10.404  22.488  1.00 65.99  ? 67   MET A CA  1 
ATOM   530  C C   . MET A 1 67 ? -10.391 9.786   23.459  1.00 84.76  ? 67   MET A C   1 
ATOM   531  O O   . MET A 1 67 ? -10.026 8.617   23.299  1.00 96.61  ? 67   MET A O   1 
ATOM   532  C CB  . MET A 1 67 ? -12.815 10.047  22.954  1.00 72.50  ? 67   MET A CB  1 
ATOM   533  C CG  . MET A 1 67 ? -13.093 8.570   23.151  1.00 79.68  ? 67   MET A CG  1 
ATOM   534  S SD  . MET A 1 67 ? -14.725 8.164   23.825  1.00 48.31  ? 67   MET A SD  1 
ATOM   535  C CE  . MET A 1 67 ? -14.396 8.371   25.576  1.00 43.86  ? 67   MET A CE  1 
ATOM   536  N N   . SER A 1 68 ? -9.945  10.537  24.462  1.00 98.27  ? 68   SER A N   1 
ATOM   537  C CA  . SER A 1 68 ? -9.076  9.998   25.506  1.00 108.87 ? 68   SER A CA  1 
ATOM   538  C C   . SER A 1 68 ? -8.696  11.052  26.545  1.00 115.12 ? 68   SER A C   1 
ATOM   539  O O   . SER A 1 68 ? -7.949  10.701  27.486  1.00 118.07 ? 68   SER A O   1 
ATOM   540  C CB  . SER A 1 68 ? -7.791  9.397   24.925  1.00 110.50 ? 68   SER A CB  1 
ATOM   541  O OG  . SER A 1 68 ? -6.914  8.986   25.965  1.00 101.50 ? 68   SER A OG  1 
ATOM   542  O OXT . SER A 1 68 ? -9.139  12.209  26.415  1.00 121.14 ? 68   SER A OXT 1 
ATOM   543  N N   . GLY B 1 2  ? -14.122 -10.618 -4.490  1.00 89.29  ? 2    GLY B N   1 
ATOM   544  C CA  . GLY B 1 2  ? -13.643 -10.529 -3.121  1.00 69.93  ? 2    GLY B CA  1 
ATOM   545  C C   . GLY B 1 2  ? -12.136 -10.586 -3.015  1.00 62.95  ? 2    GLY B C   1 
ATOM   546  O O   . GLY B 1 2  ? -11.441 -11.233 -3.807  1.00 41.63  ? 2    GLY B O   1 
ATOM   547  N N   . TYR B 1 3  ? -11.581 -9.870  -2.029  1.00 48.70  ? 3    TYR B N   1 
ATOM   548  C CA  . TYR B 1 3  ? -10.144 -9.893  -1.778  1.00 43.66  ? 3    TYR B CA  1 
ATOM   549  C C   . TYR B 1 3  ? -9.949  -9.942  -0.268  1.00 23.85  ? 3    TYR B C   1 
ATOM   550  O O   . TYR B 1 3  ? -10.944 -9.912  0.459   1.00 36.94  ? 3    TYR B O   1 
ATOM   551  C CB  . TYR B 1 3  ? -9.387  -8.710  -2.382  1.00 51.81  ? 3    TYR B CB  1 
ATOM   552  C CG  . TYR B 1 3  ? -9.868  -8.326  -3.766  1.00 71.94  ? 3    TYR B CG  1 
ATOM   553  C CD1 . TYR B 1 3  ? -10.708 -7.231  -3.932  1.00 79.78  ? 3    TYR B CD1 1 
ATOM   554  C CD2 . TYR B 1 3  ? -9.522  -9.052  -4.900  1.00 78.20  ? 3    TYR B CD2 1 
ATOM   555  C CE1 . TYR B 1 3  ? -11.177 -6.852  -5.177  1.00 80.16  ? 3    TYR B CE1 1 
ATOM   556  C CE2 . TYR B 1 3  ? -9.981  -8.678  -6.155  1.00 77.56  ? 3    TYR B CE2 1 
ATOM   557  C CZ  . TYR B 1 3  ? -10.807 -7.582  -6.285  1.00 79.44  ? 3    TYR B CZ  1 
ATOM   558  O OH  . TYR B 1 3  ? -11.282 -7.187  -7.515  1.00 96.68  ? 3    TYR B OH  1 
ATOM   559  N N   . SER B 1 4  ? -8.716  -10.031 0.199   1.00 25.43  ? 4    SER B N   1 
ATOM   560  C CA  . SER B 1 4  ? -8.577  -9.998  1.659   1.00 24.02  ? 4    SER B CA  1 
ATOM   561  C C   . SER B 1 4  ? -8.793  -8.561  2.128   1.00 28.43  ? 4    SER B C   1 
ATOM   562  O O   . SER B 1 4  ? -8.818  -7.642  1.303   1.00 23.28  ? 4    SER B O   1 
ATOM   563  C CB  . SER B 1 4  ? -7.238  -10.559 2.095   1.00 26.19  ? 4    SER B CB  1 
ATOM   564  O OG  . SER B 1 4  ? -6.150  -9.791  1.667   1.00 38.42  ? 4    SER B OG  1 
ATOM   565  N N   . SER B 1 5  ? -8.958  -8.372  3.428   1.00 22.11  ? 5    SER B N   1 
ATOM   566  C CA  . SER B 1 5  ? -9.064  -6.990  3.927   1.00 20.71  ? 5    SER B CA  1 
ATOM   567  C C   . SER B 1 5  ? -7.707  -6.449  4.338   1.00 20.88  ? 5    SER B C   1 
ATOM   568  O O   . SER B 1 5  ? -7.594  -5.463  5.078   1.00 18.57  ? 5    SER B O   1 
ATOM   569  C CB  . SER B 1 5  ? -10.113 -6.954  5.042   1.00 23.05  ? 5    SER B CB  1 
ATOM   570  O OG  . SER B 1 5  ? -9.712  -7.827  6.096   1.00 40.31  ? 5    SER B OG  1 
ATOM   571  N N   . ASP B 1 6  ? -6.593  -7.038  3.901   1.00 18.88  ? 6    ASP B N   1 
ATOM   572  C CA  . ASP B 1 6  ? -5.266  -6.480  4.093   1.00 19.26  ? 6    ASP B CA  1 
ATOM   573  C C   . ASP B 1 6  ? -5.046  -5.277  3.171   1.00 16.78  ? 6    ASP B C   1 
ATOM   574  O O   . ASP B 1 6  ? -5.724  -5.203  2.158   1.00 19.20  ? 6    ASP B O   1 
ATOM   575  C CB  . ASP B 1 6  ? -4.143  -7.453  3.720   1.00 26.76  ? 6    ASP B CB  1 
ATOM   576  C CG  . ASP B 1 6  ? -4.027  -8.607  4.699   1.00 28.36  ? 6    ASP B CG  1 
ATOM   577  O OD1 . ASP B 1 6  ? -3.158  -9.473  4.444   1.00 30.93  ? 6    ASP B OD1 1 
ATOM   578  O OD2 . ASP B 1 6  ? -4.807  -8.585  5.668   1.00 28.67  ? 6    ASP B OD2 1 
ATOM   579  N N   . THR B 1 7  ? -4.109  -4.390  3.495   1.00 15.62  ? 7    THR B N   1 
ATOM   580  C CA  . THR B 1 7  ? -3.801  -3.331  2.534   1.00 14.67  ? 7    THR B CA  1 
ATOM   581  C C   . THR B 1 7  ? -2.818  -3.890  1.496   1.00 24.33  ? 7    THR B C   1 
ATOM   582  O O   . THR B 1 7  ? -2.194  -4.928  1.738   1.00 18.88  ? 7    THR B O   1 
ATOM   583  C CB  . THR B 1 7  ? -3.186  -2.056  3.145   1.00 16.32  ? 7    THR B CB  1 
ATOM   584  O OG1 . THR B 1 7  ? -1.963  -2.457  3.789   1.00 21.33  ? 7    THR B OG1 1 
ATOM   585  C CG2 . THR B 1 7  ? -4.079  -1.444  4.201   1.00 15.57  ? 7    THR B CG2 1 
ATOM   586  N N   . THR B 1 8  ? -2.757  -3.165  0.391   1.00 14.41  ? 8    THR B N   1 
ATOM   587  C CA  . THR B 1 8  ? -1.974  -3.539  -0.768  1.00 16.52  ? 8    THR B CA  1 
ATOM   588  C C   . THR B 1 8  ? -1.206  -2.327  -1.261  1.00 15.49  ? 8    THR B C   1 
ATOM   589  O O   . THR B 1 8  ? -1.828  -1.291  -1.447  1.00 18.98  ? 8    THR B O   1 
ATOM   590  C CB  . THR B 1 8  ? -2.859  -4.098  -1.899  1.00 23.22  ? 8    THR B CB  1 
ATOM   591  O OG1 . THR B 1 8  ? -3.522  -5.285  -1.444  1.00 32.78  ? 8    THR B OG1 1 
ATOM   592  C CG2 . THR B 1 8  ? -2.007  -4.536  -3.080  1.00 32.71  ? 8    THR B CG2 1 
ATOM   593  N N   . PRO B 1 9  ? 0.096   -2.360  -1.492  1.00 14.93  ? 9    PRO B N   1 
ATOM   594  C CA  . PRO B 1 9  ? 0.767   -1.162  -2.001  1.00 16.03  ? 9    PRO B CA  1 
ATOM   595  C C   . PRO B 1 9  ? 0.401   -0.835  -3.447  1.00 16.83  ? 9    PRO B C   1 
ATOM   596  O O   . PRO B 1 9  ? 0.495   -1.713  -4.317  1.00 17.39  ? 9    PRO B O   1 
ATOM   597  C CB  . PRO B 1 9  ? 2.250   -1.508  -1.845  1.00 14.90  ? 9    PRO B CB  1 
ATOM   598  C CG  . PRO B 1 9  ? 2.311   -3.008  -1.899  1.00 17.60  ? 9    PRO B CG  1 
ATOM   599  C CD  . PRO B 1 9  ? 1.035   -3.485  -1.256  1.00 18.70  ? 9    PRO B CD  1 
ATOM   600  N N   . CYS B 1 10 ? -0.025  0.392   -3.756  1.00 13.10  ? 10   CYS B N   1 
ATOM   601  C CA  . CYS B 1 10 ? -0.301  0.784   -5.131  1.00 14.25  ? 10   CYS B CA  1 
ATOM   602  C C   . CYS B 1 10 ? 0.580   1.994   -5.495  1.00 12.18  ? 10   CYS B C   1 
ATOM   603  O O   . CYS B 1 10 ? 1.046   2.701   -4.593  1.00 17.45  ? 10   CYS B O   1 
ATOM   604  C CB  . CYS B 1 10 ? -1.765  1.127   -5.417  1.00 14.30  ? 10   CYS B CB  1 
ATOM   605  S SG  . CYS B 1 10 ? -2.882  -0.313  -5.257  1.00 15.78  ? 10   CYS B SG  1 
ATOM   606  N N   . CYS B 1 11 ? 0.796   2.206   -6.765  1.00 11.02  ? 11   CYS B N   1 
ATOM   607  C CA  . CYS B 1 11 ? 1.633   3.298   -7.274  1.00 13.50  ? 11   CYS B CA  1 
ATOM   608  C C   . CYS B 1 11 ? 0.845   4.365   -8.004  1.00 14.36  ? 11   CYS B C   1 
ATOM   609  O O   . CYS B 1 11 ? -0.043  3.998   -8.783  1.00 15.97  ? 11   CYS B O   1 
ATOM   610  C CB  . CYS B 1 11 ? 2.687   2.744   -8.268  1.00 14.88  ? 11   CYS B CB  1 
ATOM   611  S SG  . CYS B 1 11 ? 3.960   1.781   -7.399  1.00 15.04  ? 11   CYS B SG  1 
ATOM   612  N N   . PHE B 1 12 ? 1.184   5.644   -7.815  1.00 13.08  ? 12   PHE B N   1 
ATOM   613  C CA  . PHE B 1 12 ? 0.441   6.701   -8.507  1.00 14.85  ? 12   PHE B CA  1 
ATOM   614  C C   . PHE B 1 12 ? 1.342   7.612   -9.304  1.00 21.86  ? 12   PHE B C   1 
ATOM   615  O O   . PHE B 1 12 ? 0.864   8.500   -10.005 1.00 18.91  ? 12   PHE B O   1 
ATOM   616  C CB  . PHE B 1 12 ? -0.383  7.494   -7.465  1.00 16.14  ? 12   PHE B CB  1 
ATOM   617  C CG  . PHE B 1 12 ? -1.458  6.539   -6.903  1.00 16.54  ? 12   PHE B CG  1 
ATOM   618  C CD1 . PHE B 1 12 ? -1.310  5.942   -5.684  1.00 14.63  ? 12   PHE B CD1 1 
ATOM   619  C CD2 . PHE B 1 12 ? -2.578  6.238   -7.665  1.00 14.13  ? 12   PHE B CD2 1 
ATOM   620  C CE1 . PHE B 1 12 ? -2.247  5.043   -5.199  1.00 17.83  ? 12   PHE B CE1 1 
ATOM   621  C CE2 . PHE B 1 12 ? -3.538  5.361   -7.184  1.00 14.76  ? 12   PHE B CE2 1 
ATOM   622  C CZ  . PHE B 1 12 ? -3.380  4.763   -5.952  1.00 15.24  ? 12   PHE B CZ  1 
ATOM   623  N N   . ALA B 1 13 ? 2.663   7.405   -9.229  1.00 18.25  ? 13   ALA B N   1 
ATOM   624  C CA  . ALA B 1 13 ? 3.593   8.114   -10.101 1.00 19.39  ? 13   ALA B CA  1 
ATOM   625  C C   . ALA B 1 13 ? 4.844   7.244   -10.257 1.00 18.06  ? 13   ALA B C   1 
ATOM   626  O O   . ALA B 1 13 ? 5.118   6.441   -9.363  1.00 21.93  ? 13   ALA B O   1 
ATOM   627  C CB  . ALA B 1 13 ? 3.994   9.470   -9.562  1.00 22.79  ? 13   ALA B CB  1 
ATOM   628  N N   . TYR B 1 14 ? 5.558   7.402   -11.348 1.00 21.76  ? 14   TYR B N   1 
ATOM   629  C CA  . TYR B 1 14 ? 6.773   6.626   -11.582 1.00 23.19  ? 14   TYR B CA  1 
ATOM   630  C C   . TYR B 1 14 ? 8.008   7.500   -11.404 1.00 33.79  ? 14   TYR B C   1 
ATOM   631  O O   . TYR B 1 14 ? 8.030   8.672   -11.796 1.00 20.35  ? 14   TYR B O   1 
ATOM   632  C CB  . TYR B 1 14 ? 6.722   6.059   -12.986 1.00 22.32  ? 14   TYR B CB  1 
ATOM   633  C CG  . TYR B 1 14 ? 5.514   5.218   -13.333 1.00 28.40  ? 14   TYR B CG  1 
ATOM   634  C CD1 . TYR B 1 14 ? 5.123   4.118   -12.591 1.00 26.29  ? 14   TYR B CD1 1 
ATOM   635  C CD2 . TYR B 1 14 ? 4.734   5.532   -14.448 1.00 29.34  ? 14   TYR B CD2 1 
ATOM   636  C CE1 . TYR B 1 14 ? 4.019   3.358   -12.917 1.00 23.59  ? 14   TYR B CE1 1 
ATOM   637  C CE2 . TYR B 1 14 ? 3.630   4.770   -14.786 1.00 31.13  ? 14   TYR B CE2 1 
ATOM   638  C CZ  . TYR B 1 14 ? 3.263   3.682   -14.026 1.00 31.60  ? 14   TYR B CZ  1 
ATOM   639  O OH  . TYR B 1 14 ? 2.158   2.930   -14.378 1.00 27.08  ? 14   TYR B OH  1 
ATOM   640  N N   . ILE B 1 15 ? 9.050   6.923   -10.805 1.00 26.33  ? 15   ILE B N   1 
ATOM   641  C CA  . ILE B 1 15 ? 10.334  7.646   -10.780 1.00 26.61  ? 15   ILE B CA  1 
ATOM   642  C C   . ILE B 1 15 ? 10.767  7.863   -12.226 1.00 20.70  ? 15   ILE B C   1 
ATOM   643  O O   . ILE B 1 15 ? 10.762  6.966   -13.069 1.00 24.11  ? 15   ILE B O   1 
ATOM   644  C CB  . ILE B 1 15 ? 11.391  6.896   -9.949  1.00 27.12  ? 15   ILE B CB  1 
ATOM   645  C CG1 . ILE B 1 15 ? 12.569  7.772   -9.521  1.00 37.17  ? 15   ILE B CG1 1 
ATOM   646  C CG2 . ILE B 1 15 ? 11.842  5.626   -10.661 1.00 18.02  ? 15   ILE B CG2 1 
ATOM   647  C CD1 . ILE B 1 15 ? 13.521  7.169   -8.518  1.00 40.98  ? 15   ILE B CD1 1 
ATOM   648  N N   . ALA B 1 16 ? 11.106  9.114   -12.514 1.00 43.23  ? 16   ALA B N   1 
ATOM   649  C CA  . ALA B 1 16 ? 11.513  9.551   -13.842 1.00 48.18  ? 16   ALA B CA  1 
ATOM   650  C C   . ALA B 1 16 ? 12.841  8.936   -14.266 1.00 45.57  ? 16   ALA B C   1 
ATOM   651  O O   . ALA B 1 16 ? 12.945  8.219   -15.264 1.00 45.99  ? 16   ALA B O   1 
ATOM   652  C CB  . ALA B 1 16 ? 11.615  11.071  -13.865 1.00 62.45  ? 16   ALA B CB  1 
ATOM   653  N N   . ARG B 1 17 ? 13.881  9.217   -13.479 1.00 37.92  ? 17   ARG B N   1 
ATOM   654  C CA  . ARG B 1 17 ? 15.204  8.716   -13.849 1.00 41.48  ? 17   ARG B CA  1 
ATOM   655  C C   . ARG B 1 17 ? 15.607  7.476   -13.057 1.00 46.57  ? 17   ARG B C   1 
ATOM   656  O O   . ARG B 1 17 ? 15.249  7.255   -11.901 1.00 35.40  ? 17   ARG B O   1 
ATOM   657  C CB  . ARG B 1 17 ? 16.245  9.833   -13.689 1.00 49.83  ? 17   ARG B CB  1 
ATOM   658  C CG  . ARG B 1 17 ? 15.951  11.044  -14.562 1.00 60.63  ? 17   ARG B CG  1 
ATOM   659  C CD  . ARG B 1 17 ? 16.537  10.929  -15.955 1.00 64.49  ? 17   ARG B CD  1 
ATOM   660  N NE  . ARG B 1 17 ? 16.336  9.626   -16.572 1.00 66.05  ? 17   ARG B NE  1 
ATOM   661  C CZ  . ARG B 1 17 ? 15.369  9.290   -17.411 1.00 65.99  ? 17   ARG B CZ  1 
ATOM   662  N NH1 . ARG B 1 17 ? 15.299  8.057   -17.906 1.00 63.76  ? 17   ARG B NH1 1 
ATOM   663  N NH2 . ARG B 1 17 ? 14.453  10.175  -17.776 1.00 83.84  ? 17   ARG B NH2 1 
ATOM   664  N N   . PRO B 1 18 ? 16.388  6.635   -13.738 1.00 43.77  ? 18   PRO B N   1 
ATOM   665  C CA  . PRO B 1 18 ? 16.840  5.362   -13.152 1.00 25.49  ? 18   PRO B CA  1 
ATOM   666  C C   . PRO B 1 18 ? 17.543  5.656   -11.831 1.00 33.42  ? 18   PRO B C   1 
ATOM   667  O O   . PRO B 1 18 ? 18.250  6.652   -11.654 1.00 28.63  ? 18   PRO B O   1 
ATOM   668  C CB  . PRO B 1 18 ? 17.780  4.816   -14.210 1.00 42.92  ? 18   PRO B CB  1 
ATOM   669  C CG  . PRO B 1 18 ? 17.348  5.468   -15.483 1.00 40.67  ? 18   PRO B CG  1 
ATOM   670  C CD  . PRO B 1 18 ? 16.899  6.854   -15.103 1.00 36.15  ? 18   PRO B CD  1 
ATOM   671  N N   . MET B 1 19 ? 17.320  4.782   -10.850 1.00 26.26  ? 19   MET B N   1 
ATOM   672  C CA  . MET B 1 19 ? 18.039  4.911   -9.585  1.00 30.46  ? 19   MET B CA  1 
ATOM   673  C C   . MET B 1 19 ? 19.341  4.124   -9.685  1.00 24.23  ? 19   MET B C   1 
ATOM   674  O O   . MET B 1 19 ? 19.463  3.387   -10.668 1.00 23.52  ? 19   MET B O   1 
ATOM   675  C CB  . MET B 1 19 ? 17.144  4.402   -8.467  1.00 40.60  ? 19   MET B CB  1 
ATOM   676  C CG  . MET B 1 19 ? 16.413  3.127   -8.898  1.00 36.53  ? 19   MET B CG  1 
ATOM   677  S SD  . MET B 1 19 ? 14.816  3.000   -8.070  1.00 47.22  ? 19   MET B SD  1 
ATOM   678  C CE  . MET B 1 19 ? 15.224  1.839   -6.766  1.00 46.06  ? 19   MET B CE  1 
ATOM   679  N N   . PRO B 1 20 ? 20.284  4.259   -8.772  1.00 33.04  ? 20   PRO B N   1 
ATOM   680  C CA  . PRO B 1 20 ? 21.508  3.449   -8.874  1.00 38.46  ? 20   PRO B CA  1 
ATOM   681  C C   . PRO B 1 20 ? 21.207  1.964   -8.724  1.00 26.38  ? 20   PRO B C   1 
ATOM   682  O O   . PRO B 1 20 ? 20.535  1.481   -7.818  1.00 22.30  ? 20   PRO B O   1 
ATOM   683  C CB  . PRO B 1 20 ? 22.382  3.945   -7.713  1.00 32.34  ? 20   PRO B CB  1 
ATOM   684  C CG  . PRO B 1 20 ? 21.802  5.269   -7.334  1.00 36.67  ? 20   PRO B CG  1 
ATOM   685  C CD  . PRO B 1 20 ? 20.323  5.147   -7.598  1.00 37.96  ? 20   PRO B CD  1 
ATOM   686  N N   . ARG B 1 21 ? 21.736  1.160   -9.650  1.00 20.99  ? 21   ARG B N   1 
ATOM   687  C CA  . ARG B 1 21 ? 21.416  -0.273  -9.586  1.00 23.24  ? 21   ARG B CA  1 
ATOM   688  C C   . ARG B 1 21 ? 21.924  -0.897  -8.298  1.00 15.87  ? 21   ARG B C   1 
ATOM   689  O O   . ARG B 1 21 ? 21.391  -1.865  -7.778  1.00 22.39  ? 21   ARG B O   1 
ATOM   690  C CB  . ARG B 1 21 ? 21.992  -0.981  -10.832 1.00 19.14  ? 21   ARG B CB  1 
ATOM   691  C CG  . ARG B 1 21 ? 22.007  -2.488  -10.682 1.00 19.03  ? 21   ARG B CG  1 
ATOM   692  C CD  . ARG B 1 21 ? 20.582  -3.049  -10.691 1.00 23.67  ? 21   ARG B CD  1 
ATOM   693  N NE  . ARG B 1 21 ? 20.578  -4.517  -10.650 1.00 25.56  ? 21   ARG B NE  1 
ATOM   694  C CZ  . ARG B 1 21 ? 20.623  -5.259  -9.545  1.00 24.19  ? 21   ARG B CZ  1 
ATOM   695  N NH1 . ARG B 1 21 ? 20.673  -4.753  -8.318  1.00 27.45  ? 21   ARG B NH1 1 
ATOM   696  N NH2 . ARG B 1 21 ? 20.611  -6.573  -9.645  1.00 24.63  ? 21   ARG B NH2 1 
ATOM   697  N N   . ALA B 1 22 ? 22.994  -0.322  -7.731  1.00 17.31  ? 22   ALA B N   1 
ATOM   698  C CA  . ALA B 1 22 ? 23.572  -0.970  -6.550  1.00 24.76  ? 22   ALA B CA  1 
ATOM   699  C C   . ALA B 1 22 ? 22.701  -0.832  -5.298  1.00 34.19  ? 22   ALA B C   1 
ATOM   700  O O   . ALA B 1 22 ? 22.802  -1.640  -4.372  1.00 33.28  ? 22   ALA B O   1 
ATOM   701  C CB  . ALA B 1 22 ? 24.969  -0.415  -6.295  1.00 26.38  ? 22   ALA B CB  1 
ATOM   702  N N   . HIS B 1 23 ? 21.841  0.172   -5.242  1.00 25.40  ? 23   HIS B N   1 
ATOM   703  C CA  . HIS B 1 23 ? 20.935  0.385   -4.116  1.00 24.86  ? 23   HIS B CA  1 
ATOM   704  C C   . HIS B 1 23 ? 19.717  -0.523  -4.123  1.00 29.21  ? 23   HIS B C   1 
ATOM   705  O O   . HIS B 1 23 ? 18.909  -0.496  -3.175  1.00 29.74  ? 23   HIS B O   1 
ATOM   706  C CB  . HIS B 1 23 ? 20.444  1.840   -4.163  1.00 28.79  ? 23   HIS B CB  1 
ATOM   707  C CG  . HIS B 1 23 ? 21.549  2.818   -3.922  1.00 28.37  ? 23   HIS B CG  1 
ATOM   708  N ND1 . HIS B 1 23 ? 21.319  4.156   -3.733  1.00 30.31  ? 23   HIS B ND1 1 
ATOM   709  C CD2 . HIS B 1 23 ? 22.891  2.620   -3.845  1.00 23.73  ? 23   HIS B CD2 1 
ATOM   710  C CE1 . HIS B 1 23 ? 22.476  4.768   -3.550  1.00 26.59  ? 23   HIS B CE1 1 
ATOM   711  N NE2 . HIS B 1 23 ? 23.433  3.856   -3.615  1.00 31.92  ? 23   HIS B NE2 1 
ATOM   712  N N   . ILE B 1 24 ? 19.538  -1.309  -5.186  1.00 23.42  ? 24   ILE B N   1 
ATOM   713  C CA  . ILE B 1 24 ? 18.298  -2.096  -5.265  1.00 22.79  ? 24   ILE B CA  1 
ATOM   714  C C   . ILE B 1 24 ? 18.475  -3.518  -4.773  1.00 21.29  ? 24   ILE B C   1 
ATOM   715  O O   . ILE B 1 24 ? 19.363  -4.215  -5.233  1.00 20.20  ? 24   ILE B O   1 
ATOM   716  C CB  . ILE B 1 24 ? 17.739  -2.091  -6.699  1.00 20.55  ? 24   ILE B CB  1 
ATOM   717  C CG1 . ILE B 1 24 ? 17.313  -0.687  -7.134  1.00 24.87  ? 24   ILE B CG1 1 
ATOM   718  C CG2 . ILE B 1 24 ? 16.589  -3.065  -6.874  1.00 26.29  ? 24   ILE B CG2 1 
ATOM   719  C CD1 . ILE B 1 24 ? 16.947  -0.573  -8.605  1.00 32.52  ? 24   ILE B CD1 1 
ATOM   720  N N   . LYS B 1 25 ? 17.617  -3.940  -3.846  1.00 21.17  ? 25   LYS B N   1 
ATOM   721  C CA  . LYS B 1 25 ? 17.619  -5.245  -3.211  1.00 19.36  ? 25   LYS B CA  1 
ATOM   722  C C   . LYS B 1 25 ? 16.802  -6.282  -3.956  1.00 27.26  ? 25   LYS B C   1 
ATOM   723  O O   . LYS B 1 25 ? 17.179  -7.435  -4.214  1.00 22.33  ? 25   LYS B O   1 
ATOM   724  C CB  . LYS B 1 25 ? 16.999  -5.102  -1.798  1.00 22.50  ? 25   LYS B CB  1 
ATOM   725  C CG  . LYS B 1 25 ? 18.004  -4.935  -0.681  1.00 39.97  ? 25   LYS B CG  1 
ATOM   726  C CD  . LYS B 1 25 ? 17.437  -5.488  0.628   1.00 41.99  ? 25   LYS B CD  1 
ATOM   727  C CE  . LYS B 1 25 ? 16.201  -4.701  1.052   1.00 34.67  ? 25   LYS B CE  1 
ATOM   728  N NZ  . LYS B 1 25 ? 15.709  -5.141  2.390   1.00 29.51  ? 25   LYS B NZ  1 
ATOM   729  N N   . GLU B 1 26 ? 15.591  -5.821  -4.306  1.00 21.20  ? 26   GLU B N   1 
ATOM   730  C CA  . GLU B 1 26 ? 14.681  -6.692  -5.051  1.00 22.63  ? 26   GLU B CA  1 
ATOM   731  C C   . GLU B 1 26 ? 13.588  -5.862  -5.721  1.00 15.73  ? 26   GLU B C   1 
ATOM   732  O O   . GLU B 1 26 ? 13.555  -4.644  -5.565  1.00 14.68  ? 26   GLU B O   1 
ATOM   733  C CB  . GLU B 1 26 ? 14.061  -7.767  -4.139  1.00 28.58  ? 26   GLU B CB  1 
ATOM   734  C CG  . GLU B 1 26 ? 13.120  -7.132  -3.118  1.00 34.10  ? 26   GLU B CG  1 
ATOM   735  C CD  . GLU B 1 26 ? 13.619  -7.308  -1.696  1.00 42.40  ? 26   GLU B CD  1 
ATOM   736  O OE1 . GLU B 1 26 ? 14.714  -7.889  -1.567  1.00 34.44  ? 26   GLU B OE1 1 
ATOM   737  O OE2 . GLU B 1 26 ? 12.936  -6.877  -0.745  1.00 26.99  ? 26   GLU B OE2 1 
ATOM   738  N N   . TYR B 1 27 ? 12.725  -6.545  -6.468  1.00 17.40  ? 27   TYR B N   1 
ATOM   739  C CA  . TYR B 1 27 ? 11.597  -5.886  -7.107  1.00 17.08  ? 27   TYR B CA  1 
ATOM   740  C C   . TYR B 1 27 ? 10.356  -6.758  -7.003  1.00 17.53  ? 27   TYR B C   1 
ATOM   741  O O   . TYR B 1 27 ? 10.450  -7.968  -6.832  1.00 17.44  ? 27   TYR B O   1 
ATOM   742  C CB  . TYR B 1 27 ? 11.950  -5.587  -8.575  1.00 22.35  ? 27   TYR B CB  1 
ATOM   743  C CG  . TYR B 1 27 ? 11.744  -6.812  -9.449  1.00 23.21  ? 27   TYR B CG  1 
ATOM   744  C CD1 . TYR B 1 27 ? 10.636  -6.935  -10.274 1.00 24.80  ? 27   TYR B CD1 1 
ATOM   745  C CD2 . TYR B 1 27 ? 12.671  -7.842  -9.400  1.00 23.38  ? 27   TYR B CD2 1 
ATOM   746  C CE1 . TYR B 1 27 ? 10.449  -8.057  -11.057 1.00 34.90  ? 27   TYR B CE1 1 
ATOM   747  C CE2 . TYR B 1 27 ? 12.489  -8.972  -10.193 1.00 32.71  ? 27   TYR B CE2 1 
ATOM   748  C CZ  . TYR B 1 27 ? 11.387  -9.066  -11.006 1.00 38.48  ? 27   TYR B CZ  1 
ATOM   749  O OH  . TYR B 1 27 ? 11.186  -10.174 -11.797 1.00 67.94  ? 27   TYR B OH  1 
ATOM   750  N N   . PHE B 1 28 ? 9.185   -6.137  -7.145  1.00 17.52  ? 28   PHE B N   1 
ATOM   751  C CA  . PHE B 1 28 ? 7.935   -6.893  -7.297  1.00 19.28  ? 28   PHE B CA  1 
ATOM   752  C C   . PHE B 1 28 ? 6.973   -6.036  -8.122  1.00 21.68  ? 28   PHE B C   1 
ATOM   753  O O   . PHE B 1 28 ? 7.126   -4.820  -8.219  1.00 15.81  ? 28   PHE B O   1 
ATOM   754  C CB  . PHE B 1 28 ? 7.330   -7.301  -5.962  1.00 20.95  ? 28   PHE B CB  1 
ATOM   755  C CG  . PHE B 1 28 ? 6.878   -6.138  -5.102  1.00 19.52  ? 28   PHE B CG  1 
ATOM   756  C CD1 . PHE B 1 28 ? 5.555   -5.692  -5.169  1.00 21.55  ? 28   PHE B CD1 1 
ATOM   757  C CD2 . PHE B 1 28 ? 7.732   -5.500  -4.231  1.00 15.95  ? 28   PHE B CD2 1 
ATOM   758  C CE1 . PHE B 1 28 ? 5.155   -4.632  -4.380  1.00 17.22  ? 28   PHE B CE1 1 
ATOM   759  C CE2 . PHE B 1 28 ? 7.333   -4.431  -3.449  1.00 18.03  ? 28   PHE B CE2 1 
ATOM   760  C CZ  . PHE B 1 28 ? 6.024   -3.989  -3.510  1.00 15.85  ? 28   PHE B CZ  1 
ATOM   761  N N   . TYR B 1 29 ? 5.978   -6.667  -8.725  1.00 21.04  ? 29   TYR B N   1 
ATOM   762  C CA  . TYR B 1 29 ? 4.991   -5.908  -9.503  1.00 18.67  ? 29   TYR B CA  1 
ATOM   763  C C   . TYR B 1 29 ? 3.789   -5.631  -8.625  1.00 19.69  ? 29   TYR B C   1 
ATOM   764  O O   . TYR B 1 29 ? 3.437   -6.494  -7.815  1.00 19.42  ? 29   TYR B O   1 
ATOM   765  C CB  . TYR B 1 29 ? 4.568   -6.741  -10.697 1.00 21.92  ? 29   TYR B CB  1 
ATOM   766  C CG  . TYR B 1 29 ? 5.524   -6.907  -11.846 1.00 21.34  ? 29   TYR B CG  1 
ATOM   767  C CD1 . TYR B 1 29 ? 6.345   -8.020  -11.962 1.00 22.18  ? 29   TYR B CD1 1 
ATOM   768  C CD2 . TYR B 1 29 ? 5.604   -5.923  -12.827 1.00 30.04  ? 29   TYR B CD2 1 
ATOM   769  C CE1 . TYR B 1 29 ? 7.218   -8.148  -13.027 1.00 30.48  ? 29   TYR B CE1 1 
ATOM   770  C CE2 . TYR B 1 29 ? 6.467   -6.044  -13.899 1.00 33.88  ? 29   TYR B CE2 1 
ATOM   771  C CZ  . TYR B 1 29 ? 7.270   -7.160  -13.986 1.00 39.43  ? 29   TYR B CZ  1 
ATOM   772  O OH  . TYR B 1 29 ? 8.123   -7.268  -15.062 1.00 34.47  ? 29   TYR B OH  1 
ATOM   773  N N   . THR B 1 30 ? 3.166   -4.454  -8.750  1.00 13.41  ? 30   THR B N   1 
ATOM   774  C CA  . THR B 1 30 ? 2.041   -4.235  -7.850  1.00 15.57  ? 30   THR B CA  1 
ATOM   775  C C   . THR B 1 30 ? 0.833   -5.035  -8.354  1.00 14.19  ? 30   THR B C   1 
ATOM   776  O O   . THR B 1 30 ? 0.804   -5.478  -9.504  1.00 19.96  ? 30   THR B O   1 
ATOM   777  C CB  . THR B 1 30 ? 1.640   -2.768  -7.748  1.00 15.92  ? 30   THR B CB  1 
ATOM   778  O OG1 . THR B 1 30 ? 1.564   -2.202  -9.077  1.00 15.13  ? 30   THR B OG1 1 
ATOM   779  C CG2 . THR B 1 30 ? 2.673   -1.913  -7.015  1.00 16.22  ? 30   THR B CG2 1 
ATOM   780  N N   . SER B 1 31 ? -0.112  -5.183  -7.451  1.00 13.17  ? 31   SER B N   1 
ATOM   781  C CA  . SER B 1 31 ? -1.304  -5.966  -7.687  1.00 18.55  ? 31   SER B CA  1 
ATOM   782  C C   . SER B 1 31 ? -2.049  -5.489  -8.913  1.00 29.32  ? 31   SER B C   1 
ATOM   783  O O   . SER B 1 31 ? -2.232  -4.298  -9.166  1.00 20.13  ? 31   SER B O   1 
ATOM   784  C CB  . SER B 1 31 ? -2.237  -5.891  -6.476  1.00 21.59  ? 31   SER B CB  1 
ATOM   785  O OG  . SER B 1 31 ? -3.477  -6.547  -6.702  1.00 22.98  ? 31   SER B OG  1 
ATOM   786  N N   . GLY B 1 32 ? -2.595  -6.449  -9.683  1.00 18.69  ? 32   GLY B N   1 
ATOM   787  C CA  . GLY B 1 32 ? -3.507  -5.994  -10.734 1.00 15.22  ? 32   GLY B CA  1 
ATOM   788  C C   . GLY B 1 32 ? -4.752  -5.311  -10.173 1.00 22.12  ? 32   GLY B C   1 
ATOM   789  O O   . GLY B 1 32 ? -5.503  -4.717  -10.968 1.00 22.82  ? 32   GLY B O   1 
ATOM   790  N N   . LYS B 1 33 ? -5.019  -5.343  -8.874  1.00 19.52  ? 33   LYS B N   1 
ATOM   791  C CA  . LYS B 1 33 ? -6.131  -4.564  -8.304  1.00 19.80  ? 33   LYS B CA  1 
ATOM   792  C C   . LYS B 1 33 ? -5.865  -3.072  -8.346  1.00 23.15  ? 33   LYS B C   1 
ATOM   793  O O   . LYS B 1 33 ? -6.806  -2.262  -8.383  1.00 14.84  ? 33   LYS B O   1 
ATOM   794  C CB  . LYS B 1 33 ? -6.379  -5.016  -6.874  1.00 23.38  ? 33   LYS B CB  1 
ATOM   795  C CG  . LYS B 1 33 ? -6.900  -6.464  -6.840  1.00 25.49  ? 33   LYS B CG  1 
ATOM   796  C CD  . LYS B 1 33 ? -7.061  -6.914  -5.404  1.00 33.85  ? 33   LYS B CD  1 
ATOM   797  C CE  . LYS B 1 33 ? -5.728  -7.048  -4.689  1.00 42.53  ? 33   LYS B CE  1 
ATOM   798  N NZ  . LYS B 1 33 ? -5.290  -8.463  -4.525  1.00 40.91  ? 33   LYS B NZ  1 
ATOM   799  N N   . CYS B 1 34 ? -4.575  -2.725  -8.370  1.00 16.51  ? 34   CYS B N   1 
ATOM   800  C CA  . CYS B 1 34 ? -4.239  -1.315  -8.453  1.00 13.74  ? 34   CYS B CA  1 
ATOM   801  C C   . CYS B 1 34 ? -4.582  -0.711  -9.820  1.00 16.72  ? 34   CYS B C   1 
ATOM   802  O O   . CYS B 1 34 ? -4.537  -1.372  -10.852 1.00 16.69  ? 34   CYS B O   1 
ATOM   803  C CB  . CYS B 1 34 ? -2.738  -1.108  -8.217  1.00 15.92  ? 34   CYS B CB  1 
ATOM   804  S SG  . CYS B 1 34 ? -2.130  -1.636  -6.616  1.00 16.95  ? 34   CYS B SG  1 
ATOM   805  N N   . SER B 1 35 ? -4.946  0.571   -9.889  1.00 15.71  ? 35   SER B N   1 
ATOM   806  C CA  . SER B 1 35 ? -5.346  1.120   -11.203 1.00 19.62  ? 35   SER B CA  1 
ATOM   807  C C   . SER B 1 35 ? -4.207  1.357   -12.178 1.00 25.05  ? 35   SER B C   1 
ATOM   808  O O   . SER B 1 35 ? -4.397  1.387   -13.405 1.00 26.42  ? 35   SER B O   1 
ATOM   809  C CB  . SER B 1 35 ? -6.106  2.438   -10.986 1.00 22.93  ? 35   SER B CB  1 
ATOM   810  O OG  . SER B 1 35 ? -7.380  2.168   -10.413 1.00 31.91  ? 35   SER B OG  1 
ATOM   811  N N   . ASN B 1 36 ? -2.980  1.545   -11.712 1.00 17.54  ? 36   ASN B N   1 
ATOM   812  C CA  . ASN B 1 36 ? -1.808  1.724   -12.547 1.00 15.56  ? 36   ASN B CA  1 
ATOM   813  C C   . ASN B 1 36 ? -0.891  0.514   -12.446 1.00 25.90  ? 36   ASN B C   1 
ATOM   814  O O   . ASN B 1 36 ? -0.550  0.031   -11.355 1.00 22.65  ? 36   ASN B O   1 
ATOM   815  C CB  . ASN B 1 36 ? -0.983  2.941   -12.094 1.00 19.78  ? 36   ASN B CB  1 
ATOM   816  C CG  . ASN B 1 36 ? -1.880  4.165   -12.090 1.00 29.34  ? 36   ASN B CG  1 
ATOM   817  O OD1 . ASN B 1 36 ? -2.561  4.401   -13.076 1.00 30.83  ? 36   ASN B OD1 1 
ATOM   818  N ND2 . ASN B 1 36 ? -1.907  4.904   -10.994 1.00 23.20  ? 36   ASN B ND2 1 
ATOM   819  N N   . PRO B 1 37 ? -0.458  -0.015  -13.579 1.00 23.60  ? 37   PRO B N   1 
ATOM   820  C CA  . PRO B 1 37 ? 0.511   -1.110  -13.479 1.00 20.16  ? 37   PRO B CA  1 
ATOM   821  C C   . PRO B 1 37 ? 1.825   -0.522  -13.001 1.00 14.36  ? 37   PRO B C   1 
ATOM   822  O O   . PRO B 1 37 ? 2.149   0.638   -13.244 1.00 19.17  ? 37   PRO B O   1 
ATOM   823  C CB  . PRO B 1 37 ? 0.667   -1.619  -14.916 1.00 28.65  ? 37   PRO B CB  1 
ATOM   824  C CG  . PRO B 1 37 ? 0.163   -0.517  -15.788 1.00 34.71  ? 37   PRO B CG  1 
ATOM   825  C CD  . PRO B 1 37 ? -0.791  0.319   -14.974 1.00 30.46  ? 37   PRO B CD  1 
ATOM   826  N N   . ALA B 1 38 ? 2.607   -1.320  -12.278 1.00 20.11  ? 38   ALA B N   1 
ATOM   827  C CA  . ALA B 1 38 ? 3.871   -0.777  -11.817 1.00 20.58  ? 38   ALA B CA  1 
ATOM   828  C C   . ALA B 1 38 ? 4.822   -1.870  -11.341 1.00 17.33  ? 38   ALA B C   1 
ATOM   829  O O   . ALA B 1 38 ? 4.375   -2.901  -10.890 1.00 17.74  ? 38   ALA B O   1 
ATOM   830  C CB  . ALA B 1 38 ? 3.638   0.176   -10.629 1.00 13.55  ? 38   ALA B CB  1 
ATOM   831  N N   . VAL B 1 39 ? 6.107   -1.573  -11.431 1.00 17.09  ? 39   VAL B N   1 
ATOM   832  C CA  . VAL B 1 39 ? 7.145   -2.315  -10.756 1.00 18.49  ? 39   VAL B CA  1 
ATOM   833  C C   . VAL B 1 39 ? 7.550   -1.530  -9.515  1.00 17.92  ? 39   VAL B C   1 
ATOM   834  O O   . VAL B 1 39 ? 7.582   -0.294  -9.583  1.00 17.18  ? 39   VAL B O   1 
ATOM   835  C CB  . VAL B 1 39 ? 8.399   -2.499  -11.635 1.00 34.37  ? 39   VAL B CB  1 
ATOM   836  C CG1 . VAL B 1 39 ? 9.356   -3.473  -10.968 1.00 30.23  ? 39   VAL B CG1 1 
ATOM   837  C CG2 . VAL B 1 39 ? 7.999   -2.970  -13.028 1.00 40.17  ? 39   VAL B CG2 1 
ATOM   838  N N   . VAL B 1 40 ? 7.842   -2.230  -8.432  1.00 16.48  ? 40   VAL B N   1 
ATOM   839  C CA  . VAL B 1 40 ? 8.306   -1.541  -7.224  1.00 14.60  ? 40   VAL B CA  1 
ATOM   840  C C   . VAL B 1 40 ? 9.731   -2.024  -6.978  1.00 17.35  ? 40   VAL B C   1 
ATOM   841  O O   . VAL B 1 40 ? 9.927   -3.232  -6.884  1.00 20.87  ? 40   VAL B O   1 
ATOM   842  C CB  . VAL B 1 40 ? 7.468   -1.803  -5.973  1.00 17.59  ? 40   VAL B CB  1 
ATOM   843  C CG1 . VAL B 1 40 ? 8.091   -1.193  -4.714  1.00 18.07  ? 40   VAL B CG1 1 
ATOM   844  C CG2 . VAL B 1 40 ? 6.072   -1.217  -6.190  1.00 18.52  ? 40   VAL B CG2 1 
ATOM   845  N N   . PHE B 1 41 ? 10.663  -1.080  -6.912  1.00 13.06  ? 41   PHE B N   1 
ATOM   846  C CA  . PHE B 1 41 ? 12.037  -1.448  -6.608  1.00 12.69  ? 41   PHE B CA  1 
ATOM   847  C C   . PHE B 1 41 ? 12.279  -1.213  -5.125  1.00 15.90  ? 41   PHE B C   1 
ATOM   848  O O   . PHE B 1 41 ? 11.918  -0.155  -4.617  1.00 19.27  ? 41   PHE B O   1 
ATOM   849  C CB  . PHE B 1 41 ? 13.040  -0.609  -7.401  1.00 17.17  ? 41   PHE B CB  1 
ATOM   850  C CG  . PHE B 1 41 ? 13.122  -1.033  -8.866  1.00 21.53  ? 41   PHE B CG  1 
ATOM   851  C CD1 . PHE B 1 41 ? 12.835  -0.105  -9.858  1.00 17.80  ? 41   PHE B CD1 1 
ATOM   852  C CD2 . PHE B 1 41 ? 13.486  -2.329  -9.218  1.00 21.52  ? 41   PHE B CD2 1 
ATOM   853  C CE1 . PHE B 1 41 ? 12.914  -0.484  -11.182 1.00 18.95  ? 41   PHE B CE1 1 
ATOM   854  C CE2 . PHE B 1 41 ? 13.570  -2.685  -10.552 1.00 17.06  ? 41   PHE B CE2 1 
ATOM   855  C CZ  . PHE B 1 41 ? 13.288  -1.768  -11.541 1.00 16.07  ? 41   PHE B CZ  1 
ATOM   856  N N   . VAL B 1 42 ? 12.847  -2.192  -4.449  1.00 18.15  ? 42   VAL B N   1 
ATOM   857  C CA  . VAL B 1 42 ? 12.997  -2.086  -2.986  1.00 18.40  ? 42   VAL B CA  1 
ATOM   858  C C   . VAL B 1 42 ? 14.467  -1.843  -2.697  1.00 17.10  ? 42   VAL B C   1 
ATOM   859  O O   . VAL B 1 42 ? 15.290  -2.657  -3.121  1.00 19.48  ? 42   VAL B O   1 
ATOM   860  C CB  . VAL B 1 42 ? 12.508  -3.372  -2.303  1.00 20.27  ? 42   VAL B CB  1 
ATOM   861  C CG1 . VAL B 1 42 ? 12.684  -3.253  -0.796  1.00 16.93  ? 42   VAL B CG1 1 
ATOM   862  C CG2 . VAL B 1 42 ? 11.061  -3.658  -2.693  1.00 20.30  ? 42   VAL B CG2 1 
ATOM   863  N N   . THR B 1 43 ? 14.786  -0.734  -2.052  1.00 19.39  ? 43   THR B N   1 
ATOM   864  C CA  . THR B 1 43 ? 16.185  -0.387  -1.834  1.00 25.66  ? 43   THR B CA  1 
ATOM   865  C C   . THR B 1 43 ? 16.721  -1.104  -0.590  1.00 23.31  ? 43   THR B C   1 
ATOM   866  O O   . THR B 1 43 ? 16.007  -1.798  0.127   1.00 18.87  ? 43   THR B O   1 
ATOM   867  C CB  . THR B 1 43 ? 16.434  1.116   -1.669  1.00 23.04  ? 43   THR B CB  1 
ATOM   868  O OG1 . THR B 1 43 ? 15.875  1.560   -0.417  1.00 26.82  ? 43   THR B OG1 1 
ATOM   869  C CG2 . THR B 1 43 ? 15.768  1.934   -2.760  1.00 22.82  ? 43   THR B CG2 1 
ATOM   870  N N   . ARG B 1 44 ? 18.022  -0.911  -0.379  1.00 25.82  ? 44   ARG B N   1 
ATOM   871  C CA  . ARG B 1 44 ? 18.676  -1.526  0.760   1.00 31.09  ? 44   ARG B CA  1 
ATOM   872  C C   . ARG B 1 44 ? 18.171  -0.900  2.059   1.00 23.55  ? 44   ARG B C   1 
ATOM   873  O O   . ARG B 1 44 ? 18.209  -1.566  3.089   1.00 32.12  ? 44   ARG B O   1 
ATOM   874  C CB  . ARG B 1 44 ? 20.193  -1.402  0.639   1.00 37.12  ? 44   ARG B CB  1 
ATOM   875  C CG  . ARG B 1 44 ? 20.654  -0.038  0.142   1.00 34.16  ? 44   ARG B CG  1 
ATOM   876  C CD  . ARG B 1 44 ? 22.170  -0.069  -0.044  1.00 50.00  ? 44   ARG B CD  1 
ATOM   877  N NE  . ARG B 1 44 ? 22.710  1.124   -0.677  1.00 60.43  ? 44   ARG B NE  1 
ATOM   878  C CZ  . ARG B 1 44 ? 22.539  2.377   -0.282  1.00 67.39  ? 44   ARG B CZ  1 
ATOM   879  N NH1 . ARG B 1 44 ? 21.807  2.653   0.794   1.00 88.87  ? 44   ARG B NH1 1 
ATOM   880  N NH2 . ARG B 1 44 ? 23.091  3.380   -0.954  1.00 57.61  ? 44   ARG B NH2 1 
ATOM   881  N N   . LYS B 1 45 ? 17.677  0.337   2.014   1.00 23.40  ? 45   LYS B N   1 
ATOM   882  C CA  . LYS B 1 45 ? 17.056  0.902   3.217   1.00 26.84  ? 45   LYS B CA  1 
ATOM   883  C C   . LYS B 1 45 ? 15.553  0.663   3.211   1.00 22.21  ? 45   LYS B C   1 
ATOM   884  O O   . LYS B 1 45 ? 14.826  1.342   3.940   1.00 20.48  ? 45   LYS B O   1 
ATOM   885  C CB  . LYS B 1 45 ? 17.349  2.402   3.321   1.00 27.15  ? 45   LYS B CB  1 
ATOM   886  C CG  . LYS B 1 45 ? 18.839  2.686   3.512   1.00 31.95  ? 45   LYS B CG  1 
ATOM   887  C CD  . LYS B 1 45 ? 19.067  4.138   3.889   1.00 34.72  ? 45   LYS B CD  1 
ATOM   888  C CE  . LYS B 1 45 ? 20.486  4.409   4.348   1.00 30.37  ? 45   LYS B CE  1 
ATOM   889  N NZ  . LYS B 1 45 ? 21.444  4.418   3.210   1.00 37.25  ? 45   LYS B NZ  1 
ATOM   890  N N   . ASN B 1 46 ? 15.099  -0.281  2.368   1.00 15.42  ? 46   ASN B N   1 
ATOM   891  C CA  . ASN B 1 46 ? 13.703  -0.685  2.325   1.00 20.46  ? 46   ASN B CA  1 
ATOM   892  C C   . ASN B 1 46 ? 12.727  0.345   1.781   1.00 23.77  ? 46   ASN B C   1 
ATOM   893  O O   . ASN B 1 46 ? 11.519  0.289   2.053   1.00 17.52  ? 46   ASN B O   1 
ATOM   894  C CB  . ASN B 1 46 ? 13.272  -1.103  3.758   1.00 14.84  ? 46   ASN B CB  1 
ATOM   895  C CG  . ASN B 1 46 ? 13.978  -2.424  4.046   1.00 21.89  ? 46   ASN B CG  1 
ATOM   896  O OD1 . ASN B 1 46 ? 13.982  -3.315  3.175   1.00 25.23  ? 46   ASN B OD1 1 
ATOM   897  N ND2 . ASN B 1 46 ? 14.559  -2.543  5.232   1.00 24.11  ? 46   ASN B ND2 1 
ATOM   898  N N   . ARG B 1 47 ? 13.216  1.299   0.990   1.00 16.96  ? 47   ARG B N   1 
ATOM   899  C CA  . ARG B 1 47 ? 12.310  2.244   0.335   1.00 14.19  ? 47   ARG B CA  1 
ATOM   900  C C   . ARG B 1 47 ? 11.624  1.552   -0.830  1.00 20.40  ? 47   ARG B C   1 
ATOM   901  O O   . ARG B 1 47 ? 12.337  0.814   -1.536  1.00 23.21  ? 47   ARG B O   1 
ATOM   902  C CB  . ARG B 1 47 ? 13.143  3.439   -0.123  1.00 23.93  ? 47   ARG B CB  1 
ATOM   903  C CG  . ARG B 1 47 ? 12.444  4.664   -0.653  1.00 38.38  ? 47   ARG B CG  1 
ATOM   904  C CD  . ARG B 1 47 ? 13.430  5.824   -0.823  1.00 44.45  ? 47   ARG B CD  1 
ATOM   905  N NE  . ARG B 1 47 ? 13.761  6.047   -2.231  1.00 58.81  ? 47   ARG B NE  1 
ATOM   906  C CZ  . ARG B 1 47 ? 14.919  5.738   -2.802  1.00 67.85  ? 47   ARG B CZ  1 
ATOM   907  N NH1 . ARG B 1 47 ? 15.123  5.981   -4.096  1.00 62.44  ? 47   ARG B NH1 1 
ATOM   908  N NH2 . ARG B 1 47 ? 15.892  5.178   -2.090  1.00 59.50  ? 47   ARG B NH2 1 
ATOM   909  N N   . GLN B 1 48 ? 10.337  1.744   -1.042  1.00 18.79  ? 48   GLN B N   1 
ATOM   910  C CA  . GLN B 1 48 ? 9.607   1.123   -2.163  1.00 16.70  ? 48   GLN B CA  1 
ATOM   911  C C   . GLN B 1 48 ? 9.317   2.168   -3.242  1.00 28.81  ? 48   GLN B C   1 
ATOM   912  O O   . GLN B 1 48 ? 8.454   3.025   -3.043  1.00 26.32  ? 48   GLN B O   1 
ATOM   913  C CB  . GLN B 1 48 ? 8.271   0.510   -1.736  1.00 20.08  ? 48   GLN B CB  1 
ATOM   914  C CG  . GLN B 1 48 ? 8.419   -0.578  -0.665  1.00 22.97  ? 48   GLN B CG  1 
ATOM   915  C CD  . GLN B 1 48 ? 7.150   -1.404  -0.550  1.00 34.82  ? 48   GLN B CD  1 
ATOM   916  O OE1 . GLN B 1 48 ? 6.041   -0.954  -0.864  1.00 27.04  ? 48   GLN B OE1 1 
ATOM   917  N NE2 . GLN B 1 48 ? 7.347   -2.637  -0.097  1.00 35.29  ? 48   GLN B NE2 1 
ATOM   918  N N   . VAL B 1 49 ? 10.051  2.080   -4.342  1.00 14.40  ? 49   VAL B N   1 
ATOM   919  C CA  . VAL B 1 49 ? 10.012  3.086   -5.390  1.00 17.87  ? 49   VAL B CA  1 
ATOM   920  C C   . VAL B 1 49 ? 9.284   2.516   -6.609  1.00 16.28  ? 49   VAL B C   1 
ATOM   921  O O   . VAL B 1 49 ? 9.648   1.494   -7.193  1.00 14.72  ? 49   VAL B O   1 
ATOM   922  C CB  . VAL B 1 49 ? 11.452  3.507   -5.770  1.00 19.89  ? 49   VAL B CB  1 
ATOM   923  C CG1 . VAL B 1 49 ? 11.429  4.602   -6.834  1.00 19.82  ? 49   VAL B CG1 1 
ATOM   924  C CG2 . VAL B 1 49 ? 12.230  3.941   -4.535  1.00 17.78  ? 49   VAL B CG2 1 
ATOM   925  N N   . CYS B 1 50 ? 8.211   3.225   -6.964  1.00 17.37  ? 50   CYS B N   1 
ATOM   926  C CA  . CYS B 1 50 ? 7.447   2.871   -8.140  1.00 11.36  ? 50   CYS B CA  1 
ATOM   927  C C   . CYS B 1 50 ? 8.127   3.191   -9.464  1.00 15.68  ? 50   CYS B C   1 
ATOM   928  O O   . CYS B 1 50 ? 8.700   4.278   -9.610  1.00 18.80  ? 50   CYS B O   1 
ATOM   929  C CB  . CYS B 1 50 ? 6.141   3.677   -8.082  1.00 14.21  ? 50   CYS B CB  1 
ATOM   930  S SG  . CYS B 1 50 ? 5.134   3.278   -6.652  1.00 16.56  ? 50   CYS B SG  1 
ATOM   931  N N   . ALA B 1 51 ? 8.012   2.284   -10.427 1.00 19.32  ? 51   ALA B N   1 
ATOM   932  C CA  . ALA B 1 51 ? 8.647   2.484   -11.729 1.00 19.08  ? 51   ALA B CA  1 
ATOM   933  C C   . ALA B 1 51 ? 7.756   1.991   -12.855 1.00 20.14  ? 51   ALA B C   1 
ATOM   934  O O   . ALA B 1 51 ? 6.890   1.111   -12.697 1.00 19.46  ? 51   ALA B O   1 
ATOM   935  C CB  . ALA B 1 51 ? 9.994   1.787   -11.764 1.00 23.97  ? 51   ALA B CB  1 
ATOM   936  N N   . ASN B 1 52 ? 7.968   2.589   -14.023 1.00 20.85  ? 52   ASN B N   1 
ATOM   937  C CA  . ASN B 1 52 ? 7.158   2.236   -15.182 1.00 24.39  ? 52   ASN B CA  1 
ATOM   938  C C   . ASN B 1 52 ? 7.704   0.985   -15.857 1.00 23.63  ? 52   ASN B C   1 
ATOM   939  O O   . ASN B 1 52 ? 8.772   1.143   -16.424 1.00 20.62  ? 52   ASN B O   1 
ATOM   940  C CB  . ASN B 1 52 ? 7.165   3.370   -16.211 1.00 37.63  ? 52   ASN B CB  1 
ATOM   941  C CG  . ASN B 1 52 ? 6.121   3.228   -17.299 1.00 37.29  ? 52   ASN B CG  1 
ATOM   942  O OD1 . ASN B 1 52 ? 5.973   4.132   -18.124 1.00 42.32  ? 52   ASN B OD1 1 
ATOM   943  N ND2 . ASN B 1 52 ? 5.371   2.140   -17.318 1.00 28.43  ? 52   ASN B ND2 1 
ATOM   944  N N   . PRO B 1 53 ? 6.992   -0.128  -15.822 1.00 24.01  ? 53   PRO B N   1 
ATOM   945  C CA  . PRO B 1 53 ? 7.485   -1.365  -16.431 1.00 25.43  ? 53   PRO B CA  1 
ATOM   946  C C   . PRO B 1 53 ? 7.724   -1.210  -17.931 1.00 26.49  ? 53   PRO B C   1 
ATOM   947  O O   . PRO B 1 53 ? 8.408   -1.986  -18.600 1.00 38.79  ? 53   PRO B O   1 
ATOM   948  C CB  . PRO B 1 53 ? 6.340   -2.343  -16.185 1.00 28.11  ? 53   PRO B CB  1 
ATOM   949  C CG  . PRO B 1 53 ? 5.414   -1.743  -15.192 1.00 26.29  ? 53   PRO B CG  1 
ATOM   950  C CD  . PRO B 1 53 ? 5.657   -0.268  -15.217 1.00 30.45  ? 53   PRO B CD  1 
ATOM   951  N N   . GLU B 1 54 ? 7.152   -0.183  -18.567 1.00 26.69  ? 54   GLU B N   1 
ATOM   952  C CA  . GLU B 1 54 ? 7.328   -0.131  -20.022 1.00 27.43  ? 54   GLU B CA  1 
ATOM   953  C C   . GLU B 1 54 ? 8.671   0.452   -20.407 1.00 28.07  ? 54   GLU B C   1 
ATOM   954  O O   . GLU B 1 54 ? 9.136   0.252   -21.531 1.00 38.53  ? 54   GLU B O   1 
ATOM   955  C CB  . GLU B 1 54 ? 6.195   0.706   -20.630 1.00 44.91  ? 54   GLU B CB  1 
ATOM   956  C CG  . GLU B 1 54 ? 4.822   0.089   -20.409 1.00 45.69  ? 54   GLU B CG  1 
ATOM   957  C CD  . GLU B 1 54 ? 3.686   0.986   -20.855 1.00 59.90  ? 54   GLU B CD  1 
ATOM   958  O OE1 . GLU B 1 54 ? 3.538   2.080   -20.266 1.00 72.22  ? 54   GLU B OE1 1 
ATOM   959  O OE2 . GLU B 1 54 ? 2.942   0.592   -21.784 1.00 62.31  ? 54   GLU B OE2 1 
ATOM   960  N N   . LYS B 1 55 ? 9.261   1.170   -19.460 1.00 30.60  ? 55   LYS B N   1 
ATOM   961  C CA  . LYS B 1 55 ? 10.512  1.897   -19.624 1.00 39.91  ? 55   LYS B CA  1 
ATOM   962  C C   . LYS B 1 55 ? 11.719  0.966   -19.702 1.00 35.92  ? 55   LYS B C   1 
ATOM   963  O O   . LYS B 1 55 ? 11.852  -0.030  -18.984 1.00 28.41  ? 55   LYS B O   1 
ATOM   964  C CB  . LYS B 1 55 ? 10.679  2.913   -18.491 1.00 48.91  ? 55   LYS B CB  1 
ATOM   965  C CG  . LYS B 1 55 ? 9.685   4.070   -18.499 1.00 62.00  ? 55   LYS B CG  1 
ATOM   966  C CD  . LYS B 1 55 ? 10.143  5.189   -17.574 1.00 66.03  ? 55   LYS B CD  1 
ATOM   967  C CE  . LYS B 1 55 ? 9.217   6.391   -17.550 1.00 66.49  ? 55   LYS B CE  1 
ATOM   968  N NZ  . LYS B 1 55 ? 8.927   6.865   -16.160 1.00 39.67  ? 55   LYS B NZ  1 
ATOM   969  N N   . LYS B 1 56 ? 12.624  1.300   -20.630 1.00 34.01  ? 56   LYS B N   1 
ATOM   970  C CA  . LYS B 1 56 ? 13.736  0.412   -20.942 1.00 37.33  ? 56   LYS B CA  1 
ATOM   971  C C   . LYS B 1 56 ? 14.589  0.085   -19.723 1.00 32.84  ? 56   LYS B C   1 
ATOM   972  O O   . LYS B 1 56 ? 14.851  -1.084  -19.431 1.00 28.61  ? 56   LYS B O   1 
ATOM   973  C CB  . LYS B 1 56 ? 14.615  1.055   -22.028 1.00 54.43  ? 56   LYS B CB  1 
ATOM   974  C CG  . LYS B 1 56 ? 15.282  0.087   -22.986 1.00 62.36  ? 56   LYS B CG  1 
ATOM   975  C CD  . LYS B 1 56 ? 16.793  0.072   -22.852 1.00 62.58  ? 56   LYS B CD  1 
ATOM   976  C CE  . LYS B 1 56 ? 17.472  0.723   -24.044 1.00 67.00  ? 56   LYS B CE  1 
ATOM   977  N NZ  . LYS B 1 56 ? 18.956  0.769   -23.922 1.00 60.72  ? 56   LYS B NZ  1 
ATOM   978  N N   . TRP B 1 57 ? 15.031  1.145   -19.034 1.00 32.19  ? 57   TRP B N   1 
ATOM   979  C CA  . TRP B 1 57 ? 15.901  0.933   -17.872 1.00 31.24  ? 57   TRP B CA  1 
ATOM   980  C C   . TRP B 1 57 ? 15.230  0.046   -16.834 1.00 23.00  ? 57   TRP B C   1 
ATOM   981  O O   . TRP B 1 57 ? 15.923  -0.727  -16.157 1.00 23.85  ? 57   TRP B O   1 
ATOM   982  C CB  . TRP B 1 57 ? 16.330  2.267   -17.289 1.00 32.31  ? 57   TRP B CB  1 
ATOM   983  C CG  . TRP B 1 57 ? 15.346  3.047   -16.482 1.00 27.46  ? 57   TRP B CG  1 
ATOM   984  C CD1 . TRP B 1 57 ? 14.566  4.087   -16.888 1.00 31.75  ? 57   TRP B CD1 1 
ATOM   985  C CD2 . TRP B 1 57 ? 15.045  2.840   -15.101 1.00 29.63  ? 57   TRP B CD2 1 
ATOM   986  N NE1 . TRP B 1 57 ? 13.787  4.541   -15.845 1.00 32.17  ? 57   TRP B NE1 1 
ATOM   987  C CE2 . TRP B 1 57 ? 14.071  3.788   -14.736 1.00 34.44  ? 57   TRP B CE2 1 
ATOM   988  C CE3 . TRP B 1 57 ? 15.510  1.937   -14.145 1.00 24.94  ? 57   TRP B CE3 1 
ATOM   989  C CZ2 . TRP B 1 57 ? 13.565  3.845   -13.439 1.00 26.04  ? 57   TRP B CZ2 1 
ATOM   990  C CZ3 . TRP B 1 57 ? 15.006  2.000   -12.863 1.00 23.89  ? 57   TRP B CZ3 1 
ATOM   991  C CH2 . TRP B 1 57 ? 14.041  2.949   -12.518 1.00 19.02  ? 57   TRP B CH2 1 
ATOM   992  N N   . VAL B 1 58 ? 13.909  0.159   -16.706 1.00 24.38  ? 58   VAL B N   1 
ATOM   993  C CA  . VAL B 1 58 ? 13.166  -0.653  -15.717 1.00 25.10  ? 58   VAL B CA  1 
ATOM   994  C C   . VAL B 1 58 ? 13.215  -2.134  -16.066 1.00 23.32  ? 58   VAL B C   1 
ATOM   995  O O   . VAL B 1 58 ? 13.459  -3.012  -15.218 1.00 27.03  ? 58   VAL B O   1 
ATOM   996  C CB  . VAL B 1 58 ? 11.703  -0.167  -15.596 1.00 22.90  ? 58   VAL B CB  1 
ATOM   997  C CG1 . VAL B 1 58 ? 10.840  -1.065  -14.728 1.00 18.02  ? 58   VAL B CG1 1 
ATOM   998  C CG2 . VAL B 1 58 ? 11.677  1.256   -15.057 1.00 19.32  ? 58   VAL B CG2 1 
ATOM   999  N N   . ARG B 1 59 ? 12.993  -2.480  -17.341 1.00 30.99  ? 59   ARG B N   1 
ATOM   1000 C CA  . ARG B 1 59 ? 13.063  -3.885  -17.760 1.00 28.79  ? 59   ARG B CA  1 
ATOM   1001 C C   . ARG B 1 59 ? 14.489  -4.415  -17.732 1.00 31.60  ? 59   ARG B C   1 
ATOM   1002 O O   . ARG B 1 59 ? 14.768  -5.589  -17.486 1.00 31.08  ? 59   ARG B O   1 
ATOM   1003 C CB  . ARG B 1 59 ? 12.471  -4.039  -19.161 1.00 41.54  ? 59   ARG B CB  1 
ATOM   1004 C CG  . ARG B 1 59 ? 11.088  -3.430  -19.333 1.00 43.53  ? 59   ARG B CG  1 
ATOM   1005 C CD  . ARG B 1 59 ? 10.676  -3.442  -20.801 1.00 51.73  ? 59   ARG B CD  1 
ATOM   1006 N NE  . ARG B 1 59 ? 11.222  -2.307  -21.533 1.00 58.34  ? 59   ARG B NE  1 
ATOM   1007 C CZ  . ARG B 1 59 ? 10.924  -1.910  -22.758 1.00 58.51  ? 59   ARG B CZ  1 
ATOM   1008 N NH1 . ARG B 1 59 ? 11.521  -0.837  -23.273 1.00 46.19  ? 59   ARG B NH1 1 
ATOM   1009 N NH2 . ARG B 1 59 ? 10.031  -2.574  -23.477 1.00 55.45  ? 59   ARG B NH2 1 
ATOM   1010 N N   . GLU B 1 60 ? 15.474  -3.546  -17.987 1.00 27.53  ? 60   GLU B N   1 
ATOM   1011 C CA  . GLU B 1 60 ? 16.852  -4.032  -17.809 1.00 28.27  ? 60   GLU B CA  1 
ATOM   1012 C C   . GLU B 1 60 ? 17.088  -4.429  -16.364 1.00 26.35  ? 60   GLU B C   1 
ATOM   1013 O O   . GLU B 1 60 ? 17.600  -5.501  -16.038 1.00 35.27  ? 60   GLU B O   1 
ATOM   1014 C CB  . GLU B 1 60 ? 17.805  -2.939  -18.285 1.00 38.34  ? 60   GLU B CB  1 
ATOM   1015 C CG  . GLU B 1 60 ? 17.448  -2.486  -19.705 1.00 47.48  ? 60   GLU B CG  1 
ATOM   1016 C CD  . GLU B 1 60 ? 18.524  -1.622  -20.334 1.00 45.70  ? 60   GLU B CD  1 
ATOM   1017 O OE1 . GLU B 1 60 ? 18.852  -1.863  -21.519 1.00 41.49  ? 60   GLU B OE1 1 
ATOM   1018 O OE2 . GLU B 1 60 ? 19.034  -0.710  -19.648 1.00 46.44  ? 60   GLU B OE2 1 
ATOM   1019 N N   . TYR B 1 61 ? 16.685  -3.587  -15.420 1.00 23.97  ? 61   TYR B N   1 
ATOM   1020 C CA  . TYR B 1 61 ? 16.880  -3.863  -14.005 1.00 25.14  ? 61   TYR B CA  1 
ATOM   1021 C C   . TYR B 1 61 ? 16.186  -5.134  -13.538 1.00 30.56  ? 61   TYR B C   1 
ATOM   1022 O O   . TYR B 1 61 ? 16.740  -5.914  -12.756 1.00 25.22  ? 61   TYR B O   1 
ATOM   1023 C CB  . TYR B 1 61 ? 16.397  -2.643  -13.202 1.00 23.43  ? 61   TYR B CB  1 
ATOM   1024 C CG  . TYR B 1 61 ? 17.406  -1.534  -13.061 1.00 19.60  ? 61   TYR B CG  1 
ATOM   1025 C CD1 . TYR B 1 61 ? 18.425  -1.329  -13.996 1.00 21.33  ? 61   TYR B CD1 1 
ATOM   1026 C CD2 . TYR B 1 61 ? 17.345  -0.666  -11.983 1.00 22.14  ? 61   TYR B CD2 1 
ATOM   1027 C CE1 . TYR B 1 61 ? 19.344  -0.302  -13.844 1.00 21.15  ? 61   TYR B CE1 1 
ATOM   1028 C CE2 . TYR B 1 61 ? 18.258  0.370   -11.825 1.00 28.74  ? 61   TYR B CE2 1 
ATOM   1029 C CZ  . TYR B 1 61 ? 19.258  0.542   -12.766 1.00 21.33  ? 61   TYR B CZ  1 
ATOM   1030 O OH  . TYR B 1 61 ? 20.145  1.577   -12.594 1.00 20.82  ? 61   TYR B OH  1 
ATOM   1031 N N   . ILE B 1 62 ? 14.961  -5.410  -13.968 1.00 27.04  ? 62   ILE B N   1 
ATOM   1032 C CA  . ILE B 1 62 ? 14.265  -6.635  -13.582 1.00 25.97  ? 62   ILE B CA  1 
ATOM   1033 C C   . ILE B 1 62 ? 15.017  -7.852  -14.120 1.00 25.83  ? 62   ILE B C   1 
ATOM   1034 O O   . ILE B 1 62 ? 15.240  -8.820  -13.399 1.00 28.78  ? 62   ILE B O   1 
ATOM   1035 C CB  . ILE B 1 62 ? 12.814  -6.629  -14.096 1.00 35.95  ? 62   ILE B CB  1 
ATOM   1036 C CG1 . ILE B 1 62 ? 11.897  -5.612  -13.413 1.00 36.76  ? 62   ILE B CG1 1 
ATOM   1037 C CG2 . ILE B 1 62 ? 12.221  -8.034  -14.024 1.00 29.56  ? 62   ILE B CG2 1 
ATOM   1038 C CD1 . ILE B 1 62 ? 10.708  -5.133  -14.217 1.00 31.77  ? 62   ILE B CD1 1 
ATOM   1039 N N   . ASN B 1 63 ? 15.427  -7.772  -15.395 1.00 32.94  ? 63   ASN B N   1 
ATOM   1040 C CA  . ASN B 1 63 ? 16.211  -8.860  -15.972 1.00 38.06  ? 63   ASN B CA  1 
ATOM   1041 C C   . ASN B 1 63 ? 17.467  -9.151  -15.159 1.00 34.39  ? 63   ASN B C   1 
ATOM   1042 O O   . ASN B 1 63 ? 17.863  -10.295 -14.976 1.00 49.85  ? 63   ASN B O   1 
ATOM   1043 C CB  . ASN B 1 63 ? 16.613  -8.532  -17.413 1.00 44.23  ? 63   ASN B CB  1 
ATOM   1044 C CG  . ASN B 1 63 ? 15.403  -8.288  -18.292 1.00 57.15  ? 63   ASN B CG  1 
ATOM   1045 O OD1 . ASN B 1 63 ? 14.267  -8.434  -17.837 1.00 79.38  ? 63   ASN B OD1 1 
ATOM   1046 N ND2 . ASN B 1 63 ? 15.644  -7.921  -19.544 1.00 67.70  ? 63   ASN B ND2 1 
ATOM   1047 N N   . SER B 1 64 ? 18.116  -8.095  -14.685 1.00 29.65  ? 64   SER B N   1 
ATOM   1048 C CA  . SER B 1 64 ? 19.315  -8.198  -13.875 1.00 26.35  ? 64   SER B CA  1 
ATOM   1049 C C   . SER B 1 64 ? 18.980  -8.819  -12.526 1.00 35.42  ? 64   SER B C   1 
ATOM   1050 O O   . SER B 1 64 ? 19.765  -9.603  -12.002 1.00 39.22  ? 64   SER B O   1 
ATOM   1051 C CB  . SER B 1 64 ? 19.943  -6.818  -13.675 1.00 27.03  ? 64   SER B CB  1 
ATOM   1052 O OG  . SER B 1 64 ? 20.646  -6.773  -12.451 1.00 50.81  ? 64   SER B OG  1 
ATOM   1053 N N   . LEU B 1 65 ? 17.824  -8.477  -11.947 1.00 28.04  ? 65   LEU B N   1 
ATOM   1054 C CA  . LEU B 1 65 ? 17.448  -9.055  -10.662 1.00 31.07  ? 65   LEU B CA  1 
ATOM   1055 C C   . LEU B 1 65 ? 16.874  -10.452 -10.889 1.00 44.00  ? 65   LEU B C   1 
ATOM   1056 O O   . LEU B 1 65 ? 16.713  -11.214 -9.940  1.00 39.59  ? 65   LEU B O   1 
ATOM   1057 C CB  . LEU B 1 65 ? 16.434  -8.187  -9.895  1.00 33.20  ? 65   LEU B CB  1 
ATOM   1058 C CG  . LEU B 1 65 ? 16.963  -6.817  -9.445  1.00 33.80  ? 65   LEU B CG  1 
ATOM   1059 C CD1 . LEU B 1 65 ? 15.868  -5.754  -9.520  1.00 31.86  ? 65   LEU B CD1 1 
ATOM   1060 C CD2 . LEU B 1 65 ? 17.566  -6.873  -8.051  1.00 31.02  ? 65   LEU B CD2 1 
ATOM   1061 N N   . GLU B 1 66 ? 16.559  -10.809 -12.138 1.00 52.55  ? 66   GLU B N   1 
ATOM   1062 C CA  . GLU B 1 66 ? 16.026  -12.159 -12.361 1.00 64.13  ? 66   GLU B CA  1 
ATOM   1063 C C   . GLU B 1 66 ? 17.098  -13.161 -12.771 1.00 72.25  ? 66   GLU B C   1 
ATOM   1064 O O   . GLU B 1 66 ? 17.219  -14.231 -12.162 1.00 78.72  ? 66   GLU B O   1 
ATOM   1065 C CB  . GLU B 1 66 ? 14.903  -12.119 -13.401 1.00 71.26  ? 66   GLU B CB  1 
ATOM   1066 C CG  . GLU B 1 66 ? 13.509  -12.306 -12.829 1.00 74.74  ? 66   GLU B CG  1 
ATOM   1067 C CD  . GLU B 1 66 ? 13.082  -13.752 -12.676 1.00 77.44  ? 66   GLU B CD  1 
ATOM   1068 O OE1 . GLU B 1 66 ? 12.514  -14.102 -11.616 1.00 77.88  ? 66   GLU B OE1 1 
ATOM   1069 O OE2 . GLU B 1 66 ? 13.303  -14.557 -13.609 1.00 39.33  ? 66   GLU B OE2 1 
ATOM   1070 N N   . MET B 1 67 ? 17.911  -12.891 -13.791 1.00 79.29  ? 67   MET B N   1 
ATOM   1071 C CA  . MET B 1 67 ? 18.876  -13.885 -14.266 1.00 79.33  ? 67   MET B CA  1 
ATOM   1072 C C   . MET B 1 67 ? 20.015  -14.133 -13.283 1.00 83.07  ? 67   MET B C   1 
ATOM   1073 O O   . MET B 1 67 ? 20.373  -15.297 -13.068 1.00 92.36  ? 67   MET B O   1 
ATOM   1074 C CB  . MET B 1 67 ? 19.439  -13.491 -15.634 1.00 74.54  ? 67   MET B CB  1 
ATOM   1075 C CG  . MET B 1 67 ? 20.399  -12.319 -15.665 1.00 73.15  ? 67   MET B CG  1 
ATOM   1076 S SD  . MET B 1 67 ? 21.154  -12.088 -17.290 1.00 111.92 ? 67   MET B SD  1 
ATOM   1077 C CE  . MET B 1 67 ? 22.511  -13.256 -17.211 1.00 49.51  ? 67   MET B CE  1 
ATOM   1078 N N   . SER B 1 68 ? 20.576  -13.088 -12.698 1.00 79.18  ? 68   SER B N   1 
ATOM   1079 C CA  . SER B 1 68 ? 21.669  -13.183 -11.739 1.00 84.21  ? 68   SER B CA  1 
ATOM   1080 C C   . SER B 1 68 ? 23.009  -13.492 -12.403 1.00 87.27  ? 68   SER B C   1 
ATOM   1081 O O   . SER B 1 68 ? 24.005  -13.636 -11.656 1.00 79.89  ? 68   SER B O   1 
ATOM   1082 C CB  . SER B 1 68 ? 21.366  -14.246 -10.674 1.00 81.63  ? 68   SER B CB  1 
ATOM   1083 O OG  . SER B 1 68 ? 19.989  -14.238 -10.339 1.00 85.36  ? 68   SER B OG  1 
ATOM   1084 O OXT . SER B 1 68 ? 23.061  -13.585 -13.647 1.00 75.68  ? 68   SER B OXT 1 
HETATM 1085 S S   . SO4 C 2 .  ? -3.402  12.177  -0.518  1.00 47.46  ? 198  SO4 A S   1 
HETATM 1086 O O1  . SO4 C 2 .  ? -2.523  13.187  0.151   1.00 52.37  ? 198  SO4 A O1  1 
HETATM 1087 O O2  . SO4 C 2 .  ? -3.724  12.651  -1.913  1.00 43.05  ? 198  SO4 A O2  1 
HETATM 1088 O O3  . SO4 C 2 .  ? -4.668  11.984  0.264   1.00 40.09  ? 198  SO4 A O3  1 
HETATM 1089 O O4  . SO4 C 2 .  ? -2.650  10.878  -0.587  1.00 55.83  ? 198  SO4 A O4  1 
HETATM 1090 S S   . SO4 D 2 .  ? 18.673  3.648   -0.616  1.00 75.37  ? 199  SO4 B S   1 
HETATM 1091 O O1  . SO4 D 2 .  ? 17.282  3.701   -0.046  1.00 61.13  ? 199  SO4 B O1  1 
HETATM 1092 O O2  . SO4 D 2 .  ? 18.644  4.119   -2.042  1.00 91.10  ? 199  SO4 B O2  1 
HETATM 1093 O O3  . SO4 D 2 .  ? 19.175  2.229   -0.567  1.00 53.75  ? 199  SO4 B O3  1 
HETATM 1094 O O4  . SO4 D 2 .  ? 19.563  4.550   0.187   1.00 72.69  ? 199  SO4 B O4  1 
HETATM 1095 O O   . HOH E 3 .  ? 3.691   2.677   3.136   1.00 48.74  ? 1001 HOH A O   1 
HETATM 1096 O O   . HOH E 3 .  ? -2.783  7.416   12.432  1.00 38.96  ? 1002 HOH A O   1 
HETATM 1097 O O   . HOH E 3 .  ? -5.255  -8.831  16.402  1.00 37.33  ? 1004 HOH A O   1 
HETATM 1098 O O   . HOH E 3 .  ? -21.615 -7.333  10.972  1.00 54.13  ? 1007 HOH A O   1 
HETATM 1099 O O   . HOH E 3 .  ? -12.440 -2.586  -4.954  1.00 38.41  ? 1009 HOH A O   1 
HETATM 1100 O O   . HOH E 3 .  ? -8.231  12.779  16.608  1.00 86.24  ? 1010 HOH A O   1 
HETATM 1101 O O   . HOH E 3 .  ? 0.835   -2.763  20.303  1.00 31.02  ? 1013 HOH A O   1 
HETATM 1102 O O   . HOH E 3 .  ? -18.600 -4.481  8.633   1.00 31.67  ? 1015 HOH A O   1 
HETATM 1103 O O   . HOH E 3 .  ? -6.011  9.695   18.968  1.00 48.27  ? 1016 HOH A O   1 
HETATM 1104 O O   . HOH E 3 .  ? -15.581 -5.469  1.100   1.00 39.01  ? 1017 HOH A O   1 
HETATM 1105 O O   . HOH E 3 .  ? -0.792  -6.105  8.198   1.00 29.38  ? 1018 HOH A O   1 
HETATM 1106 O O   . HOH E 3 .  ? -17.329 2.994   0.965   1.00 59.87  ? 1019 HOH A O   1 
HETATM 1107 O O   . HOH E 3 .  ? -16.179 7.381   8.761   1.00 52.28  ? 1020 HOH A O   1 
HETATM 1108 O O   . HOH E 3 .  ? -21.470 1.362   2.707   1.00 73.48  ? 1022 HOH A O   1 
HETATM 1109 O O   . HOH E 3 .  ? -17.164 -5.752  4.600   1.00 36.05  ? 1023 HOH A O   1 
HETATM 1110 O O   . HOH E 3 .  ? -17.412 5.906   1.702   1.00 35.16  ? 1024 HOH A O   1 
HETATM 1111 O O   . HOH E 3 .  ? -6.595  7.949   16.853  1.00 57.20  ? 1025 HOH A O   1 
HETATM 1112 O O   . HOH E 3 .  ? -14.095 12.921  21.734  1.00 40.72  ? 1026 HOH A O   1 
HETATM 1113 O O   . HOH E 3 .  ? -1.951  6.200   3.721   1.00 33.47  ? 1027 HOH A O   1 
HETATM 1114 O O   . HOH E 3 .  ? -19.987 10.221  14.195  1.00 37.27  ? 1029 HOH A O   1 
HETATM 1115 O O   . HOH E 3 .  ? -15.046 -8.514  22.108  1.00 36.38  ? 1030 HOH A O   1 
HETATM 1116 O O   . HOH E 3 .  ? -1.597  6.800   15.059  1.00 34.07  ? 1031 HOH A O   1 
HETATM 1117 O O   . HOH E 3 .  ? 9.865   7.078   -4.306  1.00 33.50  ? 1032 HOH A O   1 
HETATM 1118 O O   . HOH E 3 .  ? 1.769   0.229   4.297   1.00 31.86  ? 1033 HOH A O   1 
HETATM 1119 O O   . HOH E 3 .  ? -19.460 7.194   18.362  1.00 35.17  ? 1034 HOH A O   1 
HETATM 1120 O O   . HOH E 3 .  ? -7.444  6.006   -10.487 1.00 28.38  ? 1035 HOH A O   1 
HETATM 1121 O O   . HOH E 3 .  ? -5.806  9.388   8.400   1.00 30.84  ? 1036 HOH A O   1 
HETATM 1122 O O   . HOH E 3 .  ? -0.086  4.007   19.498  1.00 44.89  ? 1039 HOH A O   1 
HETATM 1123 O O   . HOH E 3 .  ? 3.923   -2.814  19.618  1.00 28.35  ? 1043 HOH A O   1 
HETATM 1124 O O   . HOH E 3 .  ? 5.832   3.160   1.058   1.00 57.14  ? 1045 HOH A O   1 
HETATM 1125 O O   . HOH E 3 .  ? -19.159 -3.026  3.463   1.00 39.57  ? 1050 HOH A O   1 
HETATM 1126 O O   . HOH E 3 .  ? -16.409 -6.758  20.771  1.00 47.91  ? 1051 HOH A O   1 
HETATM 1127 O O   . HOH E 3 .  ? -15.053 -3.179  -1.130  1.00 43.40  ? 1052 HOH A O   1 
HETATM 1128 O O   . HOH E 3 .  ? -5.303  3.965   21.251  1.00 34.34  ? 1053 HOH A O   1 
HETATM 1129 O O   . HOH E 3 .  ? 2.843   1.463   0.610   1.00 24.86  ? 1054 HOH A O   1 
HETATM 1130 O O   . HOH E 3 .  ? -7.720  2.811   22.316  1.00 27.28  ? 1055 HOH A O   1 
HETATM 1131 O O   . HOH E 3 .  ? -14.386 -10.649 9.999   1.00 29.47  ? 1056 HOH A O   1 
HETATM 1132 O O   . HOH E 3 .  ? 1.391   -4.308  9.577   1.00 36.19  ? 1058 HOH A O   1 
HETATM 1133 O O   . HOH E 3 .  ? -4.157  -7.174  18.360  1.00 34.60  ? 1059 HOH A O   1 
HETATM 1134 O O   . HOH E 3 .  ? -7.142  -0.720  22.444  1.00 29.38  ? 1060 HOH A O   1 
HETATM 1135 O O   . HOH E 3 .  ? -4.889  6.776   15.365  1.00 26.42  ? 1065 HOH A O   1 
HETATM 1136 O O   . HOH E 3 .  ? -10.172 6.980   2.578   1.00 20.41  ? 1067 HOH A O   1 
HETATM 1137 O O   . HOH E 3 .  ? -13.914 -10.356 7.042   1.00 22.88  ? 1068 HOH A O   1 
HETATM 1138 O O   . HOH E 3 .  ? -8.916  5.957   -0.018  1.00 16.81  ? 1072 HOH A O   1 
HETATM 1139 O O   . HOH E 3 .  ? -15.921 -2.660  7.496   1.00 22.36  ? 1073 HOH A O   1 
HETATM 1140 O O   . HOH E 3 .  ? -5.729  8.114   -8.318  1.00 18.77  ? 1074 HOH A O   1 
HETATM 1141 O O   . HOH E 3 .  ? -6.746  4.407   -7.976  1.00 17.50  ? 1076 HOH A O   1 
HETATM 1142 O O   . HOH E 3 .  ? -6.711  1.603   -5.795  1.00 18.90  ? 1077 HOH A O   1 
HETATM 1143 O O   . HOH E 3 .  ? -8.559  1.113   -3.401  1.00 14.71  ? 1078 HOH A O   1 
HETATM 1144 O O   . HOH E 3 .  ? -8.263  2.276   -0.026  1.00 13.76  ? 1079 HOH A O   1 
HETATM 1145 O O   . HOH E 3 .  ? -2.783  5.101   1.438   1.00 14.50  ? 1080 HOH A O   1 
HETATM 1146 O O   . HOH E 3 .  ? 8.674   10.422  -4.637  1.00 48.20  ? 1082 HOH A O   1 
HETATM 1147 O O   . HOH E 3 .  ? -14.671 -8.934  3.264   1.00 43.16  ? 1084 HOH A O   1 
HETATM 1148 O O   . HOH E 3 .  ? -18.459 -3.748  5.867   1.00 39.72  ? 1086 HOH A O   1 
HETATM 1149 O O   . HOH E 3 .  ? -15.812 -4.527  20.250  1.00 31.94  ? 1087 HOH A O   1 
HETATM 1150 O O   . HOH E 3 .  ? -5.520  9.042   12.644  1.00 39.53  ? 1088 HOH A O   1 
HETATM 1151 O O   . HOH E 3 .  ? -14.108 0.163   -7.361  1.00 53.72  ? 1089 HOH A O   1 
HETATM 1152 O O   . HOH E 3 .  ? -15.875 8.360   1.760   1.00 35.32  ? 1090 HOH A O   1 
HETATM 1153 O O   . HOH E 3 .  ? 9.424   6.060   0.485   1.00 46.23  ? 1092 HOH A O   1 
HETATM 1154 O O   . HOH E 3 .  ? -11.095 -0.770  -7.080  1.00 43.77  ? 1093 HOH A O   1 
HETATM 1155 O O   . HOH E 3 .  ? -24.081 1.106   8.789   1.00 44.26  ? 1100 HOH A O   1 
HETATM 1156 O O   . HOH E 3 .  ? -2.134  -15.468 19.557  1.00 80.20  ? 1102 HOH A O   1 
HETATM 1157 O O   . HOH E 3 .  ? -7.175  11.550  7.240   1.00 28.85  ? 1103 HOH A O   1 
HETATM 1158 O O   . HOH E 3 .  ? -17.482 -2.922  -11.237 1.00 44.83  ? 1105 HOH A O   1 
HETATM 1159 O O   . HOH E 3 .  ? -7.752  9.922   2.891   1.00 42.44  ? 1106 HOH A O   1 
HETATM 1160 O O   . HOH E 3 .  ? -0.729  -0.837  5.410   1.00 58.53  ? 1108 HOH A O   1 
HETATM 1161 O O   . HOH E 3 .  ? -11.832 -10.376 22.664  1.00 43.04  ? 1112 HOH A O   1 
HETATM 1162 O O   . HOH E 3 .  ? 0.100   4.972   5.498   1.00 44.74  ? 1113 HOH A O   1 
HETATM 1163 O O   . HOH E 3 .  ? -16.695 -7.360  17.742  1.00 56.67  ? 1114 HOH A O   1 
HETATM 1164 O O   . HOH E 3 .  ? -6.618  6.612   21.025  1.00 42.61  ? 1115 HOH A O   1 
HETATM 1165 O O   . HOH E 3 .  ? -6.346  13.843  -0.232  1.00 50.32  ? 1116 HOH A O   1 
HETATM 1166 O O   . HOH E 3 .  ? -2.095  9.297   2.673   1.00 46.87  ? 1119 HOH A O   1 
HETATM 1167 O O   . HOH E 3 .  ? -10.304 5.456   22.972  1.00 64.05  ? 1120 HOH A O   1 
HETATM 1168 O O   . HOH E 3 .  ? -0.797  8.683   10.080  1.00 53.79  ? 1121 HOH A O   1 
HETATM 1169 O O   . HOH E 3 .  ? -0.800  12.650  2.071   1.00 44.37  ? 1123 HOH A O   1 
HETATM 1170 O O   . HOH E 3 .  ? -6.570  12.499  1.921   1.00 36.38  ? 1125 HOH A O   1 
HETATM 1171 O O   . HOH E 3 .  ? -18.801 0.648   0.684   1.00 57.08  ? 1127 HOH A O   1 
HETATM 1172 O O   . HOH E 3 .  ? -18.291 -4.951  2.557   1.00 74.39  ? 1129 HOH A O   1 
HETATM 1173 O O   . HOH E 3 .  ? 4.087   -7.010  16.373  1.00 46.08  ? 1130 HOH A O   1 
HETATM 1174 O O   . HOH E 3 .  ? -4.857  -9.045  11.925  1.00 53.66  ? 1131 HOH A O   1 
HETATM 1175 O O   . HOH E 3 .  ? -0.265  -1.734  22.405  1.00 55.27  ? 1132 HOH A O   1 
HETATM 1176 O O   . HOH E 3 .  ? -26.414 7.211   11.312  1.00 123.73 ? 1134 HOH A O   1 
HETATM 1177 O O   . HOH E 3 .  ? -14.772 9.129   5.044   1.00 42.32  ? 1136 HOH A O   1 
HETATM 1178 O O   . HOH E 3 .  ? 2.866   -6.506  20.100  1.00 54.97  ? 1137 HOH A O   1 
HETATM 1179 O O   . HOH E 3 .  ? -11.259 9.487   3.197   1.00 60.68  ? 1138 HOH A O   1 
HETATM 1180 O O   . HOH E 3 .  ? -3.343  12.352  -8.202  1.00 78.52  ? 1139 HOH A O   1 
HETATM 1181 O O   . HOH E 3 .  ? -4.955  -10.845 21.708  1.00 46.36  ? 1144 HOH A O   1 
HETATM 1182 O O   . HOH E 3 .  ? -1.264  1.615   23.790  1.00 72.00  ? 1147 HOH A O   1 
HETATM 1183 O O   . HOH E 3 .  ? -3.262  12.873  4.162   1.00 69.69  ? 1149 HOH A O   1 
HETATM 1184 O O   . HOH E 3 .  ? 2.223   2.822   5.390   1.00 44.40  ? 1151 HOH A O   1 
HETATM 1185 O O   . HOH E 3 .  ? -9.941  -8.446  24.101  1.00 48.53  ? 1152 HOH A O   1 
HETATM 1186 O O   . HOH E 3 .  ? -3.711  9.441   6.804   1.00 66.04  ? 1153 HOH A O   1 
HETATM 1187 O O   . HOH E 3 .  ? -18.366 10.706  2.124   1.00 54.51  ? 1159 HOH A O   1 
HETATM 1188 O O   . HOH E 3 .  ? -11.450 10.091  27.931  1.00 61.26  ? 1163 HOH A O   1 
HETATM 1189 O O   . HOH E 3 .  ? -18.741 12.481  28.548  1.00 67.51  ? 1165 HOH A O   1 
HETATM 1190 O O   . HOH E 3 .  ? -17.539 -8.577  15.453  1.00 61.53  ? 1166 HOH A O   1 
HETATM 1191 O O   . HOH E 3 .  ? -4.401  -7.432  8.000   1.00 47.75  ? 1167 HOH A O   1 
HETATM 1192 O O   . HOH E 3 .  ? -1.805  9.613   16.768  1.00 69.73  ? 1169 HOH A O   1 
HETATM 1193 O O   . HOH E 3 .  ? -2.607  14.159  6.270   1.00 45.25  ? 1171 HOH A O   1 
HETATM 1194 O O   . HOH E 3 .  ? 1.719   17.313  -8.261  1.00 88.99  ? 1175 HOH A O   1 
HETATM 1195 O O   . HOH E 3 .  ? -18.375 -3.817  -8.076  1.00 58.75  ? 1176 HOH A O   1 
HETATM 1196 O O   . HOH E 3 .  ? -2.441  -12.610 22.574  1.00 101.37 ? 1177 HOH A O   1 
HETATM 1197 O O   . HOH E 3 .  ? 1.483   -0.246  22.336  1.00 61.62  ? 1178 HOH A O   1 
HETATM 1198 O O   . HOH E 3 .  ? 0.110   6.678   8.161   1.00 70.75  ? 1179 HOH A O   1 
HETATM 1199 O O   . HOH E 3 .  ? -1.858  12.383  7.593   1.00 55.93  ? 1182 HOH A O   1 
HETATM 1200 O O   . HOH E 3 .  ? -21.272 -6.230  5.344   1.00 53.57  ? 1183 HOH A O   1 
HETATM 1201 O O   . HOH E 3 .  ? -20.874 10.924  4.327   1.00 61.49  ? 1184 HOH A O   1 
HETATM 1202 O O   . HOH E 3 .  ? -17.325 -1.040  -7.450  1.00 69.41  ? 1187 HOH A O   1 
HETATM 1203 O O   . HOH F 3 .  ? 12.653  7.544   -17.437 1.00 95.10  ? 1003 HOH B O   1 
HETATM 1204 O O   . HOH F 3 .  ? 23.227  1.894   3.641   1.00 71.39  ? 1005 HOH B O   1 
HETATM 1205 O O   . HOH F 3 .  ? 9.115   -4.824  3.987   1.00 75.20  ? 1006 HOH B O   1 
HETATM 1206 O O   . HOH F 3 .  ? -5.233  5.015   -12.984 1.00 43.05  ? 1008 HOH B O   1 
HETATM 1207 O O   . HOH F 3 .  ? -4.754  -0.889  -15.551 1.00 79.93  ? 1011 HOH B O   1 
HETATM 1208 O O   . HOH F 3 .  ? 2.649   -7.017  -5.051  1.00 50.87  ? 1012 HOH B O   1 
HETATM 1209 O O   . HOH F 3 .  ? 1.166   -4.161  4.820   1.00 59.65  ? 1014 HOH B O   1 
HETATM 1210 O O   . HOH F 3 .  ? -1.447  -4.461  -12.749 1.00 43.96  ? 1021 HOH B O   1 
HETATM 1211 O O   . HOH F 3 .  ? -5.508  -3.816  -13.434 1.00 42.39  ? 1028 HOH B O   1 
HETATM 1212 O O   . HOH F 3 .  ? 21.530  2.871   -14.411 1.00 38.31  ? 1037 HOH B O   1 
HETATM 1213 O O   . HOH F 3 .  ? -3.001  -2.132  -13.078 1.00 34.22  ? 1038 HOH B O   1 
HETATM 1214 O O   . HOH F 3 .  ? -2.373  -5.213  5.804   1.00 25.95  ? 1040 HOH B O   1 
HETATM 1215 O O   . HOH F 3 .  ? 1.783   -0.578  1.737   1.00 27.03  ? 1041 HOH B O   1 
HETATM 1216 O O   . HOH F 3 .  ? 9.858   4.660   -14.116 1.00 31.22  ? 1042 HOH B O   1 
HETATM 1217 O O   . HOH F 3 .  ? -7.031  1.781   -14.369 1.00 30.77  ? 1044 HOH B O   1 
HETATM 1218 O O   . HOH F 3 .  ? -12.119 -9.973  3.511   1.00 55.75  ? 1046 HOH B O   1 
HETATM 1219 O O   . HOH F 3 .  ? 0.220   -2.659  1.995   1.00 25.61  ? 1047 HOH B O   1 
HETATM 1220 O O   . HOH F 3 .  ? -6.780  4.300   -14.677 1.00 30.12  ? 1048 HOH B O   1 
HETATM 1221 O O   . HOH F 3 .  ? 6.028   -9.710  -8.576  1.00 32.62  ? 1049 HOH B O   1 
HETATM 1222 O O   . HOH F 3 .  ? 9.674   -1.778  2.295   1.00 30.63  ? 1057 HOH B O   1 
HETATM 1223 O O   . HOH F 3 .  ? -8.218  -4.986  0.967   1.00 23.30  ? 1061 HOH B O   1 
HETATM 1224 O O   . HOH F 3 .  ? 1.672   -4.031  -11.952 1.00 23.45  ? 1062 HOH B O   1 
HETATM 1225 O O   . HOH F 3 .  ? -4.927  2.308   -7.644  1.00 18.33  ? 1063 HOH B O   1 
HETATM 1226 O O   . HOH F 3 .  ? 0.508   -4.602  -4.806  1.00 21.25  ? 1064 HOH B O   1 
HETATM 1227 O O   . HOH F 3 .  ? 13.859  -9.233  -7.128  1.00 25.38  ? 1066 HOH B O   1 
HETATM 1228 O O   . HOH F 3 .  ? -7.680  0.379   -8.147  1.00 20.13  ? 1069 HOH B O   1 
HETATM 1229 O O   . HOH F 3 .  ? -0.567  -2.795  -10.694 1.00 19.11  ? 1070 HOH B O   1 
HETATM 1230 O O   . HOH F 3 .  ? 2.988   6.550   -5.993  1.00 19.20  ? 1071 HOH B O   1 
HETATM 1231 O O   . HOH F 3 .  ? 0.283   0.267   -8.758  1.00 13.89  ? 1075 HOH B O   1 
HETATM 1232 O O   . HOH F 3 .  ? -2.379  2.392   -8.786  1.00 17.73  ? 1081 HOH B O   1 
HETATM 1233 O O   . HOH F 3 .  ? 9.044   10.905  -8.927  1.00 49.96  ? 1083 HOH B O   1 
HETATM 1234 O O   . HOH F 3 .  ? -6.722  -10.982 5.214   1.00 34.26  ? 1085 HOH B O   1 
HETATM 1235 O O   . HOH F 3 .  ? -9.499  -2.986  -8.326  1.00 28.22  ? 1091 HOH B O   1 
HETATM 1236 O O   . HOH F 3 .  ? -11.164 -4.223  -6.774  1.00 42.79  ? 1094 HOH B O   1 
HETATM 1237 O O   . HOH F 3 .  ? 18.163  5.117   -4.503  1.00 71.38  ? 1095 HOH B O   1 
HETATM 1238 O O   . HOH F 3 .  ? 10.106  -6.791  -1.464  1.00 32.65  ? 1096 HOH B O   1 
HETATM 1239 O O   . HOH F 3 .  ? 9.156   -5.360  0.622   1.00 77.27  ? 1097 HOH B O   1 
HETATM 1240 O O   . HOH F 3 .  ? 25.033  -15.847 -9.710  1.00 37.43  ? 1098 HOH B O   1 
HETATM 1241 O O   . HOH F 3 .  ? 20.924  -6.798  -6.327  1.00 47.31  ? 1099 HOH B O   1 
HETATM 1242 O O   . HOH F 3 .  ? -2.572  4.008   -15.660 1.00 36.97  ? 1101 HOH B O   1 
HETATM 1243 O O   . HOH F 3 .  ? 14.789  4.215   -20.126 1.00 49.35  ? 1104 HOH B O   1 
HETATM 1244 O O   . HOH F 3 .  ? 13.265  8.154   -20.648 1.00 48.08  ? 1107 HOH B O   1 
HETATM 1245 O O   . HOH F 3 .  ? 7.858   -11.029 -9.703  1.00 45.10  ? 1109 HOH B O   1 
HETATM 1246 O O   . HOH F 3 .  ? 15.480  -9.164  0.670   1.00 35.77  ? 1110 HOH B O   1 
HETATM 1247 O O   . HOH F 3 .  ? 8.300   9.349   -14.899 1.00 41.11  ? 1111 HOH B O   1 
HETATM 1248 O O   . HOH F 3 .  ? 9.101   13.292  -12.130 1.00 52.88  ? 1117 HOH B O   1 
HETATM 1249 O O   . HOH F 3 .  ? 2.571   4.419   -22.118 1.00 56.25  ? 1118 HOH B O   1 
HETATM 1250 O O   . HOH F 3 .  ? 19.622  -8.167  -4.317  1.00 38.89  ? 1122 HOH B O   1 
HETATM 1251 O O   . HOH F 3 .  ? -9.531  0.320   -10.031 1.00 44.57  ? 1124 HOH B O   1 
HETATM 1252 O O   . HOH F 3 .  ? 2.907   1.806   -17.999 1.00 59.24  ? 1126 HOH B O   1 
HETATM 1253 O O   . HOH F 3 .  ? 19.105  6.564   -18.396 1.00 57.16  ? 1128 HOH B O   1 
HETATM 1254 O O   . HOH F 3 .  ? -1.864  8.705   -10.822 1.00 46.57  ? 1133 HOH B O   1 
HETATM 1255 O O   . HOH F 3 .  ? 10.764  11.092  -10.749 1.00 43.91  ? 1135 HOH B O   1 
HETATM 1256 O O   . HOH F 3 .  ? -13.221 -11.982 1.361   1.00 43.97  ? 1140 HOH B O   1 
HETATM 1257 O O   . HOH F 3 .  ? 10.763  -4.547  2.418   1.00 53.11  ? 1141 HOH B O   1 
HETATM 1258 O O   . HOH F 3 .  ? 16.046  -9.779  -5.981  1.00 57.56  ? 1142 HOH B O   1 
HETATM 1259 O O   . HOH F 3 .  ? 20.958  -8.681  -7.644  1.00 56.49  ? 1143 HOH B O   1 
HETATM 1260 O O   . HOH F 3 .  ? 3.968   -1.664  1.263   1.00 49.62  ? 1145 HOH B O   1 
HETATM 1261 O O   . HOH F 3 .  ? 3.826   2.272   -23.685 1.00 51.42  ? 1146 HOH B O   1 
HETATM 1262 O O   . HOH F 3 .  ? 18.464  -10.625 -6.702  1.00 45.00  ? 1148 HOH B O   1 
HETATM 1263 O O   . HOH F 3 .  ? 1.413   8.550   -3.855  1.00 54.14  ? 1150 HOH B O   1 
HETATM 1264 O O   . HOH F 3 .  ? -4.562  11.337  -11.301 1.00 56.05  ? 1154 HOH B O   1 
HETATM 1265 O O   . HOH F 3 .  ? -6.852  -7.828  -1.469  1.00 83.51  ? 1155 HOH B O   1 
HETATM 1266 O O   . HOH F 3 .  ? 13.790  10.930  -10.190 1.00 50.90  ? 1156 HOH B O   1 
HETATM 1267 O O   . HOH F 3 .  ? 9.643   9.528   -18.089 1.00 97.34  ? 1157 HOH B O   1 
HETATM 1268 O O   . HOH F 3 .  ? 20.072  1.730   -16.137 1.00 66.17  ? 1158 HOH B O   1 
HETATM 1269 O O   . HOH F 3 .  ? 2.765   -2.083  -17.966 1.00 48.81  ? 1160 HOH B O   1 
HETATM 1270 O O   . HOH F 3 .  ? 5.764   -5.173  1.613   1.00 70.89  ? 1161 HOH B O   1 
HETATM 1271 O O   . HOH F 3 .  ? 17.963  -4.787  3.988   1.00 66.13  ? 1162 HOH B O   1 
HETATM 1272 O O   . HOH F 3 .  ? 10.837  9.964   -22.761 1.00 54.08  ? 1164 HOH B O   1 
HETATM 1273 O O   . HOH F 3 .  ? 18.683  -6.777  -19.497 1.00 55.34  ? 1168 HOH B O   1 
HETATM 1274 O O   . HOH F 3 .  ? 12.340  3.361   -22.882 1.00 45.68  ? 1170 HOH B O   1 
HETATM 1275 O O   . HOH F 3 .  ? 7.453   7.550   -20.856 1.00 109.17 ? 1172 HOH B O   1 
HETATM 1276 O O   . HOH F 3 .  ? -15.354 -12.993 3.112   1.00 56.56  ? 1173 HOH B O   1 
HETATM 1277 O O   . HOH F 3 .  ? 18.382  -3.747  -22.740 1.00 53.90  ? 1174 HOH B O   1 
HETATM 1278 O O   . HOH F 3 .  ? -13.784 -9.893  -0.336  1.00 61.63  ? 1180 HOH B O   1 
HETATM 1279 O O   . HOH F 3 .  ? -17.780 -10.959 3.881   1.00 70.59  ? 1181 HOH B O   1 
HETATM 1280 O O   . HOH F 3 .  ? -0.351  -4.225  -14.756 1.00 70.37  ? 1185 HOH B O   1 
HETATM 1281 O O   . HOH F 3 .  ? 21.052  -2.188  3.915   1.00 68.75  ? 1186 HOH B O   1 
# 
